data_6S82
#
_entry.id   6S82
#
_cell.length_a   74.579
_cell.length_b   205.623
_cell.length_c   145.369
_cell.angle_alpha   90.000
_cell.angle_beta   90.000
_cell.angle_gamma   90.000
#
_symmetry.space_group_name_H-M   'P 21 21 2'
#
loop_
_entity.id
_entity.type
_entity.pdbx_description
1 polymer Beta-fructofuranosidase
2 branched alpha-D-mannopyranose-(1-2)-alpha-D-mannopyranose-(1-3)-[alpha-D-mannopyranose-(1-3)-alpha-D-mannopyranose-(1-6)]beta-D-mannopyranose-(1-4)-2-acetamido-2-deoxy-beta-D-glucopyranose-(1-4)-2-acetamido-2-deoxy-beta-D-glucopyranose
3 branched alpha-D-mannopyranose-(1-2)-alpha-D-mannopyranose-(1-2)-alpha-D-mannopyranose-(1-3)-[alpha-D-mannopyranose-(1-2)-alpha-D-mannopyranose-(1-6)-[alpha-D-mannopyranose-(1-3)]alpha-D-mannopyranose-(1-6)]beta-D-mannopyranose-(1-4)-2-acetamido-2-deoxy-beta-D-glucopyranose-(1-4)-2-acetamido-2-deoxy-beta-D-glucopyranose
4 branched 2-acetamido-2-deoxy-beta-D-glucopyranose-(1-4)-2-acetamido-2-deoxy-beta-D-glucopyranose
5 branched alpha-D-mannopyranose-(1-3)-alpha-D-mannopyranose-(1-6)-[alpha-D-mannopyranose-(1-3)]beta-D-mannopyranose-(1-4)-2-acetamido-2-deoxy-beta-D-glucopyranose-(1-4)-2-acetamido-2-deoxy-beta-D-glucopyranose
6 non-polymer 2-AMINO-2-HYDROXYMETHYL-PROPANE-1,3-DIOL
7 non-polymer 1,4-benzoquinone
8 non-polymer 1,2-ETHANEDIOL
9 non-polymer 2-acetamido-2-deoxy-beta-D-glucopyranose
10 water water
#
_entity_poly.entity_id   1
_entity_poly.type   'polypeptide(L)'
_entity_poly.pdbx_seq_one_letter_code
;MVAPLLKTLPFLAAAYAAELDLPNFSALNRRQDNSTSSSAGCSLDQTVAPGNLTLCGNATLFTTFRPKARFIAPEGWMND
PMGLYQRADGSIHAGYQSHPKHIQWGNISQGAAYSSDFTSWTDFNGSEGYKTIWPSQIYDIRGVFDGSIIKEGIDGYPTI
LYTSTSFGPLGATLNEAEGTETQSLAYTTDDGASWIKLGYGAGQNPVIYEWPETNLTGFRDPYVFQSPRLEALLANTTSI
TNATGDHFATISGGVHGDGARLFLYRQHTTGEFIKWTYLGPLVTTGYKESYGEWSGNYGINFETAGVTRLNPAGAAWDNG
SDTTAVDFVTFGTEQGRADHQNHWPLWAAVDYEVRDNGSIEAVIAYSGVQDWGRSYAYASFPVEGYRQVSVGWIYEDDDN
VILAKQFGYQGAFTLFRDLFVKVVENVSPSTPGLFEQASWSTKNSTDGMSVTVTTLGQRVVPETLAAYKGNSTVSTLAPV
MLNESAAAYTPFSSQPTDRFYALTGSFEFGLNTTAKAGFRVLASEEEYTDIWFDPASENLTVVRTASSLIKSFGNDTELA
KVKLYEIVGAESKTLNLTVFVDGSVIEIYANDEVALSTRAYPWLANSTGAGLLADGTTAGDVVGVSGLELWDGLVDAWPA
RPANTSQGLVWDGPTAAMYGLFAGY
;
_entity_poly.pdbx_strand_id   A,B
#
loop_
_chem_comp.id
_chem_comp.type
_chem_comp.name
_chem_comp.formula
BMA D-saccharide, beta linking beta-D-mannopyranose 'C6 H12 O6'
EDO non-polymer 1,2-ETHANEDIOL 'C2 H6 O2'
MAN D-saccharide, alpha linking alpha-D-mannopyranose 'C6 H12 O6'
NAG D-saccharide, beta linking 2-acetamido-2-deoxy-beta-D-glucopyranose 'C8 H15 N O6'
PLQ non-polymer 1,4-benzoquinone 'C6 H4 O2'
TRS non-polymer 2-AMINO-2-HYDROXYMETHYL-PROPANE-1,3-DIOL 'C4 H12 N O3 1'
#
# COMPACT_ATOMS: atom_id res chain seq x y z
N CYS A 42 14.83 39.95 4.77
CA CYS A 42 13.74 38.98 4.41
C CYS A 42 12.98 38.52 5.65
N SER A 43 11.77 39.03 5.83
CA SER A 43 10.88 38.61 6.93
C SER A 43 9.90 37.54 6.41
N LEU A 44 9.72 36.49 7.19
CA LEU A 44 8.72 35.42 6.92
C LEU A 44 7.51 35.61 7.83
N ASP A 45 7.23 36.85 8.24
CA ASP A 45 6.09 37.11 9.15
C ASP A 45 4.81 37.08 8.31
N GLN A 46 4.02 36.01 8.47
CA GLN A 46 2.76 35.85 7.68
C GLN A 46 1.57 36.44 8.45
N THR A 47 1.81 37.28 9.46
CA THR A 47 0.75 38.05 10.17
C THR A 47 0.73 39.49 9.69
N VAL A 48 1.68 39.89 8.85
CA VAL A 48 1.74 41.26 8.26
C VAL A 48 1.91 41.19 6.74
N ALA A 49 1.83 42.31 6.05
CA ALA A 49 1.96 42.38 4.58
C ALA A 49 3.31 41.77 4.22
N PRO A 50 3.42 41.12 3.04
CA PRO A 50 4.70 40.58 2.60
C PRO A 50 5.65 41.72 2.28
N GLY A 51 6.91 41.53 2.60
CA GLY A 51 7.97 42.46 2.21
C GLY A 51 8.41 42.19 0.79
N ASN A 52 9.65 42.55 0.53
CA ASN A 52 10.29 42.30 -0.77
C ASN A 52 10.84 40.87 -0.68
N LEU A 53 10.05 39.89 -1.11
CA LEU A 53 10.42 38.47 -0.91
C LEU A 53 11.58 38.10 -1.87
N THR A 54 11.88 38.91 -2.89
CA THR A 54 13.04 38.67 -3.81
C THR A 54 14.35 38.77 -3.04
N LEU A 55 14.36 39.35 -1.85
CA LEU A 55 15.59 39.43 -1.02
C LEU A 55 15.80 38.15 -0.21
N CYS A 56 14.80 37.27 -0.13
CA CYS A 56 14.89 36.05 0.69
C CYS A 56 15.87 35.08 0.02
N GLY A 57 16.51 34.25 0.83
CA GLY A 57 17.52 33.28 0.40
C GLY A 57 16.88 32.12 -0.36
N ASN A 58 17.73 31.31 -0.97
CA ASN A 58 17.28 30.10 -1.71
C ASN A 58 16.49 29.20 -0.76
N ALA A 59 15.32 28.72 -1.20
CA ALA A 59 14.50 27.73 -0.48
C ALA A 59 14.02 28.27 0.88
N THR A 60 14.06 29.59 1.13
CA THR A 60 13.48 30.15 2.39
C THR A 60 11.96 30.05 2.36
N LEU A 61 11.34 30.05 1.18
CA LEU A 61 9.88 29.86 1.09
C LEU A 61 9.54 28.39 0.75
N PHE A 62 10.38 27.42 1.10
CA PHE A 62 10.19 26.02 0.66
C PHE A 62 8.84 25.49 1.12
N THR A 63 8.50 25.68 2.40
CA THR A 63 7.27 25.06 2.97
C THR A 63 6.05 25.98 2.82
N THR A 64 6.23 27.23 2.45
CA THR A 64 5.17 28.28 2.61
C THR A 64 3.94 27.93 1.77
N PHE A 65 4.13 27.48 0.53
CA PHE A 65 3.04 27.29 -0.45
C PHE A 65 3.00 25.82 -0.94
N ARG A 66 3.78 24.97 -0.33
CA ARG A 66 4.14 23.66 -0.94
C ARG A 66 3.01 22.66 -0.72
N PRO A 67 2.55 21.98 -1.79
CA PRO A 67 1.61 20.87 -1.63
C PRO A 67 2.20 19.77 -0.75
N LYS A 68 1.34 19.15 0.07
CA LYS A 68 1.71 18.03 0.95
C LYS A 68 0.94 16.74 0.62
N ALA A 69 -0.16 16.79 -0.12
CA ALA A 69 -1.07 15.65 -0.29
C ALA A 69 -0.97 14.98 -1.67
N ARG A 70 0.03 15.32 -2.48
CA ARG A 70 0.11 14.84 -3.87
C ARG A 70 1.53 14.50 -4.24
N PHE A 71 1.66 13.96 -5.43
CA PHE A 71 2.99 13.62 -6.00
C PHE A 71 3.76 14.91 -6.32
N ILE A 72 4.97 15.01 -5.80
CA ILE A 72 5.89 16.13 -6.08
C ILE A 72 7.30 15.66 -5.85
N ALA A 73 8.27 16.14 -6.61
CA ALA A 73 9.70 15.82 -6.42
C ALA A 73 10.14 16.28 -5.04
N PRO A 74 11.22 15.68 -4.48
CA PRO A 74 11.77 16.15 -3.22
C PRO A 74 12.15 17.64 -3.24
N GLU A 75 12.64 18.13 -4.37
CA GLU A 75 13.09 19.53 -4.50
C GLU A 75 13.36 19.82 -5.95
N GLY A 76 13.57 21.09 -6.30
CA GLY A 76 14.02 21.50 -7.62
C GLY A 76 12.89 21.44 -8.64
N TRP A 77 13.28 21.36 -9.88
CA TRP A 77 12.41 21.47 -11.06
C TRP A 77 11.80 20.11 -11.36
N MET A 78 10.51 20.05 -11.62
CA MET A 78 9.89 18.85 -12.25
C MET A 78 8.93 19.32 -13.32
N ASN A 79 8.70 18.45 -14.31
CA ASN A 79 7.61 18.68 -15.28
C ASN A 79 6.92 17.35 -15.55
N ASP A 80 6.83 16.93 -16.80
CA ASP A 80 5.91 15.83 -17.23
C ASP A 80 6.11 14.53 -16.45
N PRO A 81 5.01 13.85 -16.10
CA PRO A 81 5.07 12.46 -15.74
C PRO A 81 5.63 11.62 -16.88
N MET A 82 6.31 10.52 -16.51
CA MET A 82 6.89 9.64 -17.52
C MET A 82 7.08 8.24 -16.91
N GLY A 83 7.24 7.24 -17.77
CA GLY A 83 7.65 5.90 -17.34
C GLY A 83 6.62 5.26 -16.40
N LEU A 84 5.36 5.58 -16.53
CA LEU A 84 4.29 5.11 -15.63
C LEU A 84 3.98 3.63 -15.91
N TYR A 85 4.00 2.80 -14.87
CA TYR A 85 3.50 1.40 -15.03
C TYR A 85 3.20 0.82 -13.66
N GLN A 86 2.27 -0.12 -13.70
CA GLN A 86 1.97 -0.98 -12.55
C GLN A 86 2.98 -2.10 -12.55
N ARG A 87 3.76 -2.22 -11.48
CA ARG A 87 4.81 -3.25 -11.34
C ARG A 87 4.14 -4.59 -11.05
N ALA A 88 4.91 -5.67 -11.19
CA ALA A 88 4.45 -7.06 -10.95
C ALA A 88 3.90 -7.21 -9.52
N ASP A 89 4.40 -6.46 -8.53
CA ASP A 89 3.89 -6.57 -7.14
C ASP A 89 2.60 -5.74 -6.96
N GLY A 90 2.06 -5.17 -8.02
CA GLY A 90 0.81 -4.38 -7.93
C GLY A 90 1.04 -2.91 -7.63
N SER A 91 2.22 -2.52 -7.19
CA SER A 91 2.53 -1.09 -6.91
C SER A 91 2.64 -0.30 -8.21
N ILE A 92 2.53 1.02 -8.09
CA ILE A 92 2.63 1.96 -9.20
C ILE A 92 4.01 2.56 -9.20
N HIS A 93 4.69 2.50 -10.33
CA HIS A 93 5.95 3.22 -10.58
C HIS A 93 5.59 4.48 -11.34
N ALA A 94 6.03 5.65 -10.82
CA ALA A 94 5.84 6.95 -11.48
C ALA A 94 7.20 7.61 -11.63
N GLY A 95 7.57 7.87 -12.86
CA GLY A 95 8.69 8.73 -13.22
C GLY A 95 8.24 10.16 -13.42
N TYR A 96 9.21 11.06 -13.57
CA TYR A 96 8.89 12.46 -13.93
C TYR A 96 10.17 13.13 -14.40
N GLN A 97 9.98 14.03 -15.34
CA GLN A 97 11.03 14.93 -15.87
C GLN A 97 11.54 15.76 -14.66
N SER A 98 12.84 15.67 -14.36
CA SER A 98 13.45 16.16 -13.10
C SER A 98 14.74 16.92 -13.40
N HIS A 99 14.94 18.07 -12.75
CA HIS A 99 16.25 18.79 -12.69
C HIS A 99 16.49 19.17 -11.23
N PRO A 100 17.12 18.28 -10.44
CA PRO A 100 17.38 18.56 -9.03
C PRO A 100 18.32 19.76 -8.86
N LYS A 101 18.14 20.47 -7.77
CA LYS A 101 19.00 21.59 -7.32
C LYS A 101 18.99 22.73 -8.32
N HIS A 102 17.96 22.80 -9.16
CA HIS A 102 17.74 23.89 -10.12
C HIS A 102 16.24 24.22 -10.07
N ILE A 103 15.87 25.41 -10.53
CA ILE A 103 14.43 25.79 -10.61
C ILE A 103 14.04 26.14 -12.03
N GLN A 104 14.89 25.85 -13.01
CA GLN A 104 14.50 25.85 -14.43
C GLN A 104 14.85 24.48 -15.01
N TRP A 105 14.21 24.16 -16.13
CA TRP A 105 14.44 22.92 -16.90
C TRP A 105 15.91 22.79 -17.33
N GLY A 106 16.39 21.56 -17.39
CA GLY A 106 17.67 21.25 -18.05
C GLY A 106 18.21 19.92 -17.55
N ASN A 107 19.23 19.46 -18.23
CA ASN A 107 19.83 18.11 -17.99
C ASN A 107 18.72 17.11 -17.70
N ILE A 108 17.63 17.15 -18.46
CA ILE A 108 16.39 16.58 -17.92
C ILE A 108 16.56 15.06 -17.78
N SER A 109 16.06 14.53 -16.66
CA SER A 109 16.31 13.16 -16.19
C SER A 109 14.97 12.62 -15.74
N GLN A 110 14.91 11.33 -15.54
CA GLN A 110 13.77 10.68 -14.86
C GLN A 110 14.04 10.59 -13.37
N GLY A 111 13.26 11.33 -12.58
CA GLY A 111 13.12 11.10 -11.14
C GLY A 111 12.07 10.01 -10.93
N ALA A 112 12.07 9.29 -9.82
CA ALA A 112 11.08 8.21 -9.70
C ALA A 112 10.67 7.94 -8.27
N ALA A 113 9.50 7.35 -8.13
CA ALA A 113 8.94 6.95 -6.83
C ALA A 113 7.92 5.85 -7.05
N TYR A 114 7.47 5.24 -5.98
CA TYR A 114 6.44 4.20 -6.09
C TYR A 114 5.44 4.29 -4.96
N SER A 115 4.29 3.66 -5.19
CA SER A 115 3.13 3.71 -4.26
C SER A 115 2.29 2.44 -4.43
N SER A 116 1.66 1.99 -3.36
CA SER A 116 0.67 0.90 -3.51
C SER A 116 -0.74 1.46 -3.71
N ASP A 117 -0.98 2.76 -3.59
CA ASP A 117 -2.38 3.27 -3.57
C ASP A 117 -2.54 4.61 -4.29
N PHE A 118 -1.57 5.01 -5.11
CA PHE A 118 -1.51 6.29 -5.87
C PHE A 118 -1.35 7.50 -4.94
N THR A 119 -1.32 7.30 -3.63
CA THR A 119 -1.61 8.37 -2.65
C THR A 119 -0.43 8.63 -1.72
N SER A 120 0.10 7.58 -1.10
CA SER A 120 1.28 7.61 -0.20
C SER A 120 2.49 7.06 -0.99
N TRP A 121 3.55 7.84 -1.16
CA TRP A 121 4.66 7.52 -2.09
C TRP A 121 5.96 7.32 -1.31
N THR A 122 6.87 6.61 -1.93
CA THR A 122 8.26 6.42 -1.46
C THR A 122 9.22 6.76 -2.59
N ASP A 123 10.21 7.59 -2.32
CA ASP A 123 11.24 7.90 -3.34
C ASP A 123 12.15 6.68 -3.57
N PHE A 124 12.62 6.47 -4.80
CA PHE A 124 13.82 5.62 -5.02
C PHE A 124 15.03 6.38 -4.47
N ASN A 125 16.05 5.64 -4.05
CA ASN A 125 17.28 6.23 -3.52
C ASN A 125 18.46 5.38 -4.01
N GLY A 126 19.24 5.90 -4.94
CA GLY A 126 20.33 5.13 -5.55
C GLY A 126 21.55 6.01 -5.65
N SER A 127 22.46 5.71 -6.56
CA SER A 127 23.73 6.46 -6.71
C SER A 127 23.42 7.89 -7.11
N GLU A 128 22.32 8.14 -7.84
CA GLU A 128 21.97 9.52 -8.27
C GLU A 128 20.75 10.01 -7.50
N GLY A 129 20.65 9.65 -6.23
CA GLY A 129 19.57 10.11 -5.36
C GLY A 129 18.23 9.56 -5.85
N TYR A 130 17.28 10.43 -6.20
CA TYR A 130 15.96 9.95 -6.62
C TYR A 130 15.89 9.85 -8.15
N LYS A 131 16.97 10.19 -8.86
CA LYS A 131 16.99 9.96 -10.32
C LYS A 131 17.25 8.49 -10.64
N THR A 132 16.69 8.03 -11.74
CA THR A 132 16.95 6.62 -12.18
C THR A 132 17.35 6.55 -13.66
N ILE A 133 17.14 7.62 -14.43
CA ILE A 133 17.69 7.74 -15.81
C ILE A 133 18.17 9.18 -15.99
N TRP A 134 19.33 9.36 -16.59
CA TRP A 134 19.92 10.69 -16.77
C TRP A 134 20.68 10.70 -18.08
N PRO A 135 20.91 11.90 -18.64
CA PRO A 135 21.79 12.03 -19.81
C PRO A 135 23.15 11.38 -19.55
N SER A 136 23.65 10.59 -20.49
CA SER A 136 24.91 9.83 -20.26
C SER A 136 25.61 9.40 -21.56
N GLN A 137 24.97 9.61 -22.71
CA GLN A 137 25.47 9.10 -24.02
C GLN A 137 25.34 10.21 -25.04
N ILE A 138 26.09 10.13 -26.13
CA ILE A 138 26.01 11.19 -27.16
C ILE A 138 24.55 11.33 -27.62
N TYR A 139 23.77 10.24 -27.62
CA TYR A 139 22.40 10.28 -28.24
C TYR A 139 21.37 10.89 -27.30
N ASP A 140 21.65 10.95 -25.98
CA ASP A 140 20.71 11.50 -24.98
C ASP A 140 21.35 12.57 -24.08
N ILE A 141 22.53 13.08 -24.42
CA ILE A 141 23.27 13.99 -23.50
C ILE A 141 22.51 15.30 -23.33
N ARG A 142 21.61 15.66 -24.23
CA ARG A 142 20.91 16.94 -24.14
C ARG A 142 19.66 16.81 -23.26
N GLY A 143 19.28 15.60 -22.92
CA GLY A 143 18.11 15.33 -22.08
C GLY A 143 17.48 13.98 -22.38
N VAL A 144 17.03 13.34 -21.33
CA VAL A 144 16.18 12.13 -21.33
C VAL A 144 14.77 12.65 -21.20
N PHE A 145 14.12 12.80 -22.32
CA PHE A 145 12.77 13.36 -22.37
C PHE A 145 11.79 12.23 -21.97
N ASP A 146 10.52 12.50 -22.14
CA ASP A 146 9.39 11.61 -21.79
C ASP A 146 9.60 10.23 -22.43
N GLY A 147 9.03 9.20 -21.82
CA GLY A 147 9.04 7.86 -22.37
C GLY A 147 7.95 7.05 -21.71
N SER A 148 7.69 5.86 -22.25
CA SER A 148 6.61 5.00 -21.75
C SER A 148 7.09 3.55 -21.73
N ILE A 149 6.31 2.68 -21.10
CA ILE A 149 6.80 1.38 -20.64
C ILE A 149 6.21 0.28 -21.53
N ILE A 150 7.08 -0.61 -21.91
CA ILE A 150 6.79 -2.00 -22.43
C ILE A 150 6.90 -2.91 -21.22
N LYS A 151 5.80 -3.44 -20.68
CA LYS A 151 5.86 -4.17 -19.40
C LYS A 151 6.71 -5.44 -19.55
N GLU A 152 6.64 -6.11 -20.70
CA GLU A 152 7.44 -7.33 -20.93
C GLU A 152 8.32 -7.09 -22.14
N GLY A 153 9.50 -6.52 -21.91
CA GLY A 153 10.34 -6.02 -23.00
C GLY A 153 11.61 -6.83 -23.11
N ILE A 154 12.74 -6.15 -23.09
CA ILE A 154 14.07 -6.75 -23.31
C ILE A 154 14.28 -7.84 -22.27
N ASP A 155 14.53 -9.09 -22.70
CA ASP A 155 14.81 -10.24 -21.79
C ASP A 155 13.63 -10.45 -20.83
N GLY A 156 12.44 -9.99 -21.19
CA GLY A 156 11.22 -10.09 -20.37
C GLY A 156 11.08 -8.99 -19.32
N TYR A 157 12.00 -8.02 -19.27
CA TYR A 157 11.99 -6.99 -18.20
C TYR A 157 11.19 -5.76 -18.64
N PRO A 158 10.69 -4.98 -17.65
CA PRO A 158 10.05 -3.71 -17.97
C PRO A 158 11.09 -2.88 -18.72
N THR A 159 10.64 -2.25 -19.79
CA THR A 159 11.48 -1.53 -20.78
C THR A 159 10.86 -0.18 -21.06
N ILE A 160 11.67 0.89 -21.06
CA ILE A 160 11.17 2.23 -21.41
C ILE A 160 11.68 2.55 -22.80
N LEU A 161 10.79 3.08 -23.61
CA LEU A 161 11.11 3.73 -24.89
C LEU A 161 10.98 5.23 -24.61
N TYR A 162 12.07 5.98 -24.77
CA TYR A 162 12.11 7.39 -24.36
C TYR A 162 12.74 8.23 -25.47
N THR A 163 12.46 9.51 -25.45
CA THR A 163 13.10 10.45 -26.39
C THR A 163 14.49 10.79 -25.88
N SER A 164 15.50 10.37 -26.61
CA SER A 164 16.92 10.65 -26.35
C SER A 164 17.27 11.88 -27.18
N THR A 165 17.68 12.96 -26.54
CA THR A 165 18.00 14.21 -27.27
C THR A 165 19.49 14.48 -27.30
N SER A 166 19.93 15.02 -28.44
CA SER A 166 21.33 15.45 -28.64
C SER A 166 21.36 16.90 -29.04
N PHE A 167 22.47 17.32 -29.61
N PHE A 167 22.49 17.34 -29.58
CA PHE A 167 22.71 18.76 -29.87
CA PHE A 167 22.75 18.78 -29.85
C PHE A 167 21.87 19.25 -31.04
C PHE A 167 21.88 19.26 -31.02
N GLY A 168 21.74 20.58 -31.10
CA GLY A 168 21.14 21.28 -32.24
C GLY A 168 19.87 22.00 -31.84
N PRO A 169 19.37 22.90 -32.70
CA PRO A 169 18.12 23.58 -32.43
C PRO A 169 17.04 22.51 -32.19
N LEU A 170 16.24 22.71 -31.14
CA LEU A 170 15.16 21.76 -30.77
C LEU A 170 13.93 22.60 -30.45
N GLY A 171 12.88 22.49 -31.27
CA GLY A 171 11.63 23.19 -30.96
C GLY A 171 10.77 23.37 -32.18
N ALA A 172 9.46 23.46 -31.97
CA ALA A 172 8.44 23.63 -33.04
C ALA A 172 8.64 24.96 -33.77
N THR A 173 9.22 25.98 -33.13
CA THR A 173 9.43 27.32 -33.77
C THR A 173 10.86 27.47 -34.26
N LEU A 174 11.70 26.43 -34.16
CA LEU A 174 13.11 26.48 -34.62
C LEU A 174 13.26 25.56 -35.82
N ASN A 175 14.45 25.55 -36.42
CA ASN A 175 14.74 24.69 -37.58
C ASN A 175 15.44 23.43 -37.08
N GLU A 176 14.68 22.50 -36.51
CA GLU A 176 15.25 21.26 -35.96
C GLU A 176 15.67 20.36 -37.12
N ALA A 177 16.71 19.58 -36.90
CA ALA A 177 17.22 18.58 -37.86
C ALA A 177 17.13 17.19 -37.26
N GLU A 178 17.08 16.23 -38.15
CA GLU A 178 17.12 14.81 -37.83
C GLU A 178 18.32 14.53 -36.93
N GLY A 179 18.10 13.70 -35.93
CA GLY A 179 19.13 13.24 -34.97
C GLY A 179 19.05 13.97 -33.64
N THR A 180 18.53 15.19 -33.61
CA THR A 180 18.43 15.98 -32.38
C THR A 180 17.50 15.23 -31.42
N GLU A 181 16.39 14.70 -31.93
CA GLU A 181 15.44 13.91 -31.11
C GLU A 181 15.36 12.51 -31.72
N THR A 182 15.79 11.51 -30.95
CA THR A 182 15.70 10.11 -31.34
C THR A 182 14.93 9.39 -30.24
N GLN A 183 14.67 8.12 -30.44
CA GLN A 183 13.94 7.27 -29.47
C GLN A 183 14.85 6.11 -29.14
N SER A 184 15.02 5.85 -27.86
CA SER A 184 15.97 4.86 -27.31
C SER A 184 15.29 3.97 -26.30
N LEU A 185 15.90 2.82 -26.03
CA LEU A 185 15.41 1.83 -25.04
C LEU A 185 16.34 1.72 -23.84
N ALA A 186 15.73 1.45 -22.68
CA ALA A 186 16.43 1.00 -21.48
C ALA A 186 15.52 -0.01 -20.76
N TYR A 187 16.10 -0.92 -20.01
CA TYR A 187 15.31 -1.90 -19.26
C TYR A 187 15.78 -1.94 -17.80
N THR A 188 14.93 -2.47 -16.92
CA THR A 188 15.18 -2.55 -15.48
C THR A 188 15.12 -4.00 -15.02
N THR A 189 16.17 -4.45 -14.34
CA THR A 189 16.22 -5.78 -13.70
C THR A 189 15.89 -5.65 -12.22
N ASP A 190 15.59 -4.45 -11.72
CA ASP A 190 15.33 -4.25 -10.27
C ASP A 190 14.07 -3.39 -10.03
N ASP A 191 13.07 -3.53 -10.89
CA ASP A 191 11.73 -2.94 -10.69
C ASP A 191 11.82 -1.41 -10.59
N GLY A 192 12.71 -0.79 -11.38
CA GLY A 192 12.76 0.67 -11.52
C GLY A 192 13.78 1.33 -10.62
N ALA A 193 14.53 0.58 -9.81
CA ALA A 193 15.59 1.23 -9.00
C ALA A 193 16.67 1.73 -9.95
N SER A 194 16.92 1.03 -11.05
CA SER A 194 17.94 1.43 -12.05
C SER A 194 17.50 0.97 -13.42
N TRP A 195 18.09 1.55 -14.47
CA TRP A 195 17.75 1.22 -15.87
C TRP A 195 19.07 1.07 -16.62
N ILE A 196 19.14 0.03 -17.46
CA ILE A 196 20.27 -0.23 -18.36
C ILE A 196 19.87 0.13 -19.80
N LYS A 197 20.59 1.07 -20.39
CA LYS A 197 20.35 1.49 -21.78
C LYS A 197 20.95 0.42 -22.68
N LEU A 198 20.32 0.20 -23.81
CA LEU A 198 21.02 -0.55 -24.87
C LEU A 198 22.27 0.21 -25.26
N GLY A 199 23.27 -0.49 -25.80
CA GLY A 199 24.46 0.16 -26.38
C GLY A 199 24.16 1.20 -27.43
N TYR A 200 25.08 2.14 -27.62
CA TYR A 200 25.02 3.05 -28.78
C TYR A 200 25.50 2.31 -30.02
N GLY A 201 24.71 2.34 -31.09
CA GLY A 201 25.27 1.92 -32.38
C GLY A 201 24.26 1.28 -33.32
N ALA A 202 24.79 0.72 -34.41
CA ALA A 202 23.96 0.07 -35.45
C ALA A 202 23.25 -1.11 -34.80
N GLY A 203 21.94 -1.16 -34.99
CA GLY A 203 21.08 -2.25 -34.51
C GLY A 203 20.85 -2.15 -33.02
N GLN A 204 21.24 -1.00 -32.42
CA GLN A 204 21.04 -0.82 -30.96
C GLN A 204 20.49 0.61 -30.78
N ASN A 205 20.87 1.34 -29.72
CA ASN A 205 20.30 2.68 -29.51
C ASN A 205 20.98 3.68 -30.43
N PRO A 206 20.28 4.75 -30.83
CA PRO A 206 18.83 4.83 -30.69
C PRO A 206 18.11 3.96 -31.72
N VAL A 207 16.93 3.45 -31.35
CA VAL A 207 16.16 2.49 -32.18
C VAL A 207 15.27 3.19 -33.20
N ILE A 208 14.87 4.42 -32.94
CA ILE A 208 14.08 5.18 -33.94
C ILE A 208 14.78 6.52 -34.15
N TYR A 209 15.25 6.80 -35.35
CA TYR A 209 15.99 8.06 -35.60
C TYR A 209 15.62 8.73 -36.91
N GLU A 210 15.14 7.97 -37.91
CA GLU A 210 14.76 8.57 -39.20
C GLU A 210 13.43 9.29 -39.05
N TRP A 211 13.38 10.53 -39.50
CA TRP A 211 12.11 11.28 -39.53
C TRP A 211 11.19 10.64 -40.55
N PRO A 212 9.93 10.36 -40.17
CA PRO A 212 9.01 9.72 -41.10
C PRO A 212 8.48 10.68 -42.18
N GLU A 213 8.61 11.99 -41.98
CA GLU A 213 8.17 13.03 -42.96
C GLU A 213 9.22 14.13 -42.81
N THR A 214 9.40 15.01 -43.80
CA THR A 214 10.40 16.10 -43.73
C THR A 214 9.85 17.29 -42.93
N ASN A 215 10.76 18.15 -42.47
CA ASN A 215 10.49 19.47 -41.84
C ASN A 215 9.57 19.29 -40.63
N LEU A 216 9.89 18.34 -39.77
CA LEU A 216 9.14 18.15 -38.51
C LEU A 216 9.32 19.36 -37.58
N THR A 217 8.27 19.65 -36.84
CA THR A 217 8.25 20.61 -35.74
C THR A 217 8.72 19.92 -34.46
N GLY A 218 8.65 18.59 -34.40
CA GLY A 218 8.98 17.84 -33.20
C GLY A 218 8.90 16.37 -33.49
N PHE A 219 9.54 15.58 -32.68
CA PHE A 219 9.61 14.12 -32.84
C PHE A 219 9.91 13.48 -31.52
N ARG A 220 8.91 13.40 -30.64
CA ARG A 220 9.21 13.01 -29.25
C ARG A 220 8.00 12.37 -28.56
N ASP A 221 8.24 11.92 -27.35
CA ASP A 221 7.23 11.45 -26.37
C ASP A 221 6.62 10.16 -26.89
N PRO A 222 7.43 9.09 -27.07
CA PRO A 222 6.93 7.84 -27.61
C PRO A 222 5.97 7.19 -26.61
N TYR A 223 4.80 6.79 -27.10
CA TYR A 223 3.74 6.19 -26.29
C TYR A 223 3.51 4.76 -26.78
N VAL A 224 3.98 3.78 -26.01
CA VAL A 224 3.88 2.35 -26.39
C VAL A 224 2.60 1.76 -25.81
N PHE A 225 1.88 1.00 -26.61
CA PHE A 225 0.60 0.42 -26.14
C PHE A 225 0.31 -0.85 -26.95
N GLN A 226 -0.45 -1.73 -26.32
CA GLN A 226 -1.06 -2.90 -26.99
C GLN A 226 -2.47 -2.49 -27.41
N SER A 227 -2.97 -3.08 -28.50
CA SER A 227 -4.28 -2.70 -29.05
C SER A 227 -4.86 -3.87 -29.85
N PRO A 228 -5.66 -4.73 -29.21
CA PRO A 228 -6.44 -5.74 -29.95
C PRO A 228 -7.25 -5.09 -31.06
N ARG A 229 -7.73 -3.86 -30.84
CA ARG A 229 -8.49 -3.11 -31.86
C ARG A 229 -7.63 -2.82 -33.09
N LEU A 230 -6.44 -2.23 -32.93
CA LEU A 230 -5.62 -1.90 -34.10
C LEU A 230 -5.11 -3.20 -34.72
N GLU A 231 -4.81 -4.22 -33.92
CA GLU A 231 -4.32 -5.51 -34.51
C GLU A 231 -5.41 -6.09 -35.45
N ALA A 232 -6.65 -6.05 -35.00
CA ALA A 232 -7.82 -6.58 -35.77
C ALA A 232 -7.98 -5.76 -37.04
N LEU A 233 -7.87 -4.44 -36.97
CA LEU A 233 -8.04 -3.55 -38.14
C LEU A 233 -6.89 -3.77 -39.14
N LEU A 234 -5.68 -4.08 -38.68
CA LEU A 234 -4.52 -4.16 -39.60
C LEU A 234 -4.28 -5.59 -40.12
N ALA A 235 -4.95 -6.61 -39.54
CA ALA A 235 -4.65 -8.05 -39.76
C ALA A 235 -4.69 -8.39 -41.26
N ASN A 236 -5.50 -7.69 -42.06
CA ASN A 236 -5.65 -8.01 -43.51
C ASN A 236 -4.59 -7.30 -44.34
N THR A 237 -3.71 -6.48 -43.72
CA THR A 237 -2.80 -5.58 -44.47
C THR A 237 -1.34 -5.86 -44.10
N THR A 238 -1.08 -6.82 -43.22
CA THR A 238 0.30 -7.05 -42.67
C THR A 238 1.26 -7.49 -43.76
N SER A 239 0.80 -8.02 -44.91
CA SER A 239 1.66 -8.31 -46.09
C SER A 239 2.19 -7.03 -46.70
N ILE A 240 1.48 -5.92 -46.57
CA ILE A 240 1.94 -4.64 -47.19
C ILE A 240 3.16 -4.10 -46.40
N THR A 241 3.13 -4.15 -45.08
CA THR A 241 4.14 -3.46 -44.20
C THR A 241 5.09 -4.45 -43.55
N ASN A 242 4.72 -5.73 -43.49
CA ASN A 242 5.46 -6.82 -42.80
C ASN A 242 5.56 -6.56 -41.27
N ALA A 243 4.78 -5.63 -40.72
CA ALA A 243 4.81 -5.32 -39.27
C ALA A 243 3.70 -6.13 -38.60
N THR A 244 4.06 -7.05 -37.73
CA THR A 244 3.13 -8.01 -37.10
C THR A 244 3.28 -8.06 -35.60
N GLY A 245 4.05 -7.14 -34.99
CA GLY A 245 4.19 -7.18 -33.52
C GLY A 245 2.91 -6.80 -32.78
N ASP A 246 2.90 -7.06 -31.49
CA ASP A 246 1.76 -6.83 -30.58
C ASP A 246 1.89 -5.50 -29.82
N HIS A 247 2.90 -4.69 -30.13
CA HIS A 247 3.01 -3.32 -29.56
C HIS A 247 2.97 -2.30 -30.67
N PHE A 248 2.27 -1.23 -30.39
CA PHE A 248 2.29 -0.02 -31.22
C PHE A 248 3.01 1.08 -30.45
N ALA A 249 3.47 2.10 -31.15
CA ALA A 249 3.99 3.33 -30.53
C ALA A 249 3.58 4.52 -31.36
N THR A 250 3.17 5.59 -30.70
CA THR A 250 3.01 6.89 -31.34
C THR A 250 4.18 7.77 -30.98
N ILE A 251 4.54 8.61 -31.93
CA ILE A 251 5.52 9.70 -31.68
C ILE A 251 4.81 11.01 -32.00
N SER A 252 4.97 12.00 -31.11
CA SER A 252 4.29 13.30 -31.17
C SER A 252 5.12 14.31 -31.96
N GLY A 253 4.46 15.05 -32.85
CA GLY A 253 5.14 16.15 -33.54
C GLY A 253 4.21 16.94 -34.45
N GLY A 254 4.69 17.23 -35.66
CA GLY A 254 3.99 18.12 -36.58
C GLY A 254 4.89 18.41 -37.74
N VAL A 255 4.39 19.20 -38.68
CA VAL A 255 5.12 19.57 -39.91
C VAL A 255 5.09 21.10 -40.02
N HIS A 256 6.25 21.70 -40.31
CA HIS A 256 6.38 23.17 -40.36
C HIS A 256 5.32 23.75 -41.31
N GLY A 257 4.59 24.74 -40.83
CA GLY A 257 3.54 25.45 -41.56
C GLY A 257 2.27 24.63 -41.73
N ASP A 258 2.19 23.36 -41.30
CA ASP A 258 1.09 22.49 -41.77
C ASP A 258 0.41 21.71 -40.65
N GLY A 259 0.59 22.11 -39.40
CA GLY A 259 -0.14 21.52 -38.26
C GLY A 259 0.58 20.35 -37.59
N ALA A 260 -0.04 19.86 -36.51
CA ALA A 260 0.44 18.76 -35.65
C ALA A 260 0.21 17.41 -36.33
N ARG A 261 1.02 16.43 -35.94
CA ARG A 261 0.91 15.04 -36.40
C ARG A 261 1.16 14.12 -35.23
N LEU A 262 0.41 13.04 -35.12
CA LEU A 262 0.77 11.91 -34.28
C LEU A 262 1.16 10.78 -35.23
N PHE A 263 2.41 10.31 -35.16
CA PHE A 263 2.94 9.29 -36.08
C PHE A 263 2.74 7.92 -35.45
N LEU A 264 2.22 6.95 -36.22
CA LEU A 264 2.01 5.59 -35.67
C LEU A 264 3.04 4.62 -36.23
N TYR A 265 3.72 3.94 -35.31
CA TYR A 265 4.66 2.83 -35.54
C TYR A 265 4.03 1.57 -35.03
N ARG A 266 4.44 0.44 -35.61
CA ARG A 266 4.15 -0.89 -35.10
C ARG A 266 5.43 -1.66 -34.97
N GLN A 267 5.57 -2.34 -33.86
CA GLN A 267 6.69 -3.26 -33.57
C GLN A 267 6.75 -4.26 -34.73
N HIS A 268 7.90 -4.42 -35.34
CA HIS A 268 8.00 -5.22 -36.58
C HIS A 268 7.68 -6.68 -36.26
N THR A 269 8.27 -7.24 -35.22
CA THR A 269 8.09 -8.65 -34.83
C THR A 269 7.85 -8.79 -33.34
N THR A 270 6.88 -9.64 -32.97
CA THR A 270 6.58 -9.92 -31.56
C THR A 270 7.85 -10.42 -30.88
N GLY A 271 8.10 -9.97 -29.65
CA GLY A 271 9.25 -10.39 -28.85
C GLY A 271 10.54 -9.73 -29.27
N GLU A 272 10.55 -8.86 -30.26
CA GLU A 272 11.77 -8.13 -30.67
C GLU A 272 11.52 -6.63 -30.56
N PHE A 273 12.46 -5.88 -29.97
CA PHE A 273 12.19 -4.47 -29.58
C PHE A 273 13.10 -3.46 -30.29
N ILE A 274 13.91 -3.90 -31.26
CA ILE A 274 14.81 -2.96 -31.99
C ILE A 274 14.04 -2.30 -33.14
N LYS A 275 13.30 -3.08 -33.95
CA LYS A 275 12.73 -2.60 -35.23
C LYS A 275 11.27 -2.19 -35.03
N TRP A 276 10.99 -0.93 -35.33
CA TRP A 276 9.64 -0.31 -35.26
C TRP A 276 9.34 0.20 -36.65
N THR A 277 8.24 -0.24 -37.23
CA THR A 277 7.90 0.14 -38.62
C THR A 277 6.95 1.31 -38.62
N TYR A 278 7.30 2.40 -39.31
CA TYR A 278 6.41 3.57 -39.47
C TYR A 278 5.24 3.16 -40.37
N LEU A 279 4.00 3.30 -39.90
CA LEU A 279 2.80 2.96 -40.69
C LEU A 279 2.30 4.20 -41.39
N GLY A 280 2.17 5.28 -40.64
CA GLY A 280 1.67 6.54 -41.18
C GLY A 280 1.17 7.44 -40.08
N PRO A 281 0.71 8.65 -40.43
CA PRO A 281 0.16 9.58 -39.46
C PRO A 281 -1.18 9.05 -38.95
N LEU A 282 -1.35 9.03 -37.64
CA LEU A 282 -2.57 8.55 -36.96
C LEU A 282 -3.51 9.74 -36.88
N VAL A 283 -3.02 10.86 -36.38
CA VAL A 283 -3.81 12.10 -36.22
C VAL A 283 -3.13 13.22 -36.99
N THR A 284 -3.88 13.88 -37.87
CA THR A 284 -3.43 15.04 -38.67
C THR A 284 -4.39 16.20 -38.41
N THR A 285 -3.88 17.30 -37.89
CA THR A 285 -4.67 18.53 -37.63
C THR A 285 -4.00 19.69 -38.35
N GLY A 286 -4.77 20.76 -38.57
CA GLY A 286 -4.35 21.95 -39.29
C GLY A 286 -3.57 22.88 -38.40
N TYR A 287 -2.77 23.75 -39.01
CA TYR A 287 -2.03 24.83 -38.33
C TYR A 287 -2.98 25.71 -37.54
N LYS A 288 -2.90 25.67 -36.22
CA LYS A 288 -3.81 26.40 -35.30
C LYS A 288 -5.29 26.18 -35.66
N GLU A 289 -5.66 25.00 -36.12
CA GLU A 289 -7.07 24.55 -36.29
C GLU A 289 -7.74 24.45 -34.91
N SER A 290 -9.01 24.87 -34.79
CA SER A 290 -9.80 24.72 -33.55
C SER A 290 -11.11 24.03 -33.91
N TYR A 291 -11.53 23.00 -33.16
CA TYR A 291 -12.89 22.43 -33.33
C TYR A 291 -13.91 23.33 -32.61
N GLY A 292 -13.48 24.33 -31.83
CA GLY A 292 -14.40 25.33 -31.26
C GLY A 292 -14.17 25.60 -29.79
N GLU A 293 -15.12 26.31 -29.19
CA GLU A 293 -15.06 26.86 -27.82
C GLU A 293 -14.88 25.74 -26.78
N TRP A 294 -15.34 24.53 -27.07
CA TRP A 294 -15.32 23.42 -26.11
C TRP A 294 -14.02 22.62 -26.27
N SER A 295 -13.13 22.99 -27.19
CA SER A 295 -12.13 22.03 -27.70
C SER A 295 -10.70 22.60 -27.71
N GLY A 296 -10.46 23.75 -27.13
CA GLY A 296 -9.16 24.45 -27.21
C GLY A 296 -8.73 24.62 -28.65
N ASN A 297 -7.44 24.44 -28.93
CA ASN A 297 -6.84 24.70 -30.25
C ASN A 297 -5.74 23.65 -30.48
N TYR A 298 -5.64 23.16 -31.70
CA TYR A 298 -4.69 22.07 -32.06
C TYR A 298 -3.27 22.62 -32.30
N GLY A 299 -3.05 23.94 -32.23
CA GLY A 299 -1.72 24.54 -32.27
C GLY A 299 -0.91 24.11 -33.47
N ILE A 300 0.39 23.89 -33.31
CA ILE A 300 1.29 23.66 -34.47
C ILE A 300 2.05 22.34 -34.27
N ASN A 301 1.95 21.73 -33.11
CA ASN A 301 2.82 20.59 -32.75
C ASN A 301 2.19 19.88 -31.56
N PHE A 302 2.19 18.55 -31.57
CA PHE A 302 1.68 17.74 -30.46
C PHE A 302 2.85 17.34 -29.55
N GLU A 303 2.55 17.25 -28.27
CA GLU A 303 3.46 16.70 -27.24
C GLU A 303 2.68 15.67 -26.41
N THR A 304 3.41 14.75 -25.82
CA THR A 304 2.92 13.76 -24.83
C THR A 304 1.60 13.13 -25.26
N ALA A 305 1.43 12.76 -26.54
CA ALA A 305 0.17 12.13 -26.99
C ALA A 305 0.14 10.67 -26.55
N GLY A 306 -1.06 10.17 -26.22
CA GLY A 306 -1.30 8.73 -25.98
C GLY A 306 -2.61 8.29 -26.63
N VAL A 307 -2.78 6.98 -26.69
CA VAL A 307 -3.88 6.28 -27.39
C VAL A 307 -4.46 5.28 -26.40
N THR A 308 -5.79 5.26 -26.25
CA THR A 308 -6.44 4.30 -25.39
C THR A 308 -7.82 3.92 -25.96
N ARG A 309 -8.48 3.04 -25.25
CA ARG A 309 -9.83 2.53 -25.63
C ARG A 309 -10.53 2.31 -24.32
N LEU A 310 -11.68 2.96 -24.16
CA LEU A 310 -12.42 3.02 -22.89
C LEU A 310 -13.85 2.54 -23.12
N ASN A 311 -14.49 2.15 -22.04
CA ASN A 311 -15.94 1.81 -22.03
C ASN A 311 -16.44 2.43 -20.73
N PRO A 312 -17.76 2.32 -20.44
CA PRO A 312 -18.30 2.98 -19.26
C PRO A 312 -17.60 2.63 -17.96
N ALA A 313 -17.00 1.44 -17.86
CA ALA A 313 -16.41 0.95 -16.59
C ALA A 313 -14.93 1.36 -16.47
N GLY A 314 -14.25 1.71 -17.56
CA GLY A 314 -12.80 1.98 -17.52
C GLY A 314 -12.13 1.63 -18.83
N ALA A 315 -11.06 0.86 -18.78
CA ALA A 315 -10.25 0.46 -19.95
C ALA A 315 -11.03 -0.64 -20.70
N ALA A 316 -10.98 -0.61 -22.01
CA ALA A 316 -11.63 -1.63 -22.85
C ALA A 316 -10.53 -2.34 -23.61
N TRP A 317 -10.49 -3.66 -23.51
CA TRP A 317 -9.47 -4.47 -24.25
C TRP A 317 -10.11 -5.26 -25.41
N ASP A 318 -11.30 -4.90 -25.89
CA ASP A 318 -11.97 -5.65 -27.01
C ASP A 318 -11.32 -5.25 -28.34
N ASN A 319 -11.63 -5.99 -29.42
CA ASN A 319 -11.11 -5.73 -30.79
C ASN A 319 -12.03 -4.84 -31.60
N GLY A 320 -13.05 -4.24 -30.99
CA GLY A 320 -14.07 -3.49 -31.74
C GLY A 320 -15.46 -4.05 -31.53
N SER A 321 -15.54 -5.25 -30.98
CA SER A 321 -16.81 -6.00 -30.70
C SER A 321 -17.65 -5.34 -29.60
N ASP A 322 -17.04 -4.59 -28.67
CA ASP A 322 -17.82 -3.91 -27.60
C ASP A 322 -18.36 -2.62 -28.17
N THR A 323 -19.68 -2.59 -28.46
CA THR A 323 -20.36 -1.41 -29.04
C THR A 323 -20.37 -0.24 -28.04
N THR A 324 -20.09 -0.46 -26.76
CA THR A 324 -20.08 0.63 -25.75
C THR A 324 -18.66 1.25 -25.65
N ALA A 325 -17.67 0.71 -26.33
CA ALA A 325 -16.26 1.18 -26.18
C ALA A 325 -15.99 2.28 -27.20
N VAL A 326 -15.05 3.16 -26.89
CA VAL A 326 -14.71 4.36 -27.67
C VAL A 326 -13.17 4.46 -27.67
N ASP A 327 -12.61 4.71 -28.84
CA ASP A 327 -11.17 4.98 -29.04
C ASP A 327 -10.89 6.45 -28.75
N PHE A 328 -9.87 6.72 -27.93
CA PHE A 328 -9.54 8.10 -27.54
C PHE A 328 -8.05 8.34 -27.75
N VAL A 329 -7.73 9.56 -28.13
CA VAL A 329 -6.33 10.04 -28.14
C VAL A 329 -6.28 11.17 -27.15
N THR A 330 -5.25 11.23 -26.30
CA THR A 330 -5.01 12.41 -25.43
C THR A 330 -3.71 13.04 -25.92
N PHE A 331 -3.61 14.37 -25.87
CA PHE A 331 -2.44 15.04 -26.49
C PHE A 331 -2.35 16.47 -25.99
N GLY A 332 -1.12 16.94 -25.83
CA GLY A 332 -0.84 18.36 -25.64
C GLY A 332 -0.64 19.02 -26.97
N THR A 333 -1.03 20.28 -27.07
CA THR A 333 -0.70 21.09 -28.25
C THR A 333 0.07 22.32 -27.81
N GLU A 334 0.90 22.83 -28.71
CA GLU A 334 1.66 24.06 -28.40
C GLU A 334 1.39 25.11 -29.50
N GLN A 335 1.49 26.36 -29.06
CA GLN A 335 1.42 27.62 -29.84
C GLN A 335 0.01 27.79 -30.41
N GLY A 336 -1.03 27.22 -29.80
CA GLY A 336 -2.44 27.53 -30.16
C GLY A 336 -3.15 28.22 -29.02
N ARG A 337 -2.41 28.86 -28.12
CA ARG A 337 -3.00 29.50 -26.92
C ARG A 337 -2.15 30.70 -26.53
N ALA A 338 -2.80 31.80 -26.13
CA ALA A 338 -2.13 33.10 -25.84
C ALA A 338 -1.52 33.07 -24.45
N ASP A 339 -1.96 32.15 -23.59
CA ASP A 339 -1.50 32.10 -22.20
C ASP A 339 -1.35 30.62 -21.79
N HIS A 340 -1.27 30.34 -20.51
CA HIS A 340 -1.03 28.95 -20.00
C HIS A 340 0.17 28.36 -20.77
N GLN A 341 1.25 29.14 -20.89
CA GLN A 341 2.52 28.63 -21.48
C GLN A 341 2.26 28.14 -22.91
N ASN A 342 1.28 28.70 -23.60
CA ASN A 342 0.94 28.37 -25.00
C ASN A 342 0.55 26.90 -25.15
N HIS A 343 -0.03 26.29 -24.10
CA HIS A 343 -0.21 24.82 -24.01
C HIS A 343 -1.66 24.42 -23.70
N TRP A 344 -2.24 23.57 -24.54
CA TRP A 344 -3.57 22.95 -24.30
C TRP A 344 -3.35 21.48 -24.04
N PRO A 345 -3.85 20.90 -22.93
CA PRO A 345 -4.02 19.46 -22.81
C PRO A 345 -5.41 19.01 -23.25
N LEU A 346 -5.46 18.31 -24.37
CA LEU A 346 -6.71 18.02 -25.11
C LEU A 346 -6.94 16.50 -25.11
N TRP A 347 -8.11 16.11 -25.58
CA TRP A 347 -8.44 14.71 -25.89
C TRP A 347 -9.43 14.70 -27.05
N ALA A 348 -9.50 13.60 -27.77
CA ALA A 348 -10.48 13.43 -28.87
C ALA A 348 -10.94 11.99 -28.90
N ALA A 349 -12.23 11.80 -29.17
CA ALA A 349 -12.78 10.50 -29.54
C ALA A 349 -12.52 10.34 -31.04
N VAL A 350 -12.08 9.18 -31.49
CA VAL A 350 -11.68 8.99 -32.91
C VAL A 350 -12.36 7.72 -33.44
N ASP A 351 -12.57 7.71 -34.75
CA ASP A 351 -13.01 6.52 -35.53
C ASP A 351 -11.86 6.12 -36.43
N TYR A 352 -11.36 4.91 -36.28
CA TYR A 352 -10.21 4.44 -37.06
C TYR A 352 -10.68 4.01 -38.47
N GLU A 353 -9.93 4.38 -39.48
CA GLU A 353 -10.09 3.93 -40.88
C GLU A 353 -8.76 3.29 -41.31
N VAL A 354 -8.81 2.18 -42.04
CA VAL A 354 -7.59 1.51 -42.57
C VAL A 354 -7.27 2.10 -43.93
N ARG A 355 -6.04 2.57 -44.12
CA ARG A 355 -5.58 3.12 -45.41
C ARG A 355 -5.13 1.95 -46.29
N ASP A 356 -5.05 2.17 -47.60
CA ASP A 356 -4.59 1.13 -48.57
C ASP A 356 -3.14 0.75 -48.28
N ASN A 357 -2.33 1.65 -47.73
CA ASN A 357 -0.90 1.31 -47.42
C ASN A 357 -0.75 0.64 -46.05
N GLY A 358 -1.81 0.10 -45.45
CA GLY A 358 -1.70 -0.72 -44.23
C GLY A 358 -1.41 0.15 -42.99
N SER A 359 -1.93 1.36 -42.98
CA SER A 359 -1.80 2.33 -41.86
C SER A 359 -3.20 2.70 -41.39
N ILE A 360 -3.27 3.47 -40.31
CA ILE A 360 -4.55 3.83 -39.67
C ILE A 360 -4.70 5.33 -39.69
N GLU A 361 -5.87 5.81 -40.12
CA GLU A 361 -6.25 7.21 -39.94
C GLU A 361 -7.22 7.29 -38.77
N ALA A 362 -6.91 8.10 -37.77
CA ALA A 362 -7.81 8.34 -36.61
C ALA A 362 -8.59 9.59 -36.93
N VAL A 363 -9.85 9.43 -37.33
CA VAL A 363 -10.70 10.58 -37.67
C VAL A 363 -11.37 11.09 -36.41
N ILE A 364 -11.18 12.36 -36.10
CA ILE A 364 -11.76 12.96 -34.88
C ILE A 364 -13.30 13.00 -34.98
N ALA A 365 -14.00 12.39 -34.01
CA ALA A 365 -15.47 12.35 -33.92
C ALA A 365 -15.96 13.52 -33.07
N TYR A 366 -15.28 13.79 -31.97
CA TYR A 366 -15.53 14.95 -31.09
C TYR A 366 -14.29 15.14 -30.21
N SER A 367 -14.14 16.30 -29.60
CA SER A 367 -12.81 16.80 -29.19
C SER A 367 -13.02 17.67 -27.99
N GLY A 368 -12.27 17.40 -26.93
CA GLY A 368 -12.45 18.17 -25.70
C GLY A 368 -11.13 18.54 -25.03
N VAL A 369 -11.23 18.94 -23.79
CA VAL A 369 -10.12 19.48 -22.98
C VAL A 369 -9.95 18.58 -21.77
N GLN A 370 -8.72 18.15 -21.48
CA GLN A 370 -8.46 17.29 -20.31
C GLN A 370 -8.43 18.12 -19.03
N ASP A 371 -7.88 19.32 -19.07
CA ASP A 371 -7.81 20.23 -17.92
C ASP A 371 -7.74 21.65 -18.48
N TRP A 372 -8.54 22.55 -17.95
CA TRP A 372 -8.67 23.93 -18.49
C TRP A 372 -7.68 24.90 -17.83
N GLY A 373 -6.89 24.45 -16.87
CA GLY A 373 -6.01 25.31 -16.08
C GLY A 373 -4.53 25.17 -16.39
N ARG A 374 -3.74 25.40 -15.37
CA ARG A 374 -2.26 25.45 -15.45
C ARG A 374 -1.73 24.02 -15.30
N SER A 375 -2.16 23.15 -16.21
CA SER A 375 -1.62 21.77 -16.27
C SER A 375 -1.41 21.38 -17.70
N TYR A 376 -0.60 20.33 -17.90
CA TYR A 376 -0.14 19.88 -19.21
C TYR A 376 0.51 18.50 -19.04
N ALA A 377 0.76 17.84 -20.17
CA ALA A 377 1.60 16.65 -20.27
C ALA A 377 0.93 15.52 -19.49
N TYR A 378 -0.33 15.27 -19.77
CA TYR A 378 -1.07 14.10 -19.22
C TYR A 378 -0.52 12.84 -19.86
N ALA A 379 -0.22 11.88 -19.02
CA ALA A 379 0.18 10.52 -19.38
C ALA A 379 -0.93 9.58 -18.88
N SER A 380 -1.25 8.53 -19.62
CA SER A 380 -2.19 7.50 -19.13
C SER A 380 -1.53 6.13 -19.24
N PHE A 381 -1.96 5.22 -18.38
CA PHE A 381 -1.37 3.89 -18.30
C PHE A 381 -2.41 2.91 -17.77
N PRO A 382 -2.26 1.63 -18.16
CA PRO A 382 -3.21 0.61 -17.73
C PRO A 382 -2.97 0.21 -16.29
N VAL A 383 -4.05 -0.09 -15.59
CA VAL A 383 -3.98 -0.54 -14.20
C VAL A 383 -4.95 -1.72 -14.07
N GLU A 384 -4.52 -2.72 -13.31
CA GLU A 384 -5.31 -3.97 -13.07
C GLU A 384 -6.75 -3.66 -12.70
N GLY A 385 -7.67 -4.50 -13.16
CA GLY A 385 -9.13 -4.26 -12.94
C GLY A 385 -9.73 -3.44 -14.07
N TYR A 386 -9.09 -3.45 -15.25
CA TYR A 386 -9.64 -2.82 -16.45
C TYR A 386 -9.74 -1.31 -16.23
N ARG A 387 -8.64 -0.73 -15.73
CA ARG A 387 -8.57 0.74 -15.52
C ARG A 387 -7.54 1.34 -16.45
N GLN A 388 -7.80 2.58 -16.82
CA GLN A 388 -6.83 3.46 -17.54
C GLN A 388 -6.73 4.70 -16.66
N VAL A 389 -5.52 4.94 -16.13
CA VAL A 389 -5.29 6.02 -15.14
C VAL A 389 -4.42 7.09 -15.79
N SER A 390 -4.80 8.35 -15.61
CA SER A 390 -4.15 9.52 -16.23
C SER A 390 -3.65 10.44 -15.13
N VAL A 391 -2.53 11.12 -15.38
CA VAL A 391 -1.97 12.09 -14.42
C VAL A 391 -1.17 13.10 -15.22
N GLY A 392 -1.18 14.35 -14.78
CA GLY A 392 -0.46 15.41 -15.49
C GLY A 392 0.39 16.21 -14.55
N TRP A 393 0.95 17.28 -15.11
CA TRP A 393 1.83 18.20 -14.37
C TRP A 393 1.13 19.55 -14.23
N ILE A 394 1.16 20.06 -12.99
CA ILE A 394 0.66 21.42 -12.65
C ILE A 394 1.90 22.29 -12.47
N TYR A 395 2.07 23.25 -13.35
CA TYR A 395 3.20 24.20 -13.28
C TYR A 395 2.81 25.28 -12.25
N GLU A 396 3.80 26.08 -11.85
CA GLU A 396 3.54 27.22 -10.93
C GLU A 396 2.89 28.35 -11.72
N ASP A 397 2.52 29.43 -11.02
CA ASP A 397 2.06 30.68 -11.70
C ASP A 397 3.06 31.78 -11.35
N ASP A 398 4.31 31.56 -11.77
CA ASP A 398 5.43 32.50 -11.54
C ASP A 398 6.23 32.55 -12.85
N ASP A 399 5.57 32.88 -13.94
CA ASP A 399 6.16 32.75 -15.30
C ASP A 399 7.37 33.66 -15.50
N ASN A 400 7.54 34.72 -14.68
CA ASN A 400 8.73 35.61 -14.78
C ASN A 400 9.83 35.13 -13.86
N VAL A 401 9.63 34.02 -13.14
CA VAL A 401 10.67 33.33 -12.31
C VAL A 401 11.16 34.30 -11.22
N ILE A 402 10.23 34.98 -10.55
CA ILE A 402 10.57 36.02 -9.55
C ILE A 402 10.87 35.38 -8.22
N LEU A 403 10.12 34.34 -7.79
CA LEU A 403 10.33 33.72 -6.48
C LEU A 403 10.69 32.22 -6.58
N ALA A 404 11.05 31.74 -7.75
CA ALA A 404 11.40 30.31 -7.97
C ALA A 404 12.57 29.90 -7.08
N LYS A 405 13.65 30.70 -7.03
CA LYS A 405 14.79 30.38 -6.16
C LYS A 405 14.39 30.35 -4.69
N GLN A 406 13.53 31.28 -4.26
CA GLN A 406 13.09 31.35 -2.86
C GLN A 406 12.24 30.09 -2.54
N PHE A 407 11.42 29.64 -3.49
CA PHE A 407 10.71 28.35 -3.32
C PHE A 407 11.72 27.20 -3.14
N GLY A 408 12.69 27.10 -4.04
CA GLY A 408 13.63 25.96 -4.06
C GLY A 408 13.06 24.74 -4.80
N TYR A 409 11.96 24.92 -5.49
CA TYR A 409 11.28 23.83 -6.28
C TYR A 409 10.35 24.51 -7.27
N GLN A 410 9.93 23.76 -8.30
CA GLN A 410 8.84 24.17 -9.21
C GLN A 410 8.09 22.90 -9.60
N GLY A 411 6.77 22.92 -9.54
CA GLY A 411 5.96 21.90 -10.22
C GLY A 411 5.39 20.90 -9.23
N ALA A 412 4.27 20.31 -9.59
CA ALA A 412 3.71 19.12 -8.92
C ALA A 412 2.95 18.29 -9.96
N PHE A 413 2.49 17.11 -9.57
CA PHE A 413 1.51 16.38 -10.40
C PHE A 413 0.09 16.87 -10.11
N THR A 414 -0.82 16.59 -11.02
CA THR A 414 -2.26 16.53 -10.71
C THR A 414 -2.54 15.35 -9.80
N LEU A 415 -3.78 15.19 -9.40
CA LEU A 415 -4.19 13.88 -8.83
C LEU A 415 -4.28 12.84 -9.94
N PHE A 416 -4.23 11.56 -9.58
CA PHE A 416 -4.39 10.43 -10.51
C PHE A 416 -5.88 10.25 -10.81
N ARG A 417 -6.20 10.13 -12.08
CA ARG A 417 -7.60 10.15 -12.57
C ARG A 417 -7.91 8.84 -13.28
N ASP A 418 -9.01 8.18 -12.89
CA ASP A 418 -9.59 7.09 -13.71
C ASP A 418 -10.25 7.70 -14.93
N LEU A 419 -9.90 7.23 -16.13
CA LEU A 419 -10.62 7.57 -17.37
C LEU A 419 -11.68 6.51 -17.64
N PHE A 420 -12.78 6.91 -18.27
CA PHE A 420 -13.90 6.01 -18.57
C PHE A 420 -14.77 6.75 -19.58
N VAL A 421 -15.69 6.03 -20.21
CA VAL A 421 -16.73 6.67 -21.05
C VAL A 421 -17.86 7.13 -20.14
N LYS A 422 -18.06 8.44 -20.03
CA LYS A 422 -19.15 9.03 -19.24
C LYS A 422 -20.42 8.94 -20.13
N VAL A 423 -21.44 8.26 -19.64
CA VAL A 423 -22.73 8.11 -20.38
C VAL A 423 -23.83 8.76 -19.54
N VAL A 424 -24.57 9.71 -20.10
CA VAL A 424 -25.71 10.37 -19.42
C VAL A 424 -26.97 9.94 -20.16
N GLU A 425 -27.88 9.28 -19.47
CA GLU A 425 -29.11 8.77 -20.09
C GLU A 425 -30.24 9.74 -19.85
N ASN A 426 -31.24 9.66 -20.73
CA ASN A 426 -32.53 10.38 -20.58
C ASN A 426 -32.27 11.85 -20.57
N VAL A 427 -31.38 12.30 -21.47
CA VAL A 427 -31.10 13.74 -21.63
C VAL A 427 -32.23 14.34 -22.48
N SER A 428 -32.73 15.47 -21.99
CA SER A 428 -33.76 16.30 -22.65
C SER A 428 -33.18 16.93 -23.91
N PRO A 429 -33.84 16.75 -25.09
CA PRO A 429 -33.47 17.45 -26.30
C PRO A 429 -33.54 18.98 -26.20
N SER A 430 -34.12 19.55 -25.15
CA SER A 430 -34.19 21.02 -25.01
C SER A 430 -32.96 21.56 -24.25
N THR A 431 -32.05 20.68 -23.83
CA THR A 431 -30.71 21.13 -23.32
C THR A 431 -30.08 22.07 -24.33
N PRO A 432 -29.82 23.32 -23.97
CA PRO A 432 -29.24 24.28 -24.90
C PRO A 432 -27.96 23.73 -25.53
N GLY A 433 -27.85 23.85 -26.86
CA GLY A 433 -26.63 23.53 -27.62
C GLY A 433 -26.34 22.04 -27.69
N LEU A 434 -27.26 21.18 -27.29
CA LEU A 434 -26.99 19.73 -27.12
C LEU A 434 -26.50 19.10 -28.42
N PHE A 435 -27.05 19.53 -29.57
CA PHE A 435 -26.78 18.82 -30.84
C PHE A 435 -25.58 19.42 -31.58
N GLU A 436 -24.92 20.45 -31.05
CA GLU A 436 -23.58 20.83 -31.54
C GLU A 436 -22.63 19.62 -31.38
N GLN A 437 -22.84 18.74 -30.38
CA GLN A 437 -21.97 17.53 -30.21
C GLN A 437 -20.45 17.92 -30.28
N ALA A 438 -20.06 18.96 -29.55
CA ALA A 438 -18.71 19.59 -29.63
C ALA A 438 -17.67 18.66 -28.98
N SER A 439 -17.79 18.42 -27.68
CA SER A 439 -16.90 17.51 -26.89
C SER A 439 -17.72 16.33 -26.34
N TRP A 440 -18.82 16.01 -27.00
CA TRP A 440 -19.69 14.86 -26.66
C TRP A 440 -20.38 14.37 -27.94
N SER A 441 -20.91 13.17 -27.88
CA SER A 441 -21.76 12.56 -28.91
C SER A 441 -23.19 12.48 -28.37
N THR A 442 -24.19 12.53 -29.26
CA THR A 442 -25.61 12.31 -28.90
C THR A 442 -26.15 11.14 -29.71
N LYS A 443 -26.99 10.31 -29.09
CA LYS A 443 -27.72 9.22 -29.77
C LYS A 443 -29.19 9.34 -29.35
N ASN A 444 -30.08 9.64 -30.30
CA ASN A 444 -31.53 9.76 -30.05
C ASN A 444 -32.13 8.41 -29.67
N SER A 445 -33.10 8.41 -28.77
CA SER A 445 -34.05 7.28 -28.60
C SER A 445 -34.80 7.02 -29.92
N THR A 446 -35.36 5.83 -30.08
CA THR A 446 -36.22 5.47 -31.25
C THR A 446 -37.25 6.58 -31.49
N ASP A 447 -37.91 7.07 -30.45
CA ASP A 447 -39.04 8.02 -30.60
C ASP A 447 -38.56 9.47 -30.65
N GLY A 448 -37.27 9.74 -30.51
CA GLY A 448 -36.70 11.10 -30.64
C GLY A 448 -36.98 12.01 -29.44
N MET A 449 -37.50 11.48 -28.34
CA MET A 449 -37.87 12.32 -27.17
C MET A 449 -36.84 12.25 -26.03
N SER A 450 -35.79 11.47 -26.17
CA SER A 450 -34.63 11.54 -25.23
C SER A 450 -33.33 11.23 -25.96
N VAL A 451 -32.21 11.53 -25.30
CA VAL A 451 -30.86 11.44 -25.93
C VAL A 451 -29.92 10.78 -24.93
N THR A 452 -29.05 9.92 -25.41
CA THR A 452 -27.91 9.41 -24.63
C THR A 452 -26.71 10.30 -24.98
N VAL A 453 -26.07 10.88 -23.97
CA VAL A 453 -24.83 11.68 -24.17
C VAL A 453 -23.63 10.81 -23.77
N THR A 454 -22.60 10.80 -24.62
CA THR A 454 -21.33 10.08 -24.36
C THR A 454 -20.20 11.12 -24.40
N THR A 455 -19.29 11.09 -23.45
CA THR A 455 -18.10 11.95 -23.47
C THR A 455 -16.99 11.22 -22.70
N LEU A 456 -15.83 11.86 -22.60
CA LEU A 456 -14.76 11.33 -21.72
C LEU A 456 -15.09 11.66 -20.28
N GLY A 457 -15.07 10.64 -19.42
CA GLY A 457 -15.18 10.82 -17.99
C GLY A 457 -13.80 10.83 -17.35
N GLN A 458 -13.64 11.66 -16.32
CA GLN A 458 -12.43 11.70 -15.46
C GLN A 458 -12.91 11.80 -14.03
N ARG A 459 -12.37 10.96 -13.17
CA ARG A 459 -12.64 11.09 -11.72
C ARG A 459 -11.37 10.74 -10.98
N VAL A 460 -11.17 11.34 -9.83
CA VAL A 460 -10.02 10.98 -8.97
C VAL A 460 -10.09 9.50 -8.62
N VAL A 461 -8.94 8.82 -8.64
CA VAL A 461 -8.90 7.38 -8.31
C VAL A 461 -9.48 7.22 -6.90
N PRO A 462 -10.30 6.18 -6.70
CA PRO A 462 -10.98 6.02 -5.42
C PRO A 462 -10.01 5.81 -4.25
N GLU A 463 -8.86 5.18 -4.49
CA GLU A 463 -7.87 4.98 -3.42
C GLU A 463 -7.50 6.33 -2.77
N THR A 464 -7.37 7.36 -3.57
CA THR A 464 -6.98 8.71 -3.06
C THR A 464 -8.17 9.30 -2.31
N LEU A 465 -9.39 9.22 -2.88
CA LEU A 465 -10.56 9.81 -2.18
C LEU A 465 -10.74 9.09 -0.83
N ALA A 466 -10.63 7.77 -0.79
CA ALA A 466 -10.78 7.00 0.47
C ALA A 466 -9.70 7.40 1.49
N ALA A 467 -8.44 7.53 1.06
CA ALA A 467 -7.32 7.87 1.96
C ALA A 467 -7.51 9.32 2.47
N TYR A 468 -7.87 10.24 1.59
CA TYR A 468 -8.09 11.65 1.95
C TYR A 468 -9.20 11.74 3.02
N LYS A 469 -10.34 11.14 2.73
CA LYS A 469 -11.50 11.18 3.65
C LYS A 469 -11.13 10.54 4.98
N GLY A 470 -10.52 9.37 4.97
CA GLY A 470 -10.21 8.62 6.19
C GLY A 470 -9.20 9.31 7.08
N ASN A 471 -8.28 10.09 6.53
CA ASN A 471 -7.22 10.74 7.31
C ASN A 471 -7.66 12.14 7.73
N SER A 472 -8.70 12.67 7.13
CA SER A 472 -9.17 14.06 7.36
C SER A 472 -10.09 14.15 8.59
N THR A 473 -10.25 15.34 9.15
CA THR A 473 -11.45 15.70 9.95
C THR A 473 -12.56 16.04 8.97
N VAL A 474 -13.60 15.21 8.89
CA VAL A 474 -14.72 15.35 7.96
C VAL A 474 -15.83 16.14 8.64
N SER A 475 -16.29 17.22 8.03
CA SER A 475 -17.47 17.97 8.51
C SER A 475 -18.56 17.84 7.46
N THR A 476 -19.68 17.20 7.83
CA THR A 476 -20.86 17.09 6.95
C THR A 476 -21.69 18.34 7.20
N LEU A 477 -21.90 19.19 6.19
CA LEU A 477 -22.52 20.52 6.38
C LEU A 477 -24.00 20.46 6.02
N ALA A 478 -24.80 21.25 6.72
CA ALA A 478 -26.26 21.35 6.47
C ALA A 478 -26.46 21.90 5.07
N PRO A 479 -27.46 21.43 4.32
CA PRO A 479 -27.78 22.00 3.02
C PRO A 479 -28.22 23.46 3.20
N VAL A 480 -28.00 24.26 2.16
CA VAL A 480 -28.19 25.75 2.17
C VAL A 480 -28.97 26.11 0.93
N MET A 481 -30.05 26.88 1.09
CA MET A 481 -30.71 27.55 -0.06
C MET A 481 -30.14 28.97 -0.13
N LEU A 482 -29.53 29.28 -1.27
CA LEU A 482 -29.00 30.62 -1.59
C LEU A 482 -30.14 31.39 -2.27
N ASN A 483 -30.67 32.39 -1.57
CA ASN A 483 -31.85 33.16 -2.02
C ASN A 483 -31.59 34.66 -1.79
N GLU A 484 -32.66 35.43 -1.60
CA GLU A 484 -32.55 36.91 -1.47
C GLU A 484 -31.69 37.24 -0.25
N SER A 485 -31.67 36.37 0.75
CA SER A 485 -30.94 36.63 2.02
C SER A 485 -29.45 36.19 1.96
N ALA A 486 -29.00 35.55 0.89
CA ALA A 486 -27.60 35.03 0.81
C ALA A 486 -26.62 36.19 0.77
N ALA A 487 -25.59 36.21 1.63
CA ALA A 487 -24.46 37.15 1.51
C ALA A 487 -23.63 36.76 0.28
N ALA A 488 -22.76 37.65 -0.21
CA ALA A 488 -21.89 37.35 -1.37
C ALA A 488 -21.04 36.11 -1.02
N TYR A 489 -20.58 36.07 0.23
CA TYR A 489 -19.72 35.00 0.79
C TYR A 489 -20.27 34.59 2.16
N THR A 490 -20.49 33.30 2.33
CA THR A 490 -20.96 32.67 3.60
C THR A 490 -19.94 31.61 4.00
N PRO A 491 -19.09 31.87 5.00
CA PRO A 491 -18.16 30.86 5.49
C PRO A 491 -18.89 29.57 5.89
N PHE A 492 -18.27 28.41 5.66
CA PHE A 492 -18.86 27.14 6.15
C PHE A 492 -18.89 27.13 7.68
N SER A 493 -19.83 26.38 8.26
CA SER A 493 -20.02 26.26 9.73
C SER A 493 -18.80 25.61 10.37
N SER A 494 -18.03 24.78 9.65
CA SER A 494 -16.70 24.29 10.07
C SER A 494 -15.66 24.84 9.08
N GLN A 495 -14.49 25.19 9.57
CA GLN A 495 -13.42 25.81 8.76
C GLN A 495 -12.22 24.88 8.68
N PRO A 496 -11.46 24.95 7.57
CA PRO A 496 -10.20 24.25 7.46
C PRO A 496 -9.23 24.77 8.53
N THR A 497 -8.21 24.00 8.89
CA THR A 497 -7.16 24.42 9.85
C THR A 497 -5.88 24.80 9.11
N ASP A 498 -5.76 24.54 7.81
CA ASP A 498 -4.50 24.80 7.09
C ASP A 498 -4.84 24.80 5.60
N ARG A 499 -3.85 24.74 4.73
CA ARG A 499 -4.03 24.84 3.26
C ARG A 499 -4.17 23.44 2.63
N PHE A 500 -4.76 22.47 3.33
CA PHE A 500 -4.83 21.09 2.83
C PHE A 500 -6.23 20.59 3.13
N TYR A 501 -7.13 20.70 2.17
CA TYR A 501 -8.53 20.27 2.37
C TYR A 501 -9.23 20.03 1.04
N ALA A 502 -10.34 19.32 1.11
CA ALA A 502 -11.25 19.08 -0.01
C ALA A 502 -12.64 19.60 0.34
N LEU A 503 -13.36 20.03 -0.66
CA LEU A 503 -14.76 20.47 -0.53
C LEU A 503 -15.54 19.71 -1.56
N THR A 504 -16.76 19.34 -1.23
CA THR A 504 -17.71 18.83 -2.23
C THR A 504 -19.07 19.53 -2.03
N GLY A 505 -19.80 19.73 -3.12
CA GLY A 505 -21.18 20.24 -3.04
C GLY A 505 -21.92 19.98 -4.32
N SER A 506 -23.25 19.90 -4.25
CA SER A 506 -24.14 19.78 -5.44
C SER A 506 -24.97 21.05 -5.48
N PHE A 507 -24.88 21.77 -6.60
CA PHE A 507 -25.52 23.07 -6.81
C PHE A 507 -26.67 22.88 -7.78
N GLU A 508 -27.90 23.11 -7.30
CA GLU A 508 -29.12 22.86 -8.08
C GLU A 508 -29.66 24.22 -8.52
N PHE A 509 -29.80 24.39 -9.82
CA PHE A 509 -30.23 25.68 -10.44
C PHE A 509 -31.55 25.47 -11.19
N GLY A 510 -32.41 26.51 -11.23
CA GLY A 510 -33.51 26.56 -12.21
C GLY A 510 -33.00 26.46 -13.63
N LEU A 511 -33.80 25.88 -14.54
CA LEU A 511 -33.44 25.77 -15.96
C LEU A 511 -33.18 27.13 -16.60
N ASN A 512 -33.71 28.22 -16.04
CA ASN A 512 -33.58 29.57 -16.64
C ASN A 512 -32.87 30.50 -15.67
N THR A 513 -32.02 29.97 -14.79
CA THR A 513 -31.32 30.80 -13.78
C THR A 513 -30.44 31.82 -14.49
N THR A 514 -30.21 32.94 -13.82
CA THR A 514 -29.11 33.89 -14.13
C THR A 514 -28.27 34.06 -12.87
N ALA A 515 -28.44 33.17 -11.88
CA ALA A 515 -27.70 33.25 -10.62
C ALA A 515 -26.30 32.59 -10.84
N LYS A 516 -25.33 33.00 -10.03
CA LYS A 516 -23.99 32.37 -10.01
C LYS A 516 -23.78 31.85 -8.60
N ALA A 517 -23.10 30.71 -8.44
CA ALA A 517 -22.73 30.24 -7.10
C ALA A 517 -21.42 29.43 -7.21
N GLY A 518 -20.81 29.21 -6.08
CA GLY A 518 -19.61 28.35 -6.03
C GLY A 518 -18.98 28.39 -4.68
N PHE A 519 -17.68 28.24 -4.66
CA PHE A 519 -16.88 28.12 -3.43
C PHE A 519 -15.83 29.22 -3.43
N ARG A 520 -15.63 29.80 -2.26
CA ARG A 520 -14.44 30.62 -1.96
C ARG A 520 -13.49 29.78 -1.15
N VAL A 521 -12.19 29.78 -1.50
CA VAL A 521 -11.17 28.98 -0.77
C VAL A 521 -9.95 29.83 -0.47
N LEU A 522 -9.07 29.31 0.42
CA LEU A 522 -7.81 30.01 0.82
C LEU A 522 -8.14 31.47 1.17
N ALA A 523 -9.10 31.65 2.07
CA ALA A 523 -9.80 32.95 2.28
C ALA A 523 -9.55 33.50 3.66
N SER A 524 -9.08 34.74 3.69
CA SER A 524 -9.19 35.64 4.86
C SER A 524 -9.97 36.87 4.37
N GLU A 525 -10.04 37.92 5.17
CA GLU A 525 -10.72 39.18 4.76
C GLU A 525 -9.97 39.77 3.57
N GLU A 526 -8.64 39.66 3.53
CA GLU A 526 -7.83 40.39 2.50
C GLU A 526 -7.33 39.54 1.33
N GLU A 527 -7.39 38.22 1.43
CA GLU A 527 -6.93 37.32 0.32
C GLU A 527 -7.96 36.21 0.18
N TYR A 528 -8.27 35.81 -1.03
CA TYR A 528 -9.24 34.74 -1.29
C TYR A 528 -9.24 34.43 -2.76
N THR A 529 -9.72 33.24 -3.07
CA THR A 529 -9.83 32.70 -4.44
C THR A 529 -11.27 32.25 -4.62
N ASP A 530 -11.89 32.73 -5.69
CA ASP A 530 -13.32 32.53 -5.93
C ASP A 530 -13.52 31.59 -7.09
N ILE A 531 -14.26 30.52 -6.82
CA ILE A 531 -14.65 29.52 -7.85
C ILE A 531 -16.14 29.68 -8.13
N TRP A 532 -16.48 30.15 -9.31
CA TRP A 532 -17.88 30.49 -9.69
C TRP A 532 -18.34 29.53 -10.76
N PHE A 533 -19.61 29.12 -10.72
CA PHE A 533 -20.26 28.61 -11.94
C PHE A 533 -21.42 29.56 -12.28
N ASP A 534 -21.56 29.84 -13.57
CA ASP A 534 -22.58 30.77 -14.15
C ASP A 534 -23.31 29.98 -15.21
N PRO A 535 -24.38 29.24 -14.84
CA PRO A 535 -25.06 28.40 -15.82
C PRO A 535 -25.51 29.12 -17.09
N ALA A 536 -25.86 30.39 -16.99
CA ALA A 536 -26.40 31.14 -18.14
C ALA A 536 -25.30 31.26 -19.21
N SER A 537 -24.05 31.40 -18.82
CA SER A 537 -22.89 31.49 -19.77
C SER A 537 -22.19 30.14 -19.97
N GLU A 538 -22.47 29.13 -19.13
CA GLU A 538 -21.88 27.76 -19.13
C GLU A 538 -20.40 27.84 -18.73
N ASN A 539 -20.05 28.85 -17.96
CA ASN A 539 -18.64 29.14 -17.61
C ASN A 539 -18.39 28.85 -16.14
N LEU A 540 -17.37 28.03 -15.85
CA LEU A 540 -16.76 27.84 -14.52
C LEU A 540 -15.51 28.69 -14.50
N THR A 541 -15.40 29.61 -13.56
CA THR A 541 -14.29 30.57 -13.49
C THR A 541 -13.63 30.47 -12.13
N VAL A 542 -12.33 30.75 -12.12
CA VAL A 542 -11.57 30.95 -10.89
C VAL A 542 -11.04 32.37 -10.96
N VAL A 543 -11.56 33.22 -10.09
CA VAL A 543 -11.17 34.65 -10.05
C VAL A 543 -10.08 34.76 -8.99
N ARG A 544 -8.91 35.27 -9.39
CA ARG A 544 -7.68 35.30 -8.58
C ARG A 544 -7.15 36.72 -8.38
N THR A 545 -7.99 37.73 -8.60
CA THR A 545 -7.59 39.15 -8.40
C THR A 545 -7.18 39.37 -6.97
N ALA A 546 -7.80 38.67 -6.00
CA ALA A 546 -7.48 38.82 -4.58
C ALA A 546 -6.76 37.59 -4.03
N SER A 547 -6.32 36.63 -4.87
CA SER A 547 -5.73 35.36 -4.36
C SER A 547 -4.55 35.65 -3.44
N SER A 548 -3.74 36.67 -3.72
CA SER A 548 -2.52 36.94 -2.95
C SER A 548 -2.18 38.43 -2.88
N LEU A 549 -1.64 38.86 -1.76
CA LEU A 549 -1.00 40.20 -1.59
C LEU A 549 0.33 40.22 -2.33
N ILE A 550 0.89 39.05 -2.68
CA ILE A 550 2.18 39.01 -3.42
C ILE A 550 1.88 39.24 -4.89
N LYS A 551 2.38 40.36 -5.43
CA LYS A 551 1.94 40.87 -6.76
C LYS A 551 2.59 40.11 -7.92
N SER A 552 3.67 39.36 -7.69
CA SER A 552 4.43 38.76 -8.81
C SER A 552 3.77 37.47 -9.36
N PHE A 553 2.88 36.85 -8.61
CA PHE A 553 2.16 35.61 -9.05
C PHE A 553 1.04 35.98 -10.01
N GLY A 554 0.69 35.06 -10.89
CA GLY A 554 -0.42 35.21 -11.83
C GLY A 554 -1.71 35.50 -11.10
N ASN A 555 -2.57 36.34 -11.70
CA ASN A 555 -3.86 36.72 -11.08
C ASN A 555 -4.96 36.75 -12.13
N ASP A 556 -4.74 36.15 -13.29
CA ASP A 556 -5.71 36.05 -14.40
C ASP A 556 -6.81 35.04 -14.01
N THR A 557 -8.02 35.29 -14.52
CA THR A 557 -9.21 34.45 -14.27
C THR A 557 -9.10 33.15 -15.06
N GLU A 558 -9.25 32.01 -14.44
CA GLU A 558 -9.28 30.72 -15.16
C GLU A 558 -10.71 30.52 -15.66
N LEU A 559 -10.87 29.78 -16.74
CA LEU A 559 -12.20 29.48 -17.32
C LEU A 559 -12.26 28.08 -17.94
N ALA A 560 -13.30 27.31 -17.57
CA ALA A 560 -13.72 26.06 -18.22
C ALA A 560 -15.17 26.20 -18.72
N LYS A 561 -15.51 25.53 -19.79
CA LYS A 561 -16.92 25.36 -20.24
C LYS A 561 -17.46 24.11 -19.57
N VAL A 562 -18.67 24.16 -19.03
CA VAL A 562 -19.35 22.97 -18.46
C VAL A 562 -20.75 22.87 -19.04
N LYS A 563 -21.07 21.76 -19.67
CA LYS A 563 -22.43 21.50 -20.21
C LYS A 563 -23.22 20.77 -19.13
N LEU A 564 -24.25 21.42 -18.60
CA LEU A 564 -25.23 20.73 -17.71
C LEU A 564 -26.27 20.05 -18.60
N TYR A 565 -26.17 18.74 -18.74
CA TYR A 565 -27.11 17.89 -19.52
C TYR A 565 -28.38 17.86 -18.67
N GLU A 566 -29.45 18.49 -19.19
CA GLU A 566 -30.76 18.55 -18.49
C GLU A 566 -31.44 17.19 -18.68
N ILE A 567 -32.05 16.65 -17.63
CA ILE A 567 -32.67 15.29 -17.68
C ILE A 567 -34.19 15.44 -17.97
N VAL A 568 -34.73 14.55 -18.78
CA VAL A 568 -36.17 14.57 -19.18
C VAL A 568 -36.98 14.58 -17.89
N GLY A 569 -37.92 15.51 -17.74
CA GLY A 569 -38.79 15.54 -16.55
C GLY A 569 -38.24 16.44 -15.47
N ALA A 570 -36.98 16.83 -15.52
CA ALA A 570 -36.36 17.59 -14.43
C ALA A 570 -36.78 19.06 -14.58
N GLU A 571 -36.95 19.77 -13.48
CA GLU A 571 -37.24 21.22 -13.50
C GLU A 571 -36.04 21.99 -12.99
N SER A 572 -34.87 21.35 -12.98
CA SER A 572 -33.64 21.97 -12.46
C SER A 572 -32.44 21.29 -13.14
N LYS A 573 -31.27 21.89 -12.96
CA LYS A 573 -30.01 21.32 -13.51
C LYS A 573 -28.97 21.42 -12.38
N THR A 574 -28.07 20.44 -12.31
CA THR A 574 -27.17 20.28 -11.15
C THR A 574 -25.70 20.25 -11.57
N LEU A 575 -24.89 21.02 -10.85
CA LEU A 575 -23.39 20.99 -10.90
C LEU A 575 -22.89 20.29 -9.64
N ASN A 576 -22.24 19.14 -9.79
CA ASN A 576 -21.47 18.51 -8.70
C ASN A 576 -20.01 18.97 -8.76
N LEU A 577 -19.57 19.69 -7.77
CA LEU A 577 -18.26 20.37 -7.75
C LEU A 577 -17.46 19.78 -6.59
N THR A 578 -16.27 19.24 -6.88
CA THR A 578 -15.25 18.85 -5.88
C THR A 578 -13.99 19.69 -6.06
N VAL A 579 -13.48 20.23 -4.97
CA VAL A 579 -12.29 21.13 -4.97
C VAL A 579 -11.27 20.57 -3.98
N PHE A 580 -10.06 20.38 -4.45
CA PHE A 580 -8.88 20.04 -3.64
C PHE A 580 -8.01 21.29 -3.51
N VAL A 581 -7.70 21.63 -2.26
CA VAL A 581 -6.77 22.70 -1.89
C VAL A 581 -5.58 22.01 -1.26
N ASP A 582 -4.40 22.21 -1.82
CA ASP A 582 -3.18 21.51 -1.38
C ASP A 582 -1.97 22.44 -1.51
N GLY A 583 -1.70 23.22 -0.48
CA GLY A 583 -0.65 24.25 -0.54
C GLY A 583 -1.12 25.38 -1.42
N SER A 584 -0.56 25.48 -2.62
CA SER A 584 -0.91 26.46 -3.65
C SER A 584 -1.79 25.85 -4.73
N VAL A 585 -1.92 24.51 -4.79
CA VAL A 585 -2.76 23.88 -5.83
C VAL A 585 -4.24 24.02 -5.47
N ILE A 586 -5.01 24.44 -6.46
CA ILE A 586 -6.48 24.33 -6.42
C ILE A 586 -6.87 23.47 -7.62
N GLU A 587 -7.45 22.30 -7.38
CA GLU A 587 -7.78 21.35 -8.44
C GLU A 587 -9.27 21.05 -8.34
N ILE A 588 -9.99 21.42 -9.39
CA ILE A 588 -11.46 21.43 -9.45
C ILE A 588 -11.93 20.34 -10.39
N TYR A 589 -12.95 19.59 -9.96
CA TYR A 589 -13.60 18.57 -10.78
C TYR A 589 -15.10 18.88 -10.79
N ALA A 590 -15.69 18.88 -11.97
CA ALA A 590 -17.16 19.06 -12.11
C ALA A 590 -17.75 17.88 -12.84
N ASN A 591 -18.75 17.25 -12.23
CA ASN A 591 -19.59 16.22 -12.86
C ASN A 591 -18.73 15.10 -13.45
N ASP A 592 -17.59 14.78 -12.84
CA ASP A 592 -16.70 13.67 -13.30
C ASP A 592 -16.36 13.85 -14.78
N GLU A 593 -16.18 15.09 -15.23
CA GLU A 593 -16.02 15.40 -16.65
C GLU A 593 -15.01 16.53 -16.81
N VAL A 594 -15.21 17.63 -16.09
CA VAL A 594 -14.45 18.89 -16.33
C VAL A 594 -13.44 19.04 -15.22
N ALA A 595 -12.18 19.30 -15.57
CA ALA A 595 -11.12 19.47 -14.56
C ALA A 595 -10.44 20.80 -14.82
N LEU A 596 -10.08 21.49 -13.76
CA LEU A 596 -9.41 22.80 -13.85
C LEU A 596 -8.44 22.88 -12.69
N SER A 597 -7.14 22.86 -13.00
CA SER A 597 -6.03 22.97 -12.02
C SER A 597 -5.48 24.40 -12.06
N THR A 598 -5.30 25.01 -10.92
CA THR A 598 -4.69 26.36 -10.90
C THR A 598 -3.89 26.54 -9.61
N ARG A 599 -3.42 27.75 -9.40
CA ARG A 599 -2.48 28.07 -8.31
C ARG A 599 -2.94 29.36 -7.60
N ALA A 600 -2.80 29.37 -6.30
CA ALA A 600 -3.05 30.57 -5.45
C ALA A 600 -2.01 30.58 -4.36
N TYR A 601 -1.42 31.74 -4.12
CA TYR A 601 -0.29 31.87 -3.17
C TYR A 601 -0.55 33.00 -2.18
N PRO A 602 -1.63 32.92 -1.36
CA PRO A 602 -1.86 33.92 -0.32
C PRO A 602 -0.71 33.93 0.66
N TRP A 603 -0.32 35.13 1.08
CA TRP A 603 0.77 35.30 2.06
C TRP A 603 0.29 35.03 3.49
N LEU A 604 -0.90 35.51 3.84
CA LEU A 604 -1.26 35.56 5.29
C LEU A 604 -1.53 34.16 5.80
N ALA A 605 -1.05 33.88 6.99
CA ALA A 605 -1.20 32.58 7.67
C ALA A 605 -2.68 32.24 7.83
N ASN A 606 -3.58 33.24 7.95
CA ASN A 606 -5.00 32.87 8.19
C ASN A 606 -5.79 32.89 6.87
N SER A 607 -5.15 32.94 5.70
CA SER A 607 -5.88 32.85 4.40
C SER A 607 -6.15 31.38 4.07
N THR A 608 -6.93 30.71 4.89
CA THR A 608 -7.19 29.25 4.78
C THR A 608 -8.70 28.98 4.73
N GLY A 609 -9.54 30.00 4.92
CA GLY A 609 -10.98 29.77 5.07
C GLY A 609 -11.67 29.37 3.80
N ALA A 610 -12.90 28.90 3.94
CA ALA A 610 -13.73 28.50 2.79
C ALA A 610 -15.22 28.68 3.07
N GLY A 611 -15.98 28.78 1.99
CA GLY A 611 -17.44 28.90 2.08
C GLY A 611 -18.08 29.01 0.74
N LEU A 612 -19.36 29.40 0.77
CA LEU A 612 -20.23 29.50 -0.41
C LEU A 612 -20.24 30.90 -0.96
N LEU A 613 -20.27 30.96 -2.30
CA LEU A 613 -20.42 32.20 -3.07
C LEU A 613 -21.82 32.19 -3.68
N ALA A 614 -22.43 33.39 -3.72
CA ALA A 614 -23.77 33.61 -4.27
C ALA A 614 -23.81 34.97 -4.94
N ASP A 615 -24.28 35.01 -6.18
CA ASP A 615 -24.46 36.27 -6.94
C ASP A 615 -25.79 36.20 -7.68
N GLY A 616 -26.66 37.20 -7.45
CA GLY A 616 -27.92 37.28 -8.19
C GLY A 616 -28.90 36.22 -7.76
N THR A 617 -28.71 35.66 -6.56
CA THR A 617 -29.70 34.75 -5.95
C THR A 617 -30.81 35.61 -5.32
N THR A 618 -32.03 35.19 -5.50
CA THR A 618 -33.26 35.95 -5.11
C THR A 618 -34.31 34.99 -4.52
N ALA A 619 -35.45 35.53 -4.09
CA ALA A 619 -36.58 34.71 -3.62
C ALA A 619 -37.03 33.79 -4.77
N GLY A 620 -36.89 34.24 -6.02
CA GLY A 620 -37.36 33.52 -7.22
C GLY A 620 -36.25 32.66 -7.84
N ASP A 621 -35.00 33.14 -7.80
CA ASP A 621 -33.85 32.48 -8.50
C ASP A 621 -32.97 31.90 -7.38
N VAL A 622 -33.30 30.70 -6.94
CA VAL A 622 -32.74 30.10 -5.71
C VAL A 622 -31.71 29.06 -6.16
N VAL A 623 -30.56 29.02 -5.51
CA VAL A 623 -29.57 27.93 -5.77
C VAL A 623 -29.58 27.01 -4.55
N GLY A 624 -29.98 25.76 -4.78
CA GLY A 624 -30.00 24.74 -3.72
C GLY A 624 -28.63 24.10 -3.63
N VAL A 625 -28.01 24.17 -2.47
CA VAL A 625 -26.69 23.53 -2.22
C VAL A 625 -26.89 22.37 -1.24
N SER A 626 -26.52 21.16 -1.65
CA SER A 626 -26.61 19.95 -0.80
C SER A 626 -25.36 19.07 -0.97
N GLY A 627 -25.29 17.97 -0.24
CA GLY A 627 -24.13 17.08 -0.19
C GLY A 627 -22.85 17.82 0.15
N LEU A 628 -22.93 18.86 0.99
CA LEU A 628 -21.76 19.68 1.38
C LEU A 628 -20.89 18.91 2.38
N GLU A 629 -19.60 18.81 2.10
CA GLU A 629 -18.63 18.24 3.07
C GLU A 629 -17.30 18.96 2.95
N LEU A 630 -16.63 19.10 4.08
CA LEU A 630 -15.26 19.60 4.22
C LEU A 630 -14.41 18.44 4.72
N TRP A 631 -13.35 18.10 3.98
CA TRP A 631 -12.32 17.15 4.46
C TRP A 631 -11.10 17.98 4.86
N ASP A 632 -10.88 18.19 6.14
CA ASP A 632 -9.73 18.98 6.60
C ASP A 632 -8.52 18.07 6.90
N GLY A 633 -7.42 18.28 6.16
CA GLY A 633 -6.11 17.68 6.46
C GLY A 633 -5.58 16.83 5.31
N LEU A 634 -6.43 16.09 4.61
CA LEU A 634 -6.04 15.15 3.52
C LEU A 634 -4.99 14.18 4.10
N VAL A 635 -3.94 13.87 3.36
CA VAL A 635 -2.94 12.82 3.71
C VAL A 635 -1.57 13.45 3.50
N ASP A 636 -0.59 13.04 4.29
CA ASP A 636 0.83 13.32 4.03
C ASP A 636 1.28 12.34 2.92
N ALA A 637 1.42 12.80 1.68
CA ALA A 637 1.71 11.89 0.53
C ALA A 637 3.14 11.34 0.61
N TRP A 638 4.04 11.95 1.39
CA TRP A 638 5.45 11.56 1.44
C TRP A 638 5.90 11.39 2.89
N PRO A 639 5.44 10.35 3.59
CA PRO A 639 5.66 10.26 5.02
C PRO A 639 7.13 10.17 5.40
N ALA A 640 8.02 9.65 4.54
CA ALA A 640 9.42 9.51 4.92
C ALA A 640 10.12 10.85 4.75
N ARG A 641 9.55 11.82 4.06
CA ARG A 641 10.28 13.07 3.75
C ARG A 641 10.11 14.01 4.95
N PRO A 642 11.15 14.70 5.40
CA PRO A 642 10.94 15.84 6.31
C PRO A 642 10.21 16.97 5.58
N ALA A 643 9.81 18.02 6.33
CA ALA A 643 9.07 19.17 5.75
C ALA A 643 9.94 19.90 4.73
N ASN A 644 11.22 20.04 5.00
CA ASN A 644 12.15 20.77 4.09
C ASN A 644 13.11 19.75 3.48
N THR A 645 12.88 19.34 2.22
CA THR A 645 13.77 18.41 1.49
C THR A 645 14.66 19.18 0.54
N SER A 646 14.78 20.49 0.69
CA SER A 646 15.76 21.25 -0.14
C SER A 646 17.16 20.68 0.10
N GLN A 647 17.98 20.65 -0.94
CA GLN A 647 19.43 20.38 -0.83
C GLN A 647 20.18 21.62 -1.29
N GLY A 648 19.52 22.79 -1.36
CA GLY A 648 20.14 23.99 -1.96
C GLY A 648 20.03 24.01 -3.45
N LEU A 649 20.42 25.13 -4.05
CA LEU A 649 20.40 25.31 -5.50
C LEU A 649 21.81 25.56 -5.97
N VAL A 650 22.07 25.24 -7.24
CA VAL A 650 23.41 25.44 -7.82
C VAL A 650 23.28 26.14 -9.15
N TRP A 651 24.39 26.77 -9.55
CA TRP A 651 24.54 27.39 -10.85
C TRP A 651 25.48 26.55 -11.72
N ASP A 652 25.12 26.36 -12.98
CA ASP A 652 25.95 25.57 -13.92
C ASP A 652 27.21 26.39 -14.30
N GLY A 653 27.21 27.68 -14.02
CA GLY A 653 28.36 28.54 -14.33
C GLY A 653 28.32 29.06 -15.75
N PRO A 654 29.39 29.78 -16.14
CA PRO A 654 29.42 30.43 -17.44
C PRO A 654 29.28 29.53 -18.67
N THR A 655 29.59 28.22 -18.55
CA THR A 655 29.47 27.31 -19.71
C THR A 655 27.99 27.14 -20.09
N ALA A 656 27.04 27.35 -19.18
CA ALA A 656 25.62 27.13 -19.53
C ALA A 656 25.26 27.98 -20.75
N ALA A 657 25.71 29.22 -20.79
CA ALA A 657 25.42 30.16 -21.88
C ALA A 657 26.25 29.78 -23.11
N MET A 658 27.43 29.17 -22.93
CA MET A 658 28.25 28.76 -24.10
C MET A 658 27.59 27.57 -24.81
N TYR A 659 27.11 26.58 -24.06
CA TYR A 659 26.46 25.39 -24.65
C TYR A 659 25.09 25.81 -25.22
N GLY A 660 24.39 26.69 -24.52
CA GLY A 660 23.12 27.26 -25.00
C GLY A 660 21.96 26.26 -24.89
N LEU A 661 22.07 25.20 -24.09
CA LEU A 661 21.01 24.16 -24.01
C LEU A 661 20.07 24.40 -22.84
N PHE A 662 20.61 24.83 -21.71
CA PHE A 662 19.88 24.91 -20.42
C PHE A 662 20.06 26.32 -19.86
N ALA A 663 19.08 26.82 -19.11
CA ALA A 663 19.20 28.13 -18.42
C ALA A 663 20.43 28.12 -17.52
N GLY A 664 20.69 27.01 -16.83
CA GLY A 664 21.85 26.85 -15.94
C GLY A 664 21.52 27.05 -14.48
N TYR A 665 20.26 27.33 -14.13
CA TYR A 665 19.85 27.50 -12.71
C TYR A 665 18.47 26.89 -12.52
N CYS B 42 5.60 -41.35 -9.35
CA CYS B 42 4.89 -40.25 -8.63
C CYS B 42 3.67 -39.77 -9.42
N SER B 43 2.47 -40.05 -8.93
CA SER B 43 1.22 -39.54 -9.54
C SER B 43 0.75 -38.30 -8.77
N LEU B 44 0.43 -37.24 -9.51
CA LEU B 44 -0.14 -35.99 -8.96
C LEU B 44 -1.63 -35.95 -9.26
N ASP B 45 -2.23 -37.11 -9.51
CA ASP B 45 -3.68 -37.18 -9.84
C ASP B 45 -4.46 -36.96 -8.55
N GLN B 46 -5.04 -35.77 -8.37
CA GLN B 46 -5.81 -35.45 -7.14
C GLN B 46 -7.30 -35.80 -7.31
N THR B 47 -7.67 -36.55 -8.38
CA THR B 47 -9.05 -37.07 -8.55
C THR B 47 -9.17 -38.47 -7.98
N VAL B 48 -8.06 -39.11 -7.59
CA VAL B 48 -8.07 -40.48 -6.98
C VAL B 48 -7.22 -40.46 -5.72
N ALA B 49 -7.35 -41.49 -4.88
CA ALA B 49 -6.60 -41.62 -3.61
C ALA B 49 -5.11 -41.44 -3.88
N PRO B 50 -4.34 -40.91 -2.92
CA PRO B 50 -2.93 -40.66 -3.12
C PRO B 50 -2.18 -42.00 -3.10
N GLY B 51 -1.15 -42.09 -3.91
CA GLY B 51 -0.18 -43.19 -3.79
C GLY B 51 0.89 -42.86 -2.81
N ASN B 52 2.04 -43.43 -3.06
CA ASN B 52 3.25 -43.29 -2.22
C ASN B 52 3.91 -41.97 -2.63
N LEU B 53 3.58 -40.87 -1.97
CA LEU B 53 4.09 -39.54 -2.38
C LEU B 53 5.58 -39.40 -2.04
N THR B 54 6.17 -40.29 -1.23
CA THR B 54 7.64 -40.29 -0.98
C THR B 54 8.42 -40.59 -2.25
N LEU B 55 7.78 -41.10 -3.30
CA LEU B 55 8.46 -41.35 -4.59
C LEU B 55 8.56 -40.06 -5.41
N CYS B 56 7.82 -39.02 -5.06
CA CYS B 56 7.81 -37.74 -5.80
C CYS B 56 9.15 -37.00 -5.61
N GLY B 57 9.56 -36.25 -6.63
CA GLY B 57 10.82 -35.49 -6.65
C GLY B 57 10.72 -34.25 -5.76
N ASN B 58 11.83 -33.56 -5.62
CA ASN B 58 11.92 -32.32 -4.81
C ASN B 58 10.94 -31.29 -5.37
N ALA B 59 10.16 -30.67 -4.51
CA ALA B 59 9.28 -29.52 -4.84
C ALA B 59 8.23 -29.92 -5.87
N THR B 60 7.94 -31.22 -6.03
CA THR B 60 6.84 -31.65 -6.93
C THR B 60 5.51 -31.36 -6.26
N LEU B 61 5.46 -31.27 -4.94
CA LEU B 61 4.21 -30.88 -4.23
C LEU B 61 4.25 -29.40 -3.82
N PHE B 62 4.98 -28.55 -4.52
CA PHE B 62 5.20 -27.15 -4.06
C PHE B 62 3.85 -26.43 -3.96
N THR B 63 2.99 -26.50 -4.96
CA THR B 63 1.75 -25.67 -5.00
C THR B 63 0.58 -26.42 -4.32
N THR B 64 0.73 -27.71 -4.05
CA THR B 64 -0.43 -28.60 -3.68
C THR B 64 -1.11 -28.09 -2.42
N PHE B 65 -0.36 -27.76 -1.37
CA PHE B 65 -0.89 -27.41 -0.04
C PHE B 65 -0.51 -25.98 0.38
N ARG B 66 0.07 -25.23 -0.54
CA ARG B 66 0.80 -24.00 -0.17
C ARG B 66 -0.17 -22.83 0.09
N PRO B 67 -0.04 -22.14 1.24
CA PRO B 67 -0.80 -20.91 1.47
C PRO B 67 -0.50 -19.86 0.39
N LYS B 68 -1.53 -19.09 -0.02
CA LYS B 68 -1.39 -18.01 -1.00
C LYS B 68 -1.74 -16.63 -0.43
N ALA B 69 -2.42 -16.55 0.72
CA ALA B 69 -3.03 -15.28 1.20
C ALA B 69 -2.27 -14.69 2.39
N ARG B 70 -1.07 -15.21 2.69
CA ARG B 70 -0.33 -14.81 3.90
C ARG B 70 1.16 -14.70 3.65
N PHE B 71 1.86 -14.22 4.64
CA PHE B 71 3.33 -14.09 4.57
C PHE B 71 3.96 -15.48 4.60
N ILE B 72 4.83 -15.76 3.63
CA ILE B 72 5.59 -17.03 3.56
C ILE B 72 6.84 -16.72 2.74
N ALA B 73 7.96 -17.36 3.03
CA ALA B 73 9.19 -17.24 2.22
C ALA B 73 8.94 -17.69 0.79
N PRO B 74 9.77 -17.26 -0.17
CA PRO B 74 9.66 -17.77 -1.54
C PRO B 74 9.78 -19.29 -1.62
N GLU B 75 10.62 -19.88 -0.77
CA GLU B 75 10.88 -21.32 -0.83
C GLU B 75 11.72 -21.69 0.39
N GLY B 76 11.87 -22.98 0.65
CA GLY B 76 12.78 -23.47 1.68
C GLY B 76 12.20 -23.30 3.07
N TRP B 77 13.09 -23.34 4.02
CA TRP B 77 12.78 -23.36 5.46
C TRP B 77 12.56 -21.93 5.96
N MET B 78 11.51 -21.71 6.73
CA MET B 78 11.39 -20.45 7.50
C MET B 78 10.91 -20.79 8.91
N ASN B 79 11.26 -19.94 9.88
CA ASN B 79 10.65 -20.05 11.23
C ASN B 79 10.32 -18.62 11.71
N ASP B 80 10.83 -18.21 12.85
CA ASP B 80 10.34 -17.03 13.60
C ASP B 80 10.37 -15.77 12.75
N PRO B 81 9.33 -14.91 12.91
CA PRO B 81 9.44 -13.52 12.55
C PRO B 81 10.56 -12.83 13.32
N MET B 82 11.18 -11.84 12.68
CA MET B 82 12.27 -11.07 13.33
C MET B 82 12.41 -9.70 12.64
N GLY B 83 13.05 -8.76 13.30
CA GLY B 83 13.40 -7.47 12.69
C GLY B 83 12.17 -6.68 12.25
N LEU B 84 11.02 -6.84 12.92
CA LEU B 84 9.76 -6.16 12.54
C LEU B 84 9.82 -4.68 12.89
N TYR B 85 9.50 -3.83 11.93
CA TYR B 85 9.34 -2.37 12.20
C TYR B 85 8.56 -1.70 11.09
N GLN B 86 7.90 -0.63 11.49
CA GLN B 86 7.24 0.27 10.53
C GLN B 86 8.29 1.23 10.06
N ARG B 87 8.57 1.26 8.76
CA ARG B 87 9.58 2.15 8.19
C ARG B 87 9.05 3.61 8.12
N ALA B 88 9.93 4.54 7.82
CA ALA B 88 9.63 6.00 7.81
C ALA B 88 8.54 6.28 6.78
N ASP B 89 8.44 5.49 5.71
CA ASP B 89 7.40 5.73 4.66
C ASP B 89 6.08 5.10 5.06
N GLY B 90 5.97 4.54 6.26
CA GLY B 90 4.71 3.94 6.74
C GLY B 90 4.58 2.48 6.37
N SER B 91 5.42 1.94 5.49
CA SER B 91 5.36 0.50 5.15
C SER B 91 5.89 -0.35 6.31
N ILE B 92 5.58 -1.65 6.27
CA ILE B 92 6.01 -2.62 7.28
C ILE B 92 7.16 -3.42 6.72
N HIS B 93 8.27 -3.47 7.45
CA HIS B 93 9.39 -4.37 7.18
C HIS B 93 9.22 -5.60 8.06
N ALA B 94 9.20 -6.79 7.46
CA ALA B 94 9.15 -8.08 8.18
C ALA B 94 10.34 -8.91 7.77
N GLY B 95 11.14 -9.26 8.78
CA GLY B 95 12.16 -10.31 8.65
C GLY B 95 11.63 -11.66 9.07
N TYR B 96 12.40 -12.70 8.78
CA TYR B 96 12.10 -14.05 9.25
C TYR B 96 13.36 -14.91 9.18
N GLN B 97 13.46 -15.80 10.14
CA GLN B 97 14.49 -16.87 10.20
C GLN B 97 14.32 -17.71 8.94
N SER B 98 15.37 -17.81 8.12
CA SER B 98 15.33 -18.34 6.74
C SER B 98 16.52 -19.27 6.47
N HIS B 99 16.26 -20.42 5.82
CA HIS B 99 17.29 -21.33 5.25
C HIS B 99 16.84 -21.69 3.84
N PRO B 100 17.17 -20.86 2.83
CA PRO B 100 16.80 -21.13 1.44
C PRO B 100 17.36 -22.46 0.95
N LYS B 101 16.62 -23.08 0.03
CA LYS B 101 17.06 -24.30 -0.71
C LYS B 101 17.30 -25.47 0.25
N HIS B 102 16.74 -25.40 1.45
CA HIS B 102 16.79 -26.48 2.45
C HIS B 102 15.38 -26.61 3.02
N ILE B 103 15.06 -27.74 3.65
CA ILE B 103 13.75 -27.92 4.34
C ILE B 103 13.93 -28.25 5.81
N GLN B 104 15.14 -28.08 6.33
CA GLN B 104 15.38 -28.07 7.78
C GLN B 104 16.17 -26.79 8.11
N TRP B 105 16.12 -26.41 9.37
CA TRP B 105 16.85 -25.28 9.95
C TRP B 105 18.37 -25.37 9.73
N GLY B 106 19.01 -24.22 9.56
CA GLY B 106 20.46 -24.11 9.57
C GLY B 106 20.92 -22.87 8.86
N ASN B 107 22.20 -22.54 9.04
CA ASN B 107 22.82 -21.30 8.53
C ASN B 107 21.83 -20.13 8.68
N ILE B 108 21.20 -20.06 9.83
CA ILE B 108 19.92 -19.32 9.88
C ILE B 108 20.22 -17.84 9.64
N SER B 109 19.38 -17.22 8.81
CA SER B 109 19.60 -15.88 8.23
C SER B 109 18.30 -15.13 8.35
N GLN B 110 18.35 -13.83 8.13
CA GLN B 110 17.15 -13.00 7.99
C GLN B 110 16.76 -12.92 6.52
N GLY B 111 15.63 -13.52 6.17
CA GLY B 111 14.90 -13.22 4.93
C GLY B 111 14.04 -11.99 5.17
N ALA B 112 13.64 -11.23 4.14
CA ALA B 112 12.87 -10.01 4.43
C ALA B 112 11.96 -9.65 3.28
N ALA B 113 10.94 -8.87 3.63
CA ALA B 113 9.94 -8.39 2.66
C ALA B 113 9.27 -7.15 3.25
N TYR B 114 8.53 -6.42 2.43
CA TYR B 114 7.80 -5.26 2.96
C TYR B 114 6.42 -5.18 2.34
N SER B 115 5.55 -4.41 3.02
CA SER B 115 4.14 -4.27 2.68
C SER B 115 3.64 -2.90 3.13
N SER B 116 2.72 -2.32 2.40
CA SER B 116 2.06 -1.09 2.89
C SER B 116 0.79 -1.43 3.69
N ASP B 117 0.33 -2.69 3.76
CA ASP B 117 -1.01 -2.98 4.36
C ASP B 117 -1.05 -4.32 5.11
N PHE B 118 0.11 -4.88 5.51
CA PHE B 118 0.29 -6.19 6.17
C PHE B 118 -0.13 -7.36 5.30
N THR B 119 -0.64 -7.14 4.09
CA THR B 119 -1.46 -8.12 3.35
C THR B 119 -0.82 -8.51 2.01
N SER B 120 -0.45 -7.52 1.20
CA SER B 120 0.22 -7.70 -0.10
C SER B 120 1.70 -7.37 0.08
N TRP B 121 2.60 -8.32 -0.20
CA TRP B 121 4.03 -8.20 0.18
C TRP B 121 4.92 -8.15 -1.08
N THR B 122 6.10 -7.60 -0.92
CA THR B 122 7.16 -7.55 -1.93
C THR B 122 8.43 -8.08 -1.30
N ASP B 123 9.11 -9.01 -1.95
CA ASP B 123 10.42 -9.50 -1.43
C ASP B 123 11.49 -8.44 -1.63
N PHE B 124 12.47 -8.36 -0.72
CA PHE B 124 13.74 -7.70 -1.05
C PHE B 124 14.51 -8.58 -2.03
N ASN B 125 15.34 -7.97 -2.87
CA ASN B 125 16.14 -8.74 -3.85
C ASN B 125 17.52 -8.09 -3.93
N GLY B 126 18.53 -8.73 -3.39
CA GLY B 126 19.87 -8.14 -3.34
C GLY B 126 20.88 -9.19 -3.74
N SER B 127 22.13 -9.03 -3.33
CA SER B 127 23.21 -9.96 -3.72
C SER B 127 22.91 -11.37 -3.19
N GLU B 128 22.19 -11.48 -2.05
CA GLU B 128 21.86 -12.80 -1.46
C GLU B 128 20.38 -13.11 -1.63
N GLY B 129 19.82 -12.71 -2.76
CA GLY B 129 18.40 -12.94 -3.08
C GLY B 129 17.53 -12.22 -2.06
N TYR B 130 16.69 -12.94 -1.32
CA TYR B 130 15.73 -12.30 -0.39
C TYR B 130 16.32 -12.26 1.03
N LYS B 131 17.53 -12.76 1.24
CA LYS B 131 18.21 -12.59 2.53
C LYS B 131 18.81 -11.19 2.68
N THR B 132 18.83 -10.69 3.91
CA THR B 132 19.43 -9.36 4.17
C THR B 132 20.44 -9.39 5.32
N ILE B 133 20.43 -10.42 6.13
CA ILE B 133 21.50 -10.69 7.15
C ILE B 133 21.77 -12.19 7.15
N TRP B 134 23.03 -12.56 7.24
CA TRP B 134 23.44 -13.98 7.15
C TRP B 134 24.67 -14.15 8.03
N PRO B 135 24.93 -15.39 8.49
CA PRO B 135 26.21 -15.65 9.17
C PRO B 135 27.42 -15.21 8.34
N SER B 136 28.38 -14.49 8.94
CA SER B 136 29.53 -13.96 8.17
C SER B 136 30.77 -13.71 9.04
N GLN B 137 30.65 -13.80 10.35
CA GLN B 137 31.71 -13.40 11.32
C GLN B 137 31.88 -14.49 12.37
N ILE B 138 33.04 -14.54 13.01
CA ILE B 138 33.26 -15.61 14.02
C ILE B 138 32.11 -15.57 15.06
N TYR B 139 31.53 -14.41 15.35
CA TYR B 139 30.56 -14.25 16.48
C TYR B 139 29.15 -14.70 16.07
N ASP B 140 28.84 -14.76 14.76
CA ASP B 140 27.50 -15.15 14.29
C ASP B 140 27.55 -16.26 13.23
N ILE B 141 28.67 -16.96 13.07
CA ILE B 141 28.82 -17.91 11.94
C ILE B 141 27.88 -19.11 12.13
N ARG B 142 27.41 -19.36 13.34
CA ARG B 142 26.56 -20.53 13.60
C ARG B 142 25.11 -20.19 13.35
N GLY B 143 24.80 -18.91 13.12
CA GLY B 143 23.42 -18.48 12.88
C GLY B 143 23.16 -17.07 13.39
N VAL B 144 22.41 -16.34 12.60
CA VAL B 144 21.84 -15.02 12.93
C VAL B 144 20.43 -15.32 13.41
N PHE B 145 20.28 -15.41 14.72
CA PHE B 145 19.00 -15.77 15.35
C PHE B 145 18.14 -14.50 15.36
N ASP B 146 17.05 -14.55 16.08
CA ASP B 146 16.02 -13.52 16.22
C ASP B 146 16.66 -12.20 16.66
N GLY B 147 16.04 -11.09 16.30
CA GLY B 147 16.47 -9.77 16.77
C GLY B 147 15.34 -8.77 16.59
N SER B 148 15.49 -7.61 17.18
CA SER B 148 14.43 -6.58 17.12
C SER B 148 15.06 -5.21 16.84
N ILE B 149 14.22 -4.23 16.59
CA ILE B 149 14.64 -2.97 15.92
C ILE B 149 14.65 -1.83 16.94
N ILE B 150 15.73 -1.10 16.87
CA ILE B 150 15.90 0.28 17.44
C ILE B 150 15.61 1.22 16.28
N LYS B 151 14.49 1.92 16.27
CA LYS B 151 14.06 2.68 15.07
C LYS B 151 15.06 3.79 14.78
N GLU B 152 15.59 4.46 15.82
CA GLU B 152 16.57 5.54 15.62
C GLU B 152 17.83 5.14 16.35
N GLY B 153 18.70 4.40 15.66
CA GLY B 153 19.84 3.76 16.33
C GLY B 153 21.14 4.38 15.87
N ILE B 154 22.05 3.54 15.40
CA ILE B 154 23.43 3.96 15.03
C ILE B 154 23.31 5.02 13.95
N ASP B 155 23.89 6.20 14.18
CA ASP B 155 23.91 7.35 13.24
C ASP B 155 22.48 7.74 12.85
N GLY B 156 21.49 7.43 13.68
CA GLY B 156 20.07 7.75 13.44
C GLY B 156 19.37 6.72 12.55
N TYR B 157 20.03 5.64 12.16
CA TYR B 157 19.46 4.63 11.23
C TYR B 157 18.74 3.53 12.03
N PRO B 158 17.78 2.87 11.39
CA PRO B 158 17.17 1.69 11.98
C PRO B 158 18.29 0.68 12.24
N THR B 159 18.25 0.08 13.41
CA THR B 159 19.33 -0.75 13.99
C THR B 159 18.69 -2.02 14.53
N ILE B 160 19.27 -3.19 14.23
CA ILE B 160 18.76 -4.46 14.80
C ILE B 160 19.76 -4.88 15.87
N LEU B 161 19.22 -5.35 17.00
CA LEU B 161 19.96 -6.07 18.03
C LEU B 161 19.53 -7.53 17.90
N TYR B 162 20.47 -8.41 17.59
CA TYR B 162 20.13 -9.81 17.23
C TYR B 162 21.06 -10.75 17.97
N THR B 163 20.59 -11.98 18.15
CA THR B 163 21.44 -13.03 18.75
C THR B 163 22.41 -13.56 17.69
N SER B 164 23.69 -13.34 17.95
CA SER B 164 24.80 -13.81 17.11
C SER B 164 25.29 -15.08 17.77
N THR B 165 25.23 -16.20 17.06
CA THR B 165 25.65 -17.49 17.61
C THR B 165 26.97 -17.99 17.00
N SER B 166 27.78 -18.59 17.86
CA SER B 166 29.05 -19.22 17.46
C SER B 166 29.03 -20.69 17.84
N PHE B 167 30.20 -21.29 17.91
N PHE B 167 30.20 -21.34 17.83
CA PHE B 167 30.35 -22.74 18.10
CA PHE B 167 30.36 -22.81 18.04
C PHE B 167 30.00 -23.14 19.53
C PHE B 167 30.03 -23.15 19.49
N GLY B 168 29.72 -24.44 19.69
CA GLY B 168 29.54 -25.05 21.01
C GLY B 168 28.13 -25.61 21.19
N PRO B 169 27.95 -26.47 22.20
CA PRO B 169 26.62 -26.98 22.51
C PRO B 169 25.69 -25.76 22.72
N LEU B 170 24.52 -25.82 22.11
CA LEU B 170 23.52 -24.72 22.20
C LEU B 170 22.16 -25.35 22.46
N GLY B 171 21.58 -25.09 23.63
CA GLY B 171 20.25 -25.64 23.93
C GLY B 171 19.98 -25.70 25.40
N ALA B 172 18.69 -25.59 25.75
CA ALA B 172 18.19 -25.64 27.13
C ALA B 172 18.49 -27.01 27.78
N THR B 173 18.60 -28.09 26.99
CA THR B 173 18.89 -29.44 27.55
C THR B 173 20.36 -29.82 27.37
N LEU B 174 21.21 -28.90 26.90
CA LEU B 174 22.67 -29.19 26.73
C LEU B 174 23.42 -28.34 27.74
N ASN B 175 24.74 -28.50 27.78
CA ASN B 175 25.61 -27.72 28.69
C ASN B 175 26.21 -26.57 27.88
N GLU B 176 25.43 -25.53 27.62
CA GLU B 176 25.87 -24.34 26.86
C GLU B 176 26.87 -23.56 27.69
N ALA B 177 27.84 -22.93 27.03
CA ALA B 177 28.81 -22.03 27.66
C ALA B 177 28.65 -20.62 27.12
N GLU B 178 29.12 -19.69 27.91
CA GLU B 178 29.23 -18.27 27.58
C GLU B 178 29.95 -18.11 26.24
N GLY B 179 29.42 -17.26 25.37
CA GLY B 179 30.02 -16.94 24.05
C GLY B 179 29.29 -17.60 22.91
N THR B 180 28.67 -18.75 23.14
CA THR B 180 27.94 -19.48 22.08
C THR B 180 26.80 -18.59 21.58
N GLU B 181 26.11 -17.91 22.50
CA GLU B 181 25.02 -16.96 22.13
C GLU B 181 25.41 -15.60 22.67
N THR B 182 25.59 -14.63 21.79
CA THR B 182 25.86 -13.22 22.15
C THR B 182 24.82 -12.36 21.44
N GLN B 183 24.88 -11.05 21.67
CA GLN B 183 23.93 -10.11 21.05
C GLN B 183 24.78 -9.05 20.34
N SER B 184 24.42 -8.79 19.09
CA SER B 184 25.20 -7.95 18.18
C SER B 184 24.28 -6.93 17.51
N LEU B 185 24.88 -5.87 16.99
CA LEU B 185 24.17 -4.79 16.30
C LEU B 185 24.50 -4.78 14.79
N ALA B 186 23.51 -4.37 14.00
CA ALA B 186 23.69 -3.98 12.60
C ALA B 186 22.70 -2.86 12.28
N TYR B 187 23.04 -2.00 11.34
CA TYR B 187 22.14 -0.91 10.96
C TYR B 187 21.95 -0.90 9.45
N THR B 188 20.89 -0.24 8.99
CA THR B 188 20.52 -0.16 7.57
C THR B 188 20.50 1.31 7.15
N THR B 189 21.21 1.62 6.07
CA THR B 189 21.16 2.96 5.44
C THR B 189 20.22 2.92 4.24
N ASP B 190 19.54 1.81 3.97
CA ASP B 190 18.71 1.68 2.75
C ASP B 190 17.38 1.00 3.10
N ASP B 191 16.84 1.31 4.27
CA ASP B 191 15.47 0.90 4.69
C ASP B 191 15.31 -0.62 4.61
N GLY B 192 16.34 -1.41 4.96
CA GLY B 192 16.21 -2.86 5.11
C GLY B 192 16.67 -3.62 3.88
N ALA B 193 17.12 -2.94 2.81
CA ALA B 193 17.65 -3.72 1.66
C ALA B 193 18.94 -4.40 2.08
N SER B 194 19.71 -3.79 2.96
CA SER B 194 20.98 -4.36 3.45
C SER B 194 21.23 -3.88 4.86
N TRP B 195 22.11 -4.58 5.58
CA TRP B 195 22.46 -4.23 6.96
C TRP B 195 23.98 -4.26 7.04
N ILE B 196 24.51 -3.29 7.76
CA ILE B 196 25.95 -3.23 8.10
C ILE B 196 26.14 -3.60 9.57
N LYS B 197 26.91 -4.63 9.82
CA LYS B 197 27.24 -5.04 11.21
C LYS B 197 28.30 -4.10 11.73
N LEU B 198 28.25 -3.81 13.03
CA LEU B 198 29.43 -3.19 13.66
C LEU B 198 30.60 -4.16 13.52
N GLY B 199 31.81 -3.63 13.59
CA GLY B 199 33.06 -4.42 13.63
C GLY B 199 33.09 -5.42 14.75
N TYR B 200 33.86 -6.50 14.54
CA TYR B 200 34.17 -7.45 15.62
C TYR B 200 35.22 -6.82 16.51
N GLY B 201 34.96 -6.80 17.81
CA GLY B 201 36.07 -6.42 18.71
C GLY B 201 35.65 -5.72 19.98
N ALA B 202 36.66 -5.37 20.77
CA ALA B 202 36.47 -4.64 22.05
C ALA B 202 35.72 -3.34 21.76
N GLY B 203 34.61 -3.13 22.45
CA GLY B 203 33.83 -1.88 22.36
C GLY B 203 32.96 -1.89 21.12
N GLN B 204 32.91 -3.00 20.40
CA GLN B 204 32.07 -3.14 19.18
C GLN B 204 31.33 -4.49 19.30
N ASN B 205 31.07 -5.22 18.21
CA ASN B 205 30.30 -6.48 18.30
C ASN B 205 31.17 -7.60 18.86
N PRO B 206 30.58 -8.55 19.58
CA PRO B 206 29.19 -8.44 20.05
C PRO B 206 29.11 -7.50 21.26
N VAL B 207 27.97 -6.83 21.42
CA VAL B 207 27.79 -5.76 22.45
C VAL B 207 27.32 -6.37 23.78
N ILE B 208 26.66 -7.52 23.77
CA ILE B 208 26.27 -8.20 25.02
C ILE B 208 26.77 -9.64 24.95
N TYR B 209 27.67 -10.04 25.84
CA TYR B 209 28.25 -11.40 25.78
C TYR B 209 28.37 -12.08 27.16
N GLU B 210 28.46 -11.29 28.23
CA GLU B 210 28.56 -11.84 29.61
C GLU B 210 27.21 -12.34 30.05
N TRP B 211 27.16 -13.57 30.52
CA TRP B 211 25.94 -14.13 31.13
C TRP B 211 25.63 -13.37 32.40
N PRO B 212 24.40 -12.87 32.55
CA PRO B 212 24.03 -12.15 33.77
C PRO B 212 23.87 -13.06 34.99
N GLU B 213 23.74 -14.36 34.81
CA GLU B 213 23.61 -15.37 35.90
C GLU B 213 24.33 -16.62 35.37
N THR B 214 24.71 -17.55 36.24
CA THR B 214 25.45 -18.78 35.83
C THR B 214 24.47 -19.84 35.36
N ASN B 215 24.97 -20.83 34.62
CA ASN B 215 24.25 -22.07 34.22
C ASN B 215 22.96 -21.70 33.48
N LEU B 216 23.05 -20.81 32.50
CA LEU B 216 21.85 -20.46 31.68
C LEU B 216 21.45 -21.66 30.81
N THR B 217 20.15 -21.78 30.58
CA THR B 217 19.55 -22.70 29.60
C THR B 217 19.54 -22.04 28.23
N GLY B 218 19.65 -20.72 28.17
CA GLY B 218 19.53 -19.98 26.91
C GLY B 218 19.76 -18.51 27.14
N PHE B 219 20.17 -17.80 26.09
CA PHE B 219 20.50 -16.37 26.20
C PHE B 219 20.28 -15.72 24.84
N ARG B 220 19.04 -15.49 24.46
CA ARG B 220 18.75 -15.12 23.05
C ARG B 220 17.47 -14.30 22.91
N ASP B 221 17.26 -13.83 21.70
CA ASP B 221 16.01 -13.18 21.23
C ASP B 221 15.87 -11.83 21.93
N PRO B 222 16.81 -10.89 21.74
CA PRO B 222 16.78 -9.61 22.41
C PRO B 222 15.58 -8.81 21.88
N TYR B 223 14.79 -8.26 22.78
CA TYR B 223 13.59 -7.48 22.46
C TYR B 223 13.79 -6.08 22.97
N VAL B 224 14.00 -5.13 22.04
CA VAL B 224 14.30 -3.73 22.41
C VAL B 224 12.99 -2.96 22.41
N PHE B 225 12.80 -2.10 23.41
CA PHE B 225 11.52 -1.34 23.52
C PHE B 225 11.78 -0.07 24.34
N GLN B 226 10.97 0.94 24.08
CA GLN B 226 10.89 2.16 24.90
C GLN B 226 9.76 1.90 25.88
N SER B 227 9.86 2.51 27.06
CA SER B 227 8.84 2.34 28.12
C SER B 227 8.85 3.56 29.04
N PRO B 228 8.00 4.56 28.77
CA PRO B 228 7.75 5.64 29.73
C PRO B 228 7.41 5.06 31.12
N ARG B 229 6.71 3.92 31.13
CA ARG B 229 6.32 3.25 32.40
C ARG B 229 7.56 2.81 33.17
N LEU B 230 8.45 2.05 32.55
CA LEU B 230 9.65 1.59 33.27
C LEU B 230 10.55 2.79 33.58
N GLU B 231 10.64 3.81 32.72
CA GLU B 231 11.51 4.98 33.01
C GLU B 231 11.00 5.66 34.31
N ALA B 232 9.68 5.84 34.42
CA ALA B 232 9.00 6.46 35.59
C ALA B 232 9.30 5.62 36.83
N LEU B 233 9.15 4.31 36.75
CA LEU B 233 9.36 3.39 37.90
C LEU B 233 10.82 3.41 38.31
N LEU B 234 11.77 3.58 37.40
CA LEU B 234 13.20 3.42 37.77
C LEU B 234 13.85 4.77 38.08
N ALA B 235 13.19 5.91 37.81
CA ALA B 235 13.81 7.26 37.79
C ALA B 235 14.55 7.55 39.09
N ASN B 236 14.04 7.06 40.23
CA ASN B 236 14.62 7.39 41.56
C ASN B 236 15.69 6.38 41.93
N THR B 237 16.06 5.46 41.02
CA THR B 237 17.10 4.43 41.27
C THR B 237 18.26 4.59 40.29
N THR B 238 18.23 5.59 39.39
CA THR B 238 19.27 5.73 38.33
C THR B 238 20.61 6.11 38.95
N SER B 239 20.66 6.65 40.18
CA SER B 239 21.95 6.84 40.90
C SER B 239 22.53 5.50 41.36
N ILE B 240 21.72 4.46 41.56
CA ILE B 240 22.23 3.11 41.94
C ILE B 240 22.89 2.42 40.72
N THR B 241 22.30 2.48 39.53
CA THR B 241 22.74 1.65 38.37
C THR B 241 23.50 2.47 37.34
N ASN B 242 23.29 3.79 37.32
CA ASN B 242 23.80 4.74 36.30
C ASN B 242 23.25 4.44 34.89
N ALA B 243 22.24 3.59 34.74
CA ALA B 243 21.59 3.33 33.43
C ALA B 243 20.42 4.34 33.28
N THR B 244 20.52 5.23 32.31
CA THR B 244 19.53 6.31 32.09
C THR B 244 19.06 6.38 30.65
N GLY B 245 19.37 5.39 29.81
CA GLY B 245 18.88 5.42 28.41
C GLY B 245 17.38 5.26 28.28
N ASP B 246 16.87 5.60 27.10
CA ASP B 246 15.43 5.55 26.76
C ASP B 246 15.06 4.21 26.10
N HIS B 247 15.99 3.26 25.99
CA HIS B 247 15.67 1.90 25.47
C HIS B 247 15.95 0.87 26.51
N PHE B 248 15.03 -0.08 26.60
CA PHE B 248 15.22 -1.31 27.39
C PHE B 248 15.40 -2.47 26.41
N ALA B 249 15.97 -3.57 26.88
CA ALA B 249 16.01 -4.83 26.13
C ALA B 249 15.82 -6.00 27.09
N THR B 250 14.99 -6.94 26.71
CA THR B 250 14.94 -8.24 27.41
C THR B 250 15.72 -9.26 26.60
N ILE B 251 16.36 -10.17 27.32
CA ILE B 251 16.95 -11.38 26.71
C ILE B 251 16.27 -12.60 27.33
N SER B 252 15.90 -13.56 26.49
CA SER B 252 15.11 -14.76 26.87
C SER B 252 16.04 -15.92 27.24
N GLY B 253 15.74 -16.56 28.38
CA GLY B 253 16.48 -17.77 28.76
C GLY B 253 15.89 -18.46 29.98
N GLY B 254 16.78 -18.88 30.87
CA GLY B 254 16.42 -19.65 32.05
C GLY B 254 17.67 -20.11 32.75
N VAL B 255 17.48 -20.85 33.84
CA VAL B 255 18.61 -21.35 34.69
C VAL B 255 18.43 -22.86 34.83
N HIS B 256 19.49 -23.63 34.59
CA HIS B 256 19.43 -25.11 34.64
C HIS B 256 18.78 -25.56 35.97
N GLY B 257 17.80 -26.44 35.87
CA GLY B 257 17.00 -27.01 36.97
C GLY B 257 16.08 -26.02 37.66
N ASP B 258 16.01 -24.74 37.28
CA ASP B 258 15.33 -23.72 38.13
C ASP B 258 14.35 -22.84 37.35
N GLY B 259 13.99 -23.22 36.13
CA GLY B 259 12.92 -22.54 35.35
C GLY B 259 13.44 -21.44 34.43
N ALA B 260 12.50 -20.83 33.70
CA ALA B 260 12.74 -19.78 32.69
C ALA B 260 13.00 -18.42 33.35
N ARG B 261 13.71 -17.55 32.62
CA ARG B 261 14.01 -16.17 33.07
C ARG B 261 13.86 -15.26 31.87
N LEU B 262 13.29 -14.09 32.07
CA LEU B 262 13.44 -12.97 31.12
C LEU B 262 14.35 -11.96 31.80
N PHE B 263 15.51 -11.69 31.22
CA PHE B 263 16.52 -10.77 31.79
C PHE B 263 16.27 -9.37 31.25
N LEU B 264 16.24 -8.36 32.12
CA LEU B 264 16.02 -6.96 31.69
C LEU B 264 17.32 -6.15 31.74
N TYR B 265 17.62 -5.54 30.61
CA TYR B 265 18.74 -4.60 30.39
C TYR B 265 18.15 -3.23 30.16
N ARG B 266 18.95 -2.21 30.50
CA ARG B 266 18.64 -0.84 30.10
C ARG B 266 19.86 -0.23 29.40
N GLN B 267 19.60 0.44 28.31
CA GLN B 267 20.60 1.22 27.53
C GLN B 267 21.27 2.17 28.53
N HIS B 268 22.59 2.12 28.65
CA HIS B 268 23.31 2.88 29.68
C HIS B 268 23.09 4.38 29.47
N THR B 269 23.23 4.87 28.23
CA THR B 269 23.15 6.31 27.91
C THR B 269 22.31 6.52 26.67
N THR B 270 21.42 7.51 26.68
CA THR B 270 20.59 7.86 25.52
C THR B 270 21.53 8.18 24.36
N GLY B 271 21.19 7.73 23.15
CA GLY B 271 21.96 8.04 21.93
C GLY B 271 23.21 7.21 21.81
N GLU B 272 23.47 6.29 22.74
CA GLU B 272 24.64 5.39 22.64
C GLU B 272 24.18 3.94 22.72
N PHE B 273 24.68 3.08 21.83
CA PHE B 273 24.06 1.74 21.62
C PHE B 273 25.01 0.59 21.92
N ILE B 274 26.19 0.84 22.43
CA ILE B 274 27.17 -0.24 22.74
C ILE B 274 26.89 -0.80 24.15
N LYS B 275 26.72 0.07 25.16
CA LYS B 275 26.63 -0.35 26.58
C LYS B 275 25.17 -0.54 27.02
N TRP B 276 24.86 -1.75 27.43
CA TRP B 276 23.54 -2.17 27.95
C TRP B 276 23.78 -2.67 29.37
N THR B 277 23.11 -2.09 30.34
CA THR B 277 23.34 -2.47 31.76
C THR B 277 22.29 -3.49 32.18
N TYR B 278 22.73 -4.63 32.67
CA TYR B 278 21.84 -5.67 33.21
C TYR B 278 21.24 -5.15 34.53
N LEU B 279 19.92 -5.10 34.62
CA LEU B 279 19.21 -4.63 35.84
C LEU B 279 18.89 -5.83 36.70
N GLY B 280 18.27 -6.83 36.11
CA GLY B 280 17.90 -8.06 36.83
C GLY B 280 16.85 -8.85 36.09
N PRO B 281 16.40 -9.99 36.64
CA PRO B 281 15.36 -10.80 36.04
C PRO B 281 14.02 -10.07 36.13
N LEU B 282 13.32 -9.97 35.02
CA LEU B 282 12.02 -9.28 34.92
C LEU B 282 10.96 -10.33 35.24
N VAL B 283 11.04 -11.48 34.57
CA VAL B 283 10.08 -12.60 34.79
C VAL B 283 10.88 -13.81 35.22
N THR B 284 10.41 -14.44 36.30
CA THR B 284 10.97 -15.68 36.88
C THR B 284 9.83 -16.67 37.06
N THR B 285 9.93 -17.84 36.44
CA THR B 285 8.94 -18.92 36.58
C THR B 285 9.69 -20.18 37.00
N GLY B 286 8.93 -21.13 37.56
CA GLY B 286 9.50 -22.38 38.09
C GLY B 286 9.68 -23.42 37.00
N TYR B 287 10.56 -24.36 37.24
CA TYR B 287 10.81 -25.52 36.36
C TYR B 287 9.52 -26.26 36.05
N LYS B 288 9.05 -26.18 34.81
CA LYS B 288 7.78 -26.79 34.34
C LYS B 288 6.61 -26.44 35.25
N GLU B 289 6.59 -25.26 35.83
CA GLU B 289 5.45 -24.68 36.57
C GLU B 289 4.32 -24.39 35.57
N SER B 290 3.06 -24.68 35.93
CA SER B 290 1.86 -24.27 35.17
C SER B 290 1.06 -23.32 36.05
N TYR B 291 0.59 -22.20 35.48
CA TYR B 291 -0.36 -21.30 36.17
C TYR B 291 -1.75 -21.95 36.21
N GLY B 292 -2.01 -22.94 35.37
CA GLY B 292 -3.32 -23.59 35.33
C GLY B 292 -3.73 -24.04 33.93
N GLU B 293 -4.91 -24.64 33.85
CA GLU B 293 -5.47 -25.30 32.64
C GLU B 293 -5.64 -24.27 31.51
N TRP B 294 -5.81 -23.00 31.83
CA TRP B 294 -6.09 -21.93 30.85
C TRP B 294 -4.76 -21.27 30.41
N SER B 295 -3.60 -21.77 30.85
CA SER B 295 -2.35 -20.97 30.83
C SER B 295 -1.12 -21.73 30.31
N GLY B 296 -1.32 -22.89 29.69
CA GLY B 296 -0.23 -23.76 29.21
C GLY B 296 0.76 -24.08 30.32
N ASN B 297 2.06 -24.05 30.02
CA ASN B 297 3.13 -24.43 30.98
C ASN B 297 4.35 -23.57 30.70
N TYR B 298 5.02 -23.12 31.76
CA TYR B 298 6.17 -22.19 31.67
C TYR B 298 7.47 -22.93 31.31
N GLY B 299 7.44 -24.26 31.19
CA GLY B 299 8.58 -25.05 30.67
C GLY B 299 9.86 -24.80 31.44
N ILE B 300 11.01 -24.80 30.74
CA ILE B 300 12.33 -24.72 31.41
C ILE B 300 13.13 -23.53 30.88
N ASN B 301 12.65 -22.88 29.82
CA ASN B 301 13.44 -21.85 29.12
C ASN B 301 12.47 -21.01 28.28
N PHE B 302 12.67 -19.70 28.24
CA PHE B 302 11.85 -18.78 27.42
C PHE B 302 12.58 -18.52 26.09
N GLU B 303 11.80 -18.31 25.05
CA GLU B 303 12.27 -17.89 23.71
C GLU B 303 11.35 -16.73 23.27
N THR B 304 11.89 -15.89 22.40
CA THR B 304 11.17 -14.81 21.68
C THR B 304 10.26 -14.02 22.62
N ALA B 305 10.70 -13.64 23.80
CA ALA B 305 9.85 -12.87 24.74
C ALA B 305 9.82 -11.40 24.32
N GLY B 306 8.69 -10.74 24.53
CA GLY B 306 8.56 -9.28 24.38
C GLY B 306 7.75 -8.67 25.52
N VAL B 307 7.79 -7.36 25.60
CA VAL B 307 7.21 -6.53 26.69
C VAL B 307 6.42 -5.44 26.00
N THR B 308 5.17 -5.24 26.41
CA THR B 308 4.37 -4.14 25.86
C THR B 308 3.42 -3.59 26.94
N ARG B 309 2.69 -2.55 26.57
CA ARG B 309 1.69 -1.90 27.47
C ARG B 309 0.53 -1.54 26.57
N LEU B 310 -0.66 -1.99 26.91
CA LEU B 310 -1.86 -1.87 26.08
C LEU B 310 -2.97 -1.19 26.88
N ASN B 311 -3.95 -0.68 26.17
CA ASN B 311 -5.19 -0.14 26.74
C ASN B 311 -6.28 -0.63 25.81
N PRO B 312 -7.56 -0.33 26.09
CA PRO B 312 -8.65 -0.88 25.29
C PRO B 312 -8.51 -0.58 23.79
N ALA B 313 -7.86 0.51 23.40
CA ALA B 313 -7.79 0.94 21.98
C ALA B 313 -6.56 0.36 21.26
N GLY B 314 -5.55 -0.15 21.98
CA GLY B 314 -4.30 -0.64 21.35
C GLY B 314 -3.11 -0.44 22.24
N ALA B 315 -2.04 0.18 21.72
CA ALA B 315 -0.78 0.41 22.43
C ALA B 315 -1.00 1.58 23.39
N ALA B 316 -0.42 1.52 24.58
CA ALA B 316 -0.48 2.59 25.58
C ALA B 316 0.95 3.09 25.79
N TRP B 317 1.16 4.38 25.64
CA TRP B 317 2.49 5.00 25.88
C TRP B 317 2.50 5.85 27.17
N ASP B 318 1.56 5.65 28.11
CA ASP B 318 1.53 6.43 29.38
C ASP B 318 2.59 5.89 30.33
N ASN B 319 2.89 6.64 31.40
CA ASN B 319 3.89 6.22 32.44
C ASN B 319 3.24 5.45 33.59
N GLY B 320 1.98 5.06 33.49
CA GLY B 320 1.27 4.45 34.62
C GLY B 320 0.02 5.23 35.00
N SER B 321 -0.10 6.47 34.51
CA SER B 321 -1.23 7.41 34.74
C SER B 321 -2.53 6.93 34.10
N ASP B 322 -2.50 6.15 33.02
CA ASP B 322 -3.72 5.61 32.38
C ASP B 322 -4.15 4.38 33.17
N THR B 323 -5.22 4.53 33.96
CA THR B 323 -5.74 3.45 34.83
C THR B 323 -6.33 2.33 33.98
N THR B 324 -6.60 2.57 32.69
CA THR B 324 -7.17 1.53 31.79
C THR B 324 -6.05 0.69 31.13
N ALA B 325 -4.79 1.05 31.32
CA ALA B 325 -3.67 0.38 30.61
C ALA B 325 -3.15 -0.78 31.46
N VAL B 326 -2.61 -1.81 30.79
CA VAL B 326 -2.09 -3.04 31.43
C VAL B 326 -0.74 -3.35 30.78
N ASP B 327 0.21 -3.74 31.61
CA ASP B 327 1.55 -4.23 31.20
C ASP B 327 1.45 -5.70 30.85
N PHE B 328 2.00 -6.07 29.68
CA PHE B 328 1.94 -7.48 29.23
C PHE B 328 3.34 -7.93 28.86
N VAL B 329 3.61 -9.20 29.08
CA VAL B 329 4.81 -9.88 28.54
C VAL B 329 4.29 -10.99 27.66
N THR B 330 4.89 -11.22 26.49
CA THR B 330 4.59 -12.40 25.65
C THR B 330 5.89 -13.21 25.63
N PHE B 331 5.80 -14.52 25.52
CA PHE B 331 6.99 -15.38 25.61
C PHE B 331 6.63 -16.78 25.15
N GLY B 332 7.56 -17.40 24.45
CA GLY B 332 7.52 -18.85 24.16
C GLY B 332 8.18 -19.61 25.29
N THR B 333 7.67 -20.78 25.58
CA THR B 333 8.33 -21.69 26.55
C THR B 333 8.63 -23.00 25.85
N GLU B 334 9.71 -23.64 26.30
CA GLU B 334 10.07 -24.95 25.77
C GLU B 334 10.14 -26.00 26.90
N GLN B 335 9.87 -27.23 26.49
CA GLN B 335 9.96 -28.50 27.27
C GLN B 335 8.92 -28.46 28.39
N GLY B 336 7.80 -27.75 28.23
CA GLY B 336 6.65 -27.84 29.16
C GLY B 336 5.44 -28.45 28.48
N ARG B 337 5.64 -29.18 27.38
CA ARG B 337 4.50 -29.65 26.54
C ARG B 337 4.91 -30.94 25.86
N ALA B 338 4.02 -31.94 25.83
CA ALA B 338 4.28 -33.30 25.33
C ALA B 338 4.19 -33.30 23.80
N ASP B 339 3.59 -32.28 23.20
CA ASP B 339 3.40 -32.28 21.72
C ASP B 339 3.60 -30.82 21.24
N HIS B 340 3.19 -30.52 20.01
CA HIS B 340 3.41 -29.16 19.42
C HIS B 340 4.88 -28.78 19.61
N GLN B 341 5.78 -29.68 19.27
CA GLN B 341 7.25 -29.41 19.26
C GLN B 341 7.69 -28.91 20.64
N ASN B 342 6.99 -29.32 21.71
CA ASN B 342 7.36 -29.01 23.12
C ASN B 342 7.26 -27.50 23.37
N HIS B 343 6.40 -26.78 22.63
CA HIS B 343 6.41 -25.30 22.61
C HIS B 343 5.04 -24.70 22.94
N TRP B 344 5.00 -23.81 23.91
CA TRP B 344 3.82 -22.96 24.21
C TRP B 344 4.14 -21.52 23.83
N PRO B 345 3.28 -20.85 23.04
CA PRO B 345 3.31 -19.40 22.94
C PRO B 345 2.32 -18.74 23.92
N LEU B 346 2.86 -18.10 24.94
CA LEU B 346 2.10 -17.63 26.12
C LEU B 346 2.12 -16.12 26.19
N TRP B 347 1.33 -15.58 27.10
CA TRP B 347 1.38 -14.17 27.50
C TRP B 347 0.96 -14.06 28.96
N ALA B 348 1.34 -13.00 29.63
CA ALA B 348 0.88 -12.67 30.99
C ALA B 348 0.65 -11.19 31.14
N ALA B 349 -0.37 -10.81 31.92
CA ALA B 349 -0.50 -9.46 32.46
C ALA B 349 0.40 -9.41 33.69
N VAL B 350 1.14 -8.33 33.90
CA VAL B 350 2.08 -8.25 35.05
C VAL B 350 1.87 -6.93 35.77
N ASP B 351 2.21 -6.91 37.05
CA ASP B 351 2.30 -5.70 37.89
C ASP B 351 3.76 -5.53 38.23
N TYR B 352 4.34 -4.41 37.81
CA TYR B 352 5.77 -4.16 38.03
C TYR B 352 6.00 -3.73 39.49
N GLU B 353 7.05 -4.26 40.13
CA GLU B 353 7.56 -3.81 41.46
C GLU B 353 9.02 -3.42 41.29
N VAL B 354 9.47 -2.31 41.89
CA VAL B 354 10.88 -1.87 41.85
C VAL B 354 11.66 -2.54 42.97
N ARG B 355 12.77 -3.20 42.66
CA ARG B 355 13.66 -3.83 43.64
C ARG B 355 14.63 -2.77 44.19
N ASP B 356 15.25 -3.04 45.34
CA ASP B 356 16.17 -2.06 45.98
C ASP B 356 17.39 -1.83 45.09
N ASN B 357 17.81 -2.83 44.30
CA ASN B 357 18.99 -2.66 43.42
C ASN B 357 18.63 -1.98 42.09
N GLY B 358 17.47 -1.32 41.97
CA GLY B 358 17.14 -0.53 40.78
C GLY B 358 16.81 -1.40 39.57
N SER B 359 16.15 -2.52 39.82
CA SER B 359 15.65 -3.47 38.81
C SER B 359 14.14 -3.63 39.01
N ILE B 360 13.49 -4.35 38.10
CA ILE B 360 12.03 -4.48 38.08
C ILE B 360 11.66 -5.95 38.20
N GLU B 361 10.73 -6.29 39.09
CA GLU B 361 10.09 -7.62 39.12
C GLU B 361 8.73 -7.48 38.45
N ALA B 362 8.47 -8.30 37.44
CA ALA B 362 7.16 -8.36 36.77
C ALA B 362 6.37 -9.49 37.45
N VAL B 363 5.45 -9.13 38.33
CA VAL B 363 4.64 -10.15 39.03
C VAL B 363 3.43 -10.52 38.19
N ILE B 364 3.32 -11.78 37.84
CA ILE B 364 2.22 -12.23 36.95
C ILE B 364 0.87 -12.06 37.67
N ALA B 365 -0.07 -11.32 37.07
CA ALA B 365 -1.43 -11.05 37.59
C ALA B 365 -2.42 -12.07 37.01
N TYR B 366 -2.23 -12.46 35.74
CA TYR B 366 -2.99 -13.53 35.07
C TYR B 366 -2.23 -13.89 33.79
N SER B 367 -2.50 -15.06 33.24
CA SER B 367 -1.54 -15.72 32.32
C SER B 367 -2.35 -16.51 31.32
N GLY B 368 -2.06 -16.31 30.05
CA GLY B 368 -2.83 -16.99 29.00
C GLY B 368 -1.95 -17.51 27.87
N VAL B 369 -2.62 -17.82 26.79
CA VAL B 369 -2.04 -18.52 25.61
C VAL B 369 -2.28 -17.60 24.42
N GLN B 370 -1.23 -17.31 23.63
CA GLN B 370 -1.43 -16.45 22.44
C GLN B 370 -2.03 -17.26 21.29
N ASP B 371 -1.66 -18.53 21.14
CA ASP B 371 -2.27 -19.42 20.14
C ASP B 371 -2.18 -20.85 20.67
N TRP B 372 -3.25 -21.61 20.50
CA TRP B 372 -3.35 -22.96 21.11
C TRP B 372 -2.88 -24.05 20.15
N GLY B 373 -2.49 -23.68 18.93
CA GLY B 373 -2.18 -24.67 17.88
C GLY B 373 -0.69 -24.72 17.51
N ARG B 374 -0.45 -25.04 16.26
CA ARG B 374 0.90 -25.31 15.72
C ARG B 374 1.52 -23.97 15.33
N SER B 375 1.67 -23.08 16.30
CA SER B 375 2.36 -21.80 16.07
C SER B 375 3.22 -21.46 17.28
N TYR B 376 4.18 -20.57 17.07
CA TYR B 376 5.20 -20.24 18.07
C TYR B 376 5.91 -18.97 17.61
N ALA B 377 6.68 -18.40 18.50
CA ALA B 377 7.68 -17.36 18.21
C ALA B 377 6.93 -16.09 17.79
N TYR B 378 5.96 -15.67 18.58
CA TYR B 378 5.21 -14.43 18.33
C TYR B 378 6.12 -13.25 18.64
N ALA B 379 6.17 -12.31 17.69
CA ALA B 379 6.86 -11.02 17.79
C ALA B 379 5.78 -9.93 17.78
N SER B 380 5.94 -8.87 18.56
CA SER B 380 5.04 -7.71 18.48
C SER B 380 5.88 -6.46 18.26
N PHE B 381 5.26 -5.46 17.63
CA PHE B 381 5.98 -4.22 17.27
C PHE B 381 4.97 -3.09 17.19
N PRO B 382 5.44 -1.87 17.48
CA PRO B 382 4.55 -0.71 17.46
C PRO B 382 4.24 -0.27 16.04
N VAL B 383 3.01 0.18 15.84
CA VAL B 383 2.52 0.66 14.54
C VAL B 383 1.79 1.98 14.76
N GLU B 384 1.98 2.91 13.85
CA GLU B 384 1.36 4.26 13.92
C GLU B 384 -0.12 4.18 14.22
N GLY B 385 -0.63 5.17 14.97
CA GLY B 385 -2.05 5.13 15.41
C GLY B 385 -2.23 4.38 16.72
N TYR B 386 -1.16 4.29 17.52
CA TYR B 386 -1.23 3.69 18.87
C TYR B 386 -1.62 2.21 18.76
N ARG B 387 -0.92 1.48 17.87
CA ARG B 387 -1.19 0.04 17.69
C ARG B 387 0.03 -0.75 18.13
N GLN B 388 -0.22 -1.96 18.63
CA GLN B 388 0.82 -2.99 18.88
C GLN B 388 0.37 -4.21 18.07
N VAL B 389 1.20 -4.62 17.12
CA VAL B 389 0.82 -5.67 16.14
C VAL B 389 1.71 -6.87 16.39
N SER B 390 1.10 -8.06 16.42
CA SER B 390 1.79 -9.33 16.74
C SER B 390 1.65 -10.26 15.54
N VAL B 391 2.68 -11.09 15.32
CA VAL B 391 2.63 -12.12 14.27
C VAL B 391 3.51 -13.26 14.74
N GLY B 392 3.15 -14.48 14.38
CA GLY B 392 3.98 -15.64 14.72
C GLY B 392 4.21 -16.52 13.53
N TRP B 393 4.81 -17.66 13.82
CA TRP B 393 5.18 -18.70 12.84
C TRP B 393 4.28 -19.91 13.00
N ILE B 394 3.69 -20.37 11.88
CA ILE B 394 2.91 -21.64 11.84
C ILE B 394 3.80 -22.69 11.19
N TYR B 395 4.19 -23.71 11.95
CA TYR B 395 5.04 -24.80 11.43
C TYR B 395 4.13 -25.79 10.70
N GLU B 396 4.73 -26.72 9.97
CA GLU B 396 3.99 -27.77 9.26
C GLU B 396 3.53 -28.83 10.29
N ASP B 397 2.76 -29.81 9.84
CA ASP B 397 2.45 -31.02 10.66
C ASP B 397 3.03 -32.23 9.94
N ASP B 398 4.35 -32.21 9.76
CA ASP B 398 5.11 -33.30 9.11
C ASP B 398 6.36 -33.55 9.95
N ASP B 399 6.18 -33.81 11.24
CA ASP B 399 7.30 -33.75 12.22
C ASP B 399 8.32 -34.87 11.96
N ASN B 400 7.98 -35.91 11.20
CA ASN B 400 8.94 -36.97 10.81
C ASN B 400 9.61 -36.61 9.49
N VAL B 401 9.28 -35.46 8.88
CA VAL B 401 9.99 -34.91 7.69
C VAL B 401 9.82 -35.86 6.51
N ILE B 402 8.61 -36.39 6.32
CA ILE B 402 8.36 -37.46 5.31
C ILE B 402 8.16 -36.82 3.93
N LEU B 403 7.47 -35.68 3.82
CA LEU B 403 7.18 -35.05 2.51
C LEU B 403 7.77 -33.62 2.42
N ALA B 404 8.67 -33.23 3.30
CA ALA B 404 9.25 -31.87 3.33
C ALA B 404 10.01 -31.62 2.03
N LYS B 405 10.82 -32.56 1.57
CA LYS B 405 11.55 -32.40 0.29
C LYS B 405 10.58 -32.24 -0.87
N GLN B 406 9.50 -33.02 -0.87
CA GLN B 406 8.50 -32.97 -1.95
C GLN B 406 7.80 -31.60 -1.92
N PHE B 407 7.52 -31.05 -0.74
CA PHE B 407 6.99 -29.66 -0.64
C PHE B 407 7.98 -28.67 -1.26
N GLY B 408 9.25 -28.74 -0.84
CA GLY B 408 10.28 -27.77 -1.25
C GLY B 408 10.23 -26.50 -0.38
N TYR B 409 9.51 -26.52 0.73
CA TYR B 409 9.42 -25.40 1.69
C TYR B 409 8.89 -25.94 3.02
N GLN B 410 9.07 -25.20 4.09
CA GLN B 410 8.41 -25.45 5.39
C GLN B 410 8.08 -24.09 6.00
N GLY B 411 6.87 -23.94 6.51
CA GLY B 411 6.54 -22.84 7.43
C GLY B 411 5.78 -21.72 6.74
N ALA B 412 5.02 -20.98 7.52
CA ALA B 412 4.40 -19.71 7.13
C ALA B 412 4.26 -18.84 8.36
N PHE B 413 3.87 -17.59 8.17
CA PHE B 413 3.45 -16.74 9.31
C PHE B 413 1.98 -17.00 9.62
N THR B 414 1.57 -16.60 10.82
CA THR B 414 0.16 -16.34 11.13
C THR B 414 -0.31 -15.10 10.38
N LEU B 415 -1.55 -14.73 10.56
CA LEU B 415 -1.96 -13.36 10.17
C LEU B 415 -1.42 -12.37 11.20
N PHE B 416 -1.35 -11.09 10.81
CA PHE B 416 -0.94 -10.01 11.70
C PHE B 416 -2.14 -9.64 12.58
N ARG B 417 -1.88 -9.49 13.86
CA ARG B 417 -2.91 -9.31 14.90
C ARG B 417 -2.70 -7.99 15.63
N ASP B 418 -3.74 -7.19 15.74
CA ASP B 418 -3.76 -6.05 16.68
C ASP B 418 -3.94 -6.60 18.10
N LEU B 419 -3.08 -6.19 19.00
CA LEU B 419 -3.22 -6.47 20.45
C LEU B 419 -3.92 -5.28 21.11
N PHE B 420 -4.70 -5.54 22.14
CA PHE B 420 -5.43 -4.48 22.87
C PHE B 420 -5.93 -5.12 24.17
N VAL B 421 -6.37 -4.30 25.12
CA VAL B 421 -7.03 -4.83 26.34
C VAL B 421 -8.49 -5.08 26.02
N LYS B 422 -8.90 -6.36 26.06
CA LYS B 422 -10.30 -6.74 25.84
C LYS B 422 -11.02 -6.51 27.19
N VAL B 423 -12.06 -5.71 27.19
CA VAL B 423 -12.85 -5.41 28.44
C VAL B 423 -14.28 -5.85 28.19
N VAL B 424 -14.84 -6.72 29.05
CA VAL B 424 -16.24 -7.20 28.92
C VAL B 424 -16.99 -6.66 30.13
N GLU B 425 -18.01 -5.87 29.89
CA GLU B 425 -18.77 -5.22 30.99
C GLU B 425 -20.00 -6.06 31.30
N ASN B 426 -20.52 -5.89 32.53
CA ASN B 426 -21.83 -6.46 32.94
C ASN B 426 -21.80 -7.97 32.79
N VAL B 427 -20.69 -8.59 33.23
CA VAL B 427 -20.58 -10.06 33.23
C VAL B 427 -21.32 -10.60 34.47
N SER B 428 -22.14 -11.62 34.26
CA SER B 428 -22.89 -12.36 35.31
C SER B 428 -21.90 -13.08 36.23
N PRO B 429 -21.99 -12.87 37.56
CA PRO B 429 -21.16 -13.60 38.50
C PRO B 429 -21.40 -15.12 38.51
N SER B 430 -22.46 -15.59 37.86
CA SER B 430 -22.76 -17.03 37.82
C SER B 430 -22.12 -17.67 36.56
N THR B 431 -21.35 -16.92 35.78
CA THR B 431 -20.51 -17.51 34.71
C THR B 431 -19.66 -18.61 35.33
N PRO B 432 -19.81 -19.86 34.89
CA PRO B 432 -19.05 -20.96 35.48
C PRO B 432 -17.55 -20.67 35.41
N GLY B 433 -16.84 -20.90 36.52
CA GLY B 433 -15.37 -20.90 36.56
C GLY B 433 -14.80 -19.50 36.44
N LEU B 434 -15.62 -18.47 36.65
CA LEU B 434 -15.20 -17.07 36.33
C LEU B 434 -14.08 -16.66 37.30
N PHE B 435 -14.08 -17.20 38.52
CA PHE B 435 -13.14 -16.75 39.59
C PHE B 435 -11.96 -17.72 39.71
N GLU B 436 -11.84 -18.69 38.80
CA GLU B 436 -10.67 -19.62 38.78
C GLU B 436 -9.41 -18.83 38.35
N GLN B 437 -8.24 -19.35 38.71
CA GLN B 437 -6.94 -18.76 38.32
C GLN B 437 -6.71 -19.05 36.84
N ALA B 438 -6.88 -18.05 35.97
CA ALA B 438 -6.89 -18.28 34.52
C ALA B 438 -6.29 -17.05 33.80
N SER B 439 -6.87 -16.65 32.66
CA SER B 439 -6.25 -15.70 31.71
C SER B 439 -7.02 -14.38 31.67
N TRP B 440 -7.67 -14.02 32.78
CA TRP B 440 -8.43 -12.75 32.90
C TRP B 440 -8.42 -12.27 34.34
N SER B 441 -8.71 -10.99 34.53
CA SER B 441 -8.97 -10.41 35.85
C SER B 441 -10.46 -10.10 35.95
N THR B 442 -10.96 -10.10 37.18
CA THR B 442 -12.37 -9.76 37.50
C THR B 442 -12.35 -8.57 38.45
N LYS B 443 -13.27 -7.64 38.24
CA LYS B 443 -13.53 -6.53 39.18
C LYS B 443 -15.03 -6.54 39.43
N ASN B 444 -15.42 -6.94 40.63
CA ASN B 444 -16.85 -6.98 41.05
C ASN B 444 -17.41 -5.55 41.10
N SER B 445 -18.66 -5.35 40.68
CA SER B 445 -19.44 -4.14 41.03
C SER B 445 -19.59 -4.06 42.57
N THR B 446 -19.82 -2.88 43.14
CA THR B 446 -20.06 -2.73 44.60
C THR B 446 -21.16 -3.72 45.04
N ASP B 447 -22.24 -3.82 44.29
CA ASP B 447 -23.45 -4.58 44.72
C ASP B 447 -23.25 -6.09 44.46
N GLY B 448 -22.12 -6.48 43.86
CA GLY B 448 -21.71 -7.89 43.66
C GLY B 448 -22.51 -8.61 42.58
N MET B 449 -23.37 -7.91 41.85
CA MET B 449 -24.31 -8.50 40.87
C MET B 449 -23.72 -8.47 39.45
N SER B 450 -22.59 -7.80 39.23
CA SER B 450 -21.92 -7.83 37.91
C SER B 450 -20.40 -7.73 38.07
N VAL B 451 -19.70 -8.09 37.00
CA VAL B 451 -18.22 -8.17 37.00
C VAL B 451 -17.72 -7.51 35.72
N THR B 452 -16.64 -6.75 35.80
CA THR B 452 -15.88 -6.29 34.61
C THR B 452 -14.73 -7.29 34.42
N VAL B 453 -14.66 -7.91 33.23
CA VAL B 453 -13.60 -8.88 32.89
C VAL B 453 -12.58 -8.15 31.98
N THR B 454 -11.30 -8.27 32.29
CA THR B 454 -10.19 -7.72 31.47
C THR B 454 -9.33 -8.89 31.00
N THR B 455 -8.92 -8.92 29.73
CA THR B 455 -7.96 -9.94 29.24
C THR B 455 -7.18 -9.34 28.06
N LEU B 456 -6.27 -10.14 27.50
CA LEU B 456 -5.59 -9.75 26.21
C LEU B 456 -6.56 -9.96 25.06
N GLY B 457 -6.79 -8.92 24.27
CA GLY B 457 -7.52 -9.07 23.01
C GLY B 457 -6.55 -9.26 21.85
N GLN B 458 -6.97 -10.03 20.89
CA GLN B 458 -6.26 -10.23 19.60
C GLN B 458 -7.28 -10.23 18.50
N ARG B 459 -7.05 -9.43 17.45
CA ARG B 459 -7.93 -9.48 16.26
C ARG B 459 -7.05 -9.28 15.03
N VAL B 460 -7.44 -9.89 13.94
CA VAL B 460 -6.68 -9.70 12.66
C VAL B 460 -6.72 -8.20 12.30
N VAL B 461 -5.59 -7.69 11.81
CA VAL B 461 -5.47 -6.25 11.49
C VAL B 461 -6.54 -5.95 10.46
N PRO B 462 -7.25 -4.80 10.61
CA PRO B 462 -8.37 -4.51 9.72
C PRO B 462 -7.95 -4.38 8.24
N GLU B 463 -6.71 -3.97 7.98
CA GLU B 463 -6.23 -3.88 6.57
C GLU B 463 -6.42 -5.21 5.87
N THR B 464 -6.09 -6.30 6.56
CA THR B 464 -6.16 -7.67 5.99
C THR B 464 -7.63 -8.07 5.83
N LEU B 465 -8.46 -7.83 6.83
CA LEU B 465 -9.89 -8.22 6.70
C LEU B 465 -10.53 -7.44 5.54
N ALA B 466 -10.23 -6.13 5.41
CA ALA B 466 -10.78 -5.30 4.31
C ALA B 466 -10.30 -5.84 2.95
N ALA B 467 -9.01 -6.15 2.82
CA ALA B 467 -8.44 -6.64 1.54
C ALA B 467 -9.04 -8.01 1.20
N TYR B 468 -9.12 -8.90 2.19
CA TYR B 468 -9.69 -10.27 2.00
C TYR B 468 -11.12 -10.14 1.47
N LYS B 469 -11.94 -9.41 2.20
CA LYS B 469 -13.39 -9.28 1.85
C LYS B 469 -13.53 -8.62 0.48
N GLY B 470 -12.81 -7.54 0.20
CA GLY B 470 -12.91 -6.80 -1.07
C GLY B 470 -12.49 -7.62 -2.27
N ASN B 471 -11.54 -8.54 -2.12
CA ASN B 471 -11.02 -9.31 -3.26
C ASN B 471 -11.78 -10.63 -3.42
N SER B 472 -12.55 -11.01 -2.41
CA SER B 472 -13.27 -12.32 -2.36
C SER B 472 -14.63 -12.23 -3.07
N THR B 473 -15.18 -13.38 -3.48
CA THR B 473 -16.63 -13.51 -3.73
C THR B 473 -17.29 -13.76 -2.39
N VAL B 474 -18.02 -12.77 -1.88
CA VAL B 474 -18.65 -12.81 -0.54
C VAL B 474 -20.05 -13.40 -0.69
N SER B 475 -20.37 -14.42 0.09
CA SER B 475 -21.74 -14.97 0.16
C SER B 475 -22.25 -14.75 1.58
N THR B 476 -23.26 -13.87 1.74
CA THR B 476 -23.95 -13.62 3.02
C THR B 476 -25.01 -14.72 3.18
N LEU B 477 -24.90 -15.57 4.19
CA LEU B 477 -25.71 -16.80 4.28
C LEU B 477 -26.86 -16.58 5.26
N ALA B 478 -28.00 -17.23 4.99
CA ALA B 478 -29.22 -17.12 5.82
C ALA B 478 -28.89 -17.65 7.21
N PRO B 479 -29.38 -17.01 8.28
CA PRO B 479 -29.22 -17.56 9.62
C PRO B 479 -29.93 -18.92 9.69
N VAL B 480 -29.45 -19.78 10.58
CA VAL B 480 -29.86 -21.21 10.70
C VAL B 480 -30.09 -21.47 12.18
N MET B 481 -31.24 -22.06 12.52
CA MET B 481 -31.45 -22.65 13.85
C MET B 481 -31.15 -24.13 13.75
N LEU B 482 -30.16 -24.58 14.52
CA LEU B 482 -29.73 -25.99 14.58
C LEU B 482 -30.58 -26.63 15.69
N ASN B 483 -31.51 -27.49 15.28
CA ASN B 483 -32.51 -28.11 16.20
C ASN B 483 -32.61 -29.60 15.89
N GLU B 484 -33.77 -30.21 16.16
CA GLU B 484 -33.97 -31.67 16.02
C GLU B 484 -33.80 -32.06 14.55
N SER B 485 -34.05 -31.14 13.62
CA SER B 485 -33.94 -31.41 12.16
C SER B 485 -32.51 -31.25 11.64
N ALA B 486 -31.55 -30.74 12.41
CA ALA B 486 -30.19 -30.43 11.90
C ALA B 486 -29.46 -31.73 11.59
N ALA B 487 -28.90 -31.89 10.40
CA ALA B 487 -27.95 -32.98 10.08
C ALA B 487 -26.65 -32.75 10.85
N ALA B 488 -25.79 -33.75 10.96
CA ALA B 488 -24.49 -33.63 11.67
C ALA B 488 -23.66 -32.58 10.91
N TYR B 489 -23.72 -32.61 9.59
CA TYR B 489 -23.01 -31.68 8.67
C TYR B 489 -24.00 -31.13 7.63
N THR B 490 -24.08 -29.81 7.54
CA THR B 490 -24.93 -29.10 6.56
C THR B 490 -24.04 -28.18 5.71
N PRO B 491 -23.74 -28.56 4.45
CA PRO B 491 -22.97 -27.70 3.56
C PRO B 491 -23.59 -26.30 3.47
N PHE B 492 -22.77 -25.25 3.40
CA PHE B 492 -23.31 -23.88 3.16
C PHE B 492 -23.99 -23.85 1.80
N SER B 493 -24.96 -22.94 1.65
CA SER B 493 -25.76 -22.75 0.42
C SER B 493 -24.84 -22.28 -0.72
N SER B 494 -23.74 -21.60 -0.41
CA SER B 494 -22.63 -21.28 -1.35
C SER B 494 -21.36 -22.01 -0.89
N GLN B 495 -20.57 -22.50 -1.82
CA GLN B 495 -19.35 -23.30 -1.52
C GLN B 495 -18.11 -22.53 -1.99
N PRO B 496 -16.99 -22.73 -1.27
CA PRO B 496 -15.68 -22.28 -1.76
C PRO B 496 -15.36 -22.90 -3.12
N THR B 497 -14.48 -22.27 -3.90
CA THR B 497 -14.02 -22.81 -5.19
C THR B 497 -12.59 -23.37 -5.05
N ASP B 498 -11.92 -23.17 -3.92
CA ASP B 498 -10.51 -23.62 -3.79
C ASP B 498 -10.19 -23.58 -2.30
N ARG B 499 -8.92 -23.71 -1.92
CA ARG B 499 -8.51 -23.81 -0.50
C ARG B 499 -8.13 -22.46 0.08
N PHE B 500 -8.81 -21.39 -0.31
CA PHE B 500 -8.47 -20.02 0.11
C PHE B 500 -9.78 -19.31 0.43
N TYR B 501 -10.17 -19.31 1.70
CA TYR B 501 -11.46 -18.73 2.06
C TYR B 501 -11.53 -18.43 3.54
N ALA B 502 -12.47 -17.55 3.90
CA ALA B 502 -12.76 -17.23 5.31
C ALA B 502 -14.24 -17.54 5.57
N LEU B 503 -14.52 -17.87 6.81
CA LEU B 503 -15.88 -18.15 7.30
C LEU B 503 -16.04 -17.30 8.54
N THR B 504 -17.22 -16.73 8.73
CA THR B 504 -17.55 -16.11 10.03
C THR B 504 -18.94 -16.60 10.46
N GLY B 505 -19.19 -16.71 11.76
CA GLY B 505 -20.53 -17.04 12.28
C GLY B 505 -20.60 -16.70 13.76
N SER B 506 -21.80 -16.36 14.24
CA SER B 506 -22.08 -16.18 15.68
C SER B 506 -23.00 -17.34 16.10
N PHE B 507 -22.56 -18.09 17.09
CA PHE B 507 -23.25 -19.29 17.60
C PHE B 507 -23.86 -18.93 18.95
N GLU B 508 -25.19 -18.97 19.03
CA GLU B 508 -25.91 -18.56 20.26
C GLU B 508 -26.40 -19.85 20.94
N PHE B 509 -25.97 -20.06 22.18
CA PHE B 509 -26.25 -21.29 22.96
C PHE B 509 -27.09 -20.91 24.19
N GLY B 510 -27.95 -21.82 24.64
CA GLY B 510 -28.57 -21.69 25.97
C GLY B 510 -27.50 -21.73 27.05
N LEU B 511 -27.74 -21.09 28.19
CA LEU B 511 -26.79 -21.08 29.33
C LEU B 511 -26.51 -22.50 29.83
N ASN B 512 -27.42 -23.47 29.62
CA ASN B 512 -27.20 -24.85 30.15
C ASN B 512 -27.20 -25.83 28.98
N THR B 513 -26.79 -25.39 27.79
CA THR B 513 -26.70 -26.28 26.62
C THR B 513 -25.77 -27.46 26.93
N THR B 514 -26.00 -28.58 26.25
CA THR B 514 -25.03 -29.70 26.13
C THR B 514 -24.83 -29.96 24.62
N ALA B 515 -25.30 -29.04 23.77
CA ALA B 515 -25.13 -29.16 22.31
C ALA B 515 -23.71 -28.70 21.92
N LYS B 516 -23.23 -29.16 20.79
CA LYS B 516 -21.95 -28.71 20.19
C LYS B 516 -22.27 -28.18 18.80
N ALA B 517 -21.51 -27.19 18.31
CA ALA B 517 -21.65 -26.77 16.92
C ALA B 517 -20.32 -26.17 16.44
N GLY B 518 -20.22 -26.00 15.14
CA GLY B 518 -19.04 -25.34 14.55
C GLY B 518 -19.04 -25.45 13.06
N PHE B 519 -17.85 -25.52 12.49
CA PHE B 519 -17.66 -25.49 11.03
C PHE B 519 -16.88 -26.72 10.62
N ARG B 520 -17.26 -27.29 9.50
CA ARG B 520 -16.44 -28.28 8.77
C ARG B 520 -15.81 -27.54 7.59
N VAL B 521 -14.52 -27.74 7.37
CA VAL B 521 -13.79 -27.06 6.26
C VAL B 521 -12.95 -28.08 5.49
N LEU B 522 -12.45 -27.68 4.32
CA LEU B 522 -11.59 -28.52 3.46
C LEU B 522 -12.25 -29.91 3.29
N ALA B 523 -13.51 -29.92 2.87
CA ALA B 523 -14.40 -31.08 3.02
C ALA B 523 -14.84 -31.63 1.67
N SER B 524 -14.60 -32.93 1.49
CA SER B 524 -15.29 -33.79 0.51
C SER B 524 -15.94 -34.93 1.29
N GLU B 525 -16.47 -35.92 0.60
CA GLU B 525 -17.03 -37.13 1.26
C GLU B 525 -15.92 -37.83 2.04
N GLU B 526 -14.69 -37.87 1.51
CA GLU B 526 -13.62 -38.74 2.06
C GLU B 526 -12.62 -38.01 2.96
N GLU B 527 -12.57 -36.67 2.92
CA GLU B 527 -11.60 -35.86 3.70
C GLU B 527 -12.33 -34.65 4.23
N TYR B 528 -12.09 -34.30 5.48
CA TYR B 528 -12.69 -33.07 6.06
C TYR B 528 -12.00 -32.81 7.38
N THR B 529 -12.11 -31.57 7.83
CA THR B 529 -11.58 -31.07 9.11
C THR B 529 -12.73 -30.45 9.88
N ASP B 530 -12.89 -30.84 11.14
CA ASP B 530 -14.05 -30.46 11.97
C ASP B 530 -13.62 -29.51 13.08
N ILE B 531 -14.24 -28.34 13.10
CA ILE B 531 -13.98 -27.32 14.14
C ILE B 531 -15.21 -27.26 15.05
N TRP B 532 -15.08 -27.72 16.28
CA TRP B 532 -16.22 -27.86 17.22
C TRP B 532 -16.05 -26.89 18.36
N PHE B 533 -17.14 -26.30 18.83
CA PHE B 533 -17.13 -25.74 20.20
C PHE B 533 -18.16 -26.53 21.02
N ASP B 534 -17.77 -26.86 22.24
CA ASP B 534 -18.59 -27.66 23.20
C ASP B 534 -18.71 -26.81 24.45
N PRO B 535 -19.74 -25.94 24.55
CA PRO B 535 -19.81 -25.03 25.69
C PRO B 535 -19.73 -25.71 27.06
N ALA B 536 -20.31 -26.90 27.19
CA ALA B 536 -20.39 -27.59 28.51
C ALA B 536 -18.97 -27.94 28.99
N SER B 537 -18.05 -28.31 28.08
CA SER B 537 -16.62 -28.56 28.43
C SER B 537 -15.70 -27.33 28.28
N GLU B 538 -16.14 -26.28 27.59
CA GLU B 538 -15.42 -25.01 27.31
C GLU B 538 -14.27 -25.28 26.36
N ASN B 539 -14.43 -26.29 25.52
CA ASN B 539 -13.35 -26.74 24.61
C ASN B 539 -13.73 -26.39 23.17
N LEU B 540 -12.80 -25.67 22.49
CA LEU B 540 -12.79 -25.52 21.02
C LEU B 540 -11.80 -26.56 20.51
N THR B 541 -12.22 -27.44 19.64
CA THR B 541 -11.39 -28.54 19.13
C THR B 541 -11.34 -28.48 17.63
N VAL B 542 -10.22 -28.91 17.08
CA VAL B 542 -10.11 -29.21 15.64
C VAL B 542 -9.78 -30.69 15.52
N VAL B 543 -10.72 -31.42 14.97
CA VAL B 543 -10.60 -32.89 14.84
C VAL B 543 -10.11 -33.15 13.43
N ARG B 544 -8.99 -33.85 13.31
CA ARG B 544 -8.20 -34.03 12.07
C ARG B 544 -8.01 -35.52 11.78
N THR B 545 -8.84 -36.40 12.37
CA THR B 545 -8.80 -37.82 12.05
C THR B 545 -9.11 -38.08 10.57
N ALA B 546 -9.95 -37.26 9.93
CA ALA B 546 -10.27 -37.44 8.50
C ALA B 546 -9.65 -36.32 7.64
N SER B 547 -8.78 -35.47 8.18
CA SER B 547 -8.29 -34.27 7.44
C SER B 547 -7.67 -34.68 6.10
N SER B 548 -6.96 -35.81 6.05
CA SER B 548 -6.24 -36.22 4.83
C SER B 548 -6.22 -37.74 4.67
N LEU B 549 -6.27 -38.22 3.44
CA LEU B 549 -5.98 -39.63 3.09
C LEU B 549 -4.47 -39.88 3.20
N ILE B 550 -3.65 -38.83 3.22
CA ILE B 550 -2.18 -38.99 3.36
C ILE B 550 -1.87 -39.25 4.82
N LYS B 551 -1.34 -40.42 5.12
CA LYS B 551 -1.25 -40.93 6.53
C LYS B 551 -0.08 -40.31 7.29
N SER B 552 0.90 -39.72 6.61
CA SER B 552 2.14 -39.28 7.29
C SER B 552 1.96 -37.94 8.02
N PHE B 553 0.93 -37.16 7.69
CA PHE B 553 0.68 -35.85 8.37
C PHE B 553 0.07 -36.07 9.75
N GLY B 554 0.29 -35.14 10.67
CA GLY B 554 -0.30 -35.16 12.00
C GLY B 554 -1.81 -35.20 11.95
N ASN B 555 -2.43 -35.92 12.90
CA ASN B 555 -3.92 -36.05 12.91
C ASN B 555 -4.46 -35.90 14.33
N ASP B 556 -3.68 -35.32 15.22
CA ASP B 556 -4.07 -35.15 16.65
C ASP B 556 -5.09 -33.99 16.69
N THR B 557 -5.98 -34.05 17.68
CA THR B 557 -7.07 -33.11 17.91
C THR B 557 -6.47 -31.86 18.54
N GLU B 558 -6.71 -30.70 17.96
CA GLU B 558 -6.24 -29.45 18.57
C GLU B 558 -7.26 -29.08 19.64
N LEU B 559 -6.85 -28.36 20.67
CA LEU B 559 -7.76 -27.90 21.74
C LEU B 559 -7.37 -26.52 22.26
N ALA B 560 -8.35 -25.62 22.35
CA ALA B 560 -8.26 -24.34 23.06
C ALA B 560 -9.36 -24.33 24.13
N LYS B 561 -9.11 -23.65 25.23
CA LYS B 561 -10.17 -23.32 26.23
C LYS B 561 -10.77 -21.99 25.81
N VAL B 562 -12.09 -21.87 25.81
CA VAL B 562 -12.77 -20.57 25.52
C VAL B 562 -13.79 -20.29 26.62
N LYS B 563 -13.64 -19.17 27.30
CA LYS B 563 -14.60 -18.73 28.32
C LYS B 563 -15.67 -17.89 27.63
N LEU B 564 -16.92 -18.36 27.62
CA LEU B 564 -18.06 -17.51 27.22
C LEU B 564 -18.51 -16.72 28.46
N TYR B 565 -18.12 -15.45 28.53
CA TYR B 565 -18.50 -14.53 29.61
C TYR B 565 -20.00 -14.26 29.45
N GLU B 566 -20.83 -14.76 30.38
CA GLU B 566 -22.30 -14.60 30.31
C GLU B 566 -22.64 -13.18 30.73
N ILE B 567 -23.56 -12.52 30.02
CA ILE B 567 -23.92 -11.10 30.32
C ILE B 567 -25.16 -11.09 31.25
N VAL B 568 -25.16 -10.20 32.22
CA VAL B 568 -26.29 -10.06 33.18
C VAL B 568 -27.57 -9.85 32.34
N GLY B 569 -28.59 -10.63 32.62
CA GLY B 569 -29.90 -10.50 31.96
C GLY B 569 -29.99 -11.33 30.70
N ALA B 570 -28.87 -11.84 30.17
CA ALA B 570 -28.92 -12.69 28.96
C ALA B 570 -29.42 -14.07 29.34
N GLU B 571 -30.18 -14.71 28.47
CA GLU B 571 -30.58 -16.12 28.64
C GLU B 571 -29.84 -16.98 27.62
N SER B 572 -28.73 -16.47 27.09
CA SER B 572 -27.91 -17.21 26.11
C SER B 572 -26.47 -16.71 26.21
N LYS B 573 -25.58 -17.45 25.55
CA LYS B 573 -24.13 -17.13 25.52
C LYS B 573 -23.66 -17.33 24.08
N THR B 574 -22.75 -16.46 23.62
CA THR B 574 -22.44 -16.39 22.17
C THR B 574 -20.95 -16.61 21.93
N LEU B 575 -20.65 -17.47 20.95
CA LEU B 575 -19.30 -17.67 20.38
C LEU B 575 -19.28 -17.03 18.99
N ASN B 576 -18.42 -16.01 18.82
CA ASN B 576 -18.13 -15.44 17.49
C ASN B 576 -16.87 -16.10 16.96
N LEU B 577 -17.01 -16.86 15.88
CA LEU B 577 -15.94 -17.71 15.33
C LEU B 577 -15.63 -17.21 13.93
N THR B 578 -14.36 -16.87 13.67
CA THR B 578 -13.83 -16.60 12.31
C THR B 578 -12.75 -17.65 11.97
N VAL B 579 -12.84 -18.21 10.77
CA VAL B 579 -11.88 -19.26 10.30
C VAL B 579 -11.30 -18.80 8.97
N PHE B 580 -9.99 -18.82 8.88
CA PHE B 580 -9.22 -18.61 7.63
C PHE B 580 -8.67 -19.97 7.18
N VAL B 581 -8.98 -20.34 5.95
CA VAL B 581 -8.45 -21.53 5.26
C VAL B 581 -7.55 -21.02 4.15
N ASP B 582 -6.29 -21.40 4.18
CA ASP B 582 -5.28 -20.84 3.25
C ASP B 582 -4.28 -21.93 2.89
N GLY B 583 -4.58 -22.69 1.85
CA GLY B 583 -3.75 -23.86 1.49
C GLY B 583 -3.97 -24.94 2.51
N SER B 584 -2.97 -25.18 3.33
CA SER B 584 -3.00 -26.14 4.45
C SER B 584 -3.24 -25.43 5.77
N VAL B 585 -3.13 -24.10 5.85
CA VAL B 585 -3.36 -23.41 7.15
C VAL B 585 -4.86 -23.31 7.46
N ILE B 586 -5.20 -23.64 8.69
CA ILE B 586 -6.53 -23.30 9.28
C ILE B 586 -6.24 -22.43 10.48
N GLU B 587 -6.71 -21.18 10.45
CA GLU B 587 -6.42 -20.23 11.53
C GLU B 587 -7.75 -19.70 12.09
N ILE B 588 -7.99 -19.96 13.37
CA ILE B 588 -9.31 -19.80 14.02
C ILE B 588 -9.17 -18.70 15.05
N TYR B 589 -10.13 -17.80 15.06
CA TYR B 589 -10.22 -16.73 16.08
C TYR B 589 -11.60 -16.81 16.73
N ALA B 590 -11.65 -16.79 18.06
CA ALA B 590 -12.91 -16.74 18.82
C ALA B 590 -12.96 -15.50 19.70
N ASN B 591 -14.01 -14.72 19.55
CA ASN B 591 -14.35 -13.61 20.47
C ASN B 591 -13.19 -12.61 20.58
N ASP B 592 -12.39 -12.45 19.53
CA ASP B 592 -11.26 -11.50 19.54
C ASP B 592 -10.33 -11.79 20.70
N GLU B 593 -10.15 -13.07 21.06
CA GLU B 593 -9.43 -13.42 22.29
C GLU B 593 -8.64 -14.72 22.06
N VAL B 594 -9.28 -15.74 21.54
CA VAL B 594 -8.71 -17.10 21.45
C VAL B 594 -8.27 -17.34 20.01
N ALA B 595 -7.03 -17.78 19.82
CA ALA B 595 -6.52 -18.07 18.47
C ALA B 595 -6.01 -19.50 18.44
N LEU B 596 -6.26 -20.20 17.36
CA LEU B 596 -5.81 -21.59 17.16
C LEU B 596 -5.42 -21.77 15.71
N SER B 597 -4.12 -21.96 15.45
CA SER B 597 -3.57 -22.22 14.10
C SER B 597 -3.27 -23.70 13.96
N THR B 598 -3.67 -24.31 12.87
CA THR B 598 -3.34 -25.73 12.63
C THR B 598 -3.17 -25.99 11.15
N ARG B 599 -2.95 -27.25 10.80
CA ARG B 599 -2.65 -27.64 9.41
C ARG B 599 -3.54 -28.82 8.99
N ALA B 600 -4.01 -28.79 7.75
CA ALA B 600 -4.74 -29.92 7.14
C ALA B 600 -4.25 -30.06 5.72
N TYR B 601 -3.98 -31.28 5.30
CA TYR B 601 -3.40 -31.56 3.97
C TYR B 601 -4.23 -32.58 3.20
N PRO B 602 -5.53 -32.32 2.92
CA PRO B 602 -6.32 -33.24 2.10
C PRO B 602 -5.70 -33.37 0.71
N TRP B 603 -5.70 -34.59 0.18
CA TRP B 603 -5.18 -34.87 -1.17
C TRP B 603 -6.16 -34.48 -2.26
N LEU B 604 -7.45 -34.78 -2.08
CA LEU B 604 -8.39 -34.73 -3.23
C LEU B 604 -8.65 -33.29 -3.62
N ALA B 605 -8.69 -33.01 -4.90
CA ALA B 605 -8.92 -31.66 -5.48
C ALA B 605 -10.27 -31.14 -5.01
N ASN B 606 -11.27 -32.00 -4.76
CA ASN B 606 -12.59 -31.45 -4.36
C ASN B 606 -12.73 -31.41 -2.83
N SER B 607 -11.67 -31.59 -2.05
CA SER B 607 -11.76 -31.47 -0.57
C SER B 607 -11.64 -29.98 -0.17
N THR B 608 -12.60 -29.16 -0.62
CA THR B 608 -12.59 -27.69 -0.41
C THR B 608 -13.87 -27.22 0.25
N GLY B 609 -14.86 -28.10 0.43
CA GLY B 609 -16.19 -27.67 0.87
C GLY B 609 -16.22 -27.25 2.32
N ALA B 610 -17.30 -26.56 2.69
CA ALA B 610 -17.50 -26.10 4.07
C ALA B 610 -18.98 -26.03 4.44
N GLY B 611 -19.25 -26.07 5.74
CA GLY B 611 -20.61 -25.97 6.27
C GLY B 611 -20.62 -26.04 7.76
N LEU B 612 -21.83 -26.19 8.31
CA LEU B 612 -22.14 -26.14 9.75
C LEU B 612 -22.14 -27.56 10.31
N LEU B 613 -21.57 -27.68 11.51
CA LEU B 613 -21.57 -28.91 12.34
C LEU B 613 -22.55 -28.70 13.49
N ALA B 614 -23.26 -29.77 13.85
CA ALA B 614 -24.29 -29.79 14.92
C ALA B 614 -24.23 -31.16 15.58
N ASP B 615 -24.15 -31.18 16.90
CA ASP B 615 -24.19 -32.42 17.70
C ASP B 615 -25.08 -32.18 18.92
N GLY B 616 -26.08 -33.05 19.14
CA GLY B 616 -26.92 -32.95 20.35
C GLY B 616 -27.87 -31.78 20.24
N THR B 617 -28.16 -31.29 19.02
CA THR B 617 -29.15 -30.19 18.87
C THR B 617 -30.54 -30.83 18.78
N THR B 618 -31.50 -30.23 19.48
CA THR B 618 -32.87 -30.78 19.63
C THR B 618 -33.89 -29.64 19.51
N ALA B 619 -35.19 -29.96 19.62
CA ALA B 619 -36.25 -28.93 19.70
C ALA B 619 -36.02 -28.10 20.97
N GLY B 620 -35.48 -28.68 22.04
CA GLY B 620 -35.29 -28.00 23.33
C GLY B 620 -33.87 -27.48 23.57
N ASP B 621 -32.86 -27.92 22.80
CA ASP B 621 -31.45 -27.43 22.94
C ASP B 621 -31.03 -26.94 21.55
N VAL B 622 -31.33 -25.68 21.25
CA VAL B 622 -31.23 -25.13 19.87
C VAL B 622 -29.96 -24.27 19.79
N VAL B 623 -29.19 -24.39 18.70
CA VAL B 623 -28.04 -23.46 18.51
C VAL B 623 -28.42 -22.49 17.40
N GLY B 624 -28.49 -21.20 17.74
CA GLY B 624 -28.84 -20.15 16.77
C GLY B 624 -27.57 -19.67 16.08
N VAL B 625 -27.50 -19.84 14.76
CA VAL B 625 -26.31 -19.41 13.98
C VAL B 625 -26.72 -18.21 13.11
N SER B 626 -26.02 -17.09 13.27
CA SER B 626 -26.29 -15.85 12.52
C SER B 626 -24.97 -15.18 12.12
N GLY B 627 -25.07 -14.10 11.34
CA GLY B 627 -23.90 -13.37 10.81
C GLY B 627 -23.00 -14.31 10.02
N LEU B 628 -23.56 -15.29 9.34
CA LEU B 628 -22.81 -16.27 8.53
C LEU B 628 -22.35 -15.59 7.22
N GLU B 629 -21.05 -15.66 6.94
CA GLU B 629 -20.51 -15.21 5.63
C GLU B 629 -19.38 -16.11 5.20
N LEU B 630 -19.31 -16.34 3.89
CA LEU B 630 -18.21 -17.04 3.21
C LEU B 630 -17.49 -16.00 2.35
N TRP B 631 -16.19 -15.84 2.53
CA TRP B 631 -15.32 -15.04 1.63
C TRP B 631 -14.51 -16.02 0.79
N ASP B 632 -14.85 -16.21 -0.46
CA ASP B 632 -14.14 -17.16 -1.34
C ASP B 632 -13.05 -16.41 -2.12
N GLY B 633 -11.79 -16.77 -1.87
CA GLY B 633 -10.66 -16.35 -2.72
C GLY B 633 -9.57 -15.64 -1.92
N LEU B 634 -9.94 -14.80 -0.97
CA LEU B 634 -9.01 -13.95 -0.18
C LEU B 634 -8.17 -13.13 -1.18
N VAL B 635 -6.88 -12.99 -0.94
CA VAL B 635 -5.97 -12.09 -1.72
C VAL B 635 -4.76 -12.91 -2.10
N ASP B 636 -4.15 -12.61 -3.24
CA ASP B 636 -2.79 -13.09 -3.61
C ASP B 636 -1.80 -12.23 -2.83
N ALA B 637 -1.21 -12.75 -1.74
CA ALA B 637 -0.33 -11.96 -0.85
C ALA B 637 1.00 -11.60 -1.54
N TRP B 638 1.39 -12.31 -2.60
CA TRP B 638 2.71 -12.14 -3.25
C TRP B 638 2.52 -12.00 -4.74
N PRO B 639 1.93 -10.88 -5.23
CA PRO B 639 1.54 -10.80 -6.61
C PRO B 639 2.72 -10.90 -7.58
N ALA B 640 3.92 -10.54 -7.18
CA ALA B 640 5.06 -10.55 -8.13
C ALA B 640 5.59 -11.99 -8.23
N ARG B 641 5.23 -12.88 -7.33
CA ARG B 641 5.83 -14.23 -7.32
C ARG B 641 5.03 -15.10 -8.31
N PRO B 642 5.70 -15.94 -9.12
CA PRO B 642 4.97 -16.99 -9.85
C PRO B 642 4.43 -18.04 -8.85
N ALA B 643 3.65 -19.01 -9.34
CA ALA B 643 3.04 -20.04 -8.48
C ALA B 643 4.15 -20.91 -7.87
N ASN B 644 5.15 -21.24 -8.64
CA ASN B 644 6.26 -22.13 -8.21
C ASN B 644 7.53 -21.28 -8.08
N THR B 645 7.91 -20.90 -6.86
CA THR B 645 9.13 -20.11 -6.59
C THR B 645 10.23 -21.04 -6.08
N SER B 646 10.09 -22.35 -6.25
CA SER B 646 11.20 -23.26 -5.88
C SER B 646 12.45 -22.87 -6.66
N GLN B 647 13.63 -23.01 -6.06
CA GLN B 647 14.92 -22.93 -6.78
C GLN B 647 15.62 -24.29 -6.67
N GLY B 648 14.90 -25.34 -6.27
CA GLY B 648 15.50 -26.65 -5.99
C GLY B 648 16.04 -26.72 -4.57
N LEU B 649 16.47 -27.90 -4.19
CA LEU B 649 17.02 -28.14 -2.84
C LEU B 649 18.44 -28.63 -2.98
N VAL B 650 19.25 -28.36 -1.97
CA VAL B 650 20.66 -28.79 -1.98
C VAL B 650 21.00 -29.49 -0.69
N TRP B 651 22.08 -30.28 -0.77
CA TRP B 651 22.67 -30.96 0.40
C TRP B 651 24.01 -30.30 0.73
N ASP B 652 24.26 -30.06 1.99
CA ASP B 652 25.53 -29.45 2.47
C ASP B 652 26.69 -30.45 2.31
N GLY B 653 26.38 -31.72 2.12
CA GLY B 653 27.42 -32.75 1.93
C GLY B 653 27.96 -33.28 3.25
N PRO B 654 29.00 -34.15 3.17
CA PRO B 654 29.47 -34.88 4.35
C PRO B 654 29.99 -34.00 5.51
N THR B 655 30.43 -32.77 5.24
CA THR B 655 30.92 -31.86 6.32
C THR B 655 29.77 -31.48 7.26
N ALA B 656 28.50 -31.53 6.84
CA ALA B 656 27.39 -31.12 7.75
C ALA B 656 27.48 -31.94 9.05
N ALA B 657 27.69 -33.25 8.92
CA ALA B 657 27.79 -34.17 10.08
C ALA B 657 29.11 -33.94 10.82
N MET B 658 30.17 -33.49 10.13
CA MET B 658 31.46 -33.21 10.81
C MET B 658 31.32 -31.99 11.69
N TYR B 659 30.72 -30.90 11.19
CA TYR B 659 30.59 -29.66 11.98
C TYR B 659 29.52 -29.88 13.06
N GLY B 660 28.48 -30.65 12.74
CA GLY B 660 27.43 -31.06 13.71
C GLY B 660 26.49 -29.93 14.06
N LEU B 661 26.41 -28.86 13.27
CA LEU B 661 25.59 -27.67 13.66
C LEU B 661 24.21 -27.71 13.02
N PHE B 662 24.13 -28.18 11.78
CA PHE B 662 22.91 -28.12 10.93
C PHE B 662 22.63 -29.52 10.39
N ALA B 663 21.37 -29.86 10.13
CA ALA B 663 21.03 -31.15 9.49
C ALA B 663 21.77 -31.29 8.15
N GLY B 664 21.82 -30.21 7.38
CA GLY B 664 22.53 -30.15 6.08
C GLY B 664 21.59 -30.29 4.91
N TYR B 665 20.29 -30.40 5.13
CA TYR B 665 19.29 -30.44 4.03
C TYR B 665 18.04 -29.64 4.42
C1 NAG C . 21.38 30.24 -4.45
C2 NAG C . 22.79 29.96 -3.95
C3 NAG C . 23.77 30.44 -4.99
C4 NAG C . 23.50 29.71 -6.33
C5 NAG C . 22.07 29.94 -6.75
C6 NAG C . 21.73 29.01 -7.94
C7 NAG C . 23.47 30.02 -1.60
C8 NAG C . 23.80 30.92 -0.43
N2 NAG C . 23.03 30.63 -2.67
O3 NAG C . 25.09 30.15 -4.53
O4 NAG C . 24.45 30.17 -7.31
O5 NAG C . 21.28 29.50 -5.65
O6 NAG C . 20.57 29.51 -8.59
O7 NAG C . 23.68 28.81 -1.59
C1 NAG C . 24.25 31.39 -7.93
C2 NAG C . 25.62 31.89 -8.45
C3 NAG C . 25.45 33.21 -9.14
C4 NAG C . 24.39 33.06 -10.21
C5 NAG C . 23.06 32.46 -9.65
C6 NAG C . 21.95 32.19 -10.65
C7 NAG C . 27.47 31.14 -6.97
C8 NAG C . 27.67 29.97 -7.75
N2 NAG C . 26.53 32.02 -7.33
O3 NAG C . 26.74 33.57 -9.66
O4 NAG C . 24.02 34.33 -10.72
O5 NAG C . 23.31 31.27 -8.95
O6 NAG C . 20.78 31.78 -9.90
O7 NAG C . 28.14 31.25 -5.92
C1 BMA C . 24.62 34.66 -11.99
C2 BMA C . 23.73 35.66 -12.66
C3 BMA C . 24.35 36.12 -13.98
C4 BMA C . 25.77 36.59 -13.76
C5 BMA C . 26.63 35.65 -12.97
C6 BMA C . 27.91 36.45 -12.65
O2 BMA C . 23.59 36.76 -11.74
O3 BMA C . 23.63 37.22 -14.50
O4 BMA C . 26.36 36.72 -15.02
O5 BMA C . 25.91 35.18 -11.76
O6 BMA C . 28.46 35.78 -11.50
C1 MAN C . 22.40 36.94 -15.15
C2 MAN C . 22.27 38.13 -16.08
C3 MAN C . 21.95 39.41 -15.32
C4 MAN C . 20.74 39.23 -14.41
C5 MAN C . 20.86 37.97 -13.53
C6 MAN C . 19.60 37.71 -12.69
O2 MAN C . 21.21 37.92 -17.00
O3 MAN C . 21.70 40.44 -16.26
O4 MAN C . 20.70 40.40 -13.59
O5 MAN C . 21.22 36.81 -14.33
O6 MAN C . 18.55 37.19 -13.49
C1 MAN C . 21.71 37.12 -18.09
C2 MAN C . 22.57 38.04 -19.02
C3 MAN C . 22.03 38.28 -20.45
C4 MAN C . 20.64 37.66 -20.74
C5 MAN C . 19.81 37.42 -19.47
C6 MAN C . 18.40 36.91 -19.76
O2 MAN C . 23.96 37.60 -19.05
O3 MAN C . 22.97 37.81 -21.42
O4 MAN C . 19.90 38.55 -21.59
O5 MAN C . 20.54 36.49 -18.66
O6 MAN C . 17.86 36.27 -18.61
C1 MAN C . 29.80 36.10 -11.04
C2 MAN C . 30.51 34.75 -10.61
C3 MAN C . 30.07 34.20 -9.22
C4 MAN C . 30.02 35.36 -8.19
C5 MAN C . 29.40 36.70 -8.66
C6 MAN C . 29.74 37.78 -7.60
O2 MAN C . 31.95 34.87 -10.61
O3 MAN C . 30.95 33.16 -8.68
O4 MAN C . 29.33 34.88 -7.04
O5 MAN C . 29.82 37.11 -9.99
O6 MAN C . 28.97 38.97 -7.74
C1 MAN C . 30.65 31.74 -8.94
C2 MAN C . 31.40 30.79 -7.95
C3 MAN C . 32.89 30.64 -8.35
C4 MAN C . 33.05 30.28 -9.84
C5 MAN C . 32.34 31.34 -10.67
C6 MAN C . 32.44 31.14 -12.18
O2 MAN C . 30.75 29.49 -7.75
O3 MAN C . 33.57 29.68 -7.52
O4 MAN C . 34.45 30.17 -10.20
O5 MAN C . 30.96 31.38 -10.30
O6 MAN C . 32.23 32.45 -12.77
C1 NAG D . 23.07 15.52 -15.43
C2 NAG D . 24.33 16.36 -15.00
C3 NAG D . 25.50 15.47 -14.57
C4 NAG D . 25.01 14.53 -13.53
C5 NAG D . 23.82 13.73 -14.11
C6 NAG D . 23.36 12.59 -13.19
C7 NAG D . 24.41 18.53 -16.08
C8 NAG D . 24.68 19.23 -17.36
N2 NAG D . 24.74 17.23 -16.07
O3 NAG D . 26.61 16.25 -14.07
O4 NAG D . 26.11 13.61 -13.24
O5 NAG D . 22.74 14.64 -14.40
O6 NAG D . 22.81 13.18 -12.03
O7 NAG D . 23.89 19.16 -15.12
C1 NAG D . 26.33 13.36 -11.84
C2 NAG D . 27.36 12.25 -11.71
C3 NAG D . 27.75 12.08 -10.26
C4 NAG D . 28.07 13.41 -9.61
C5 NAG D . 26.95 14.42 -9.84
C6 NAG D . 27.26 15.82 -9.21
C7 NAG D . 26.92 10.53 -13.46
C8 NAG D . 26.27 9.18 -13.69
N2 NAG D . 26.77 10.97 -12.21
O3 NAG D . 28.82 11.08 -10.11
O4 NAG D . 28.09 13.16 -8.18
O5 NAG D . 26.91 14.59 -11.26
O6 NAG D . 28.55 16.20 -9.70
O7 NAG D . 27.53 11.15 -14.33
C1 BMA D . 29.40 13.11 -7.63
C2 BMA D . 29.38 13.75 -6.23
C3 BMA D . 30.75 13.61 -5.57
C4 BMA D . 31.26 12.21 -5.65
C5 BMA D . 31.17 11.67 -7.08
C6 BMA D . 31.47 10.18 -7.06
O2 BMA D . 28.44 12.99 -5.47
O3 BMA D . 30.63 13.88 -4.13
O4 BMA D . 32.58 12.10 -5.15
O5 BMA D . 29.80 11.75 -7.49
O6 BMA D . 31.51 9.75 -8.49
C1 MAN D . 31.54 14.91 -3.75
C2 MAN D . 31.45 15.06 -2.24
C3 MAN D . 30.10 15.58 -1.78
C4 MAN D . 29.90 16.94 -2.41
C5 MAN D . 30.09 16.84 -3.94
C6 MAN D . 30.11 18.28 -4.51
O2 MAN D . 32.47 16.00 -1.96
O3 MAN D . 30.16 15.66 -0.39
O4 MAN D . 28.58 17.44 -2.18
O5 MAN D . 31.31 16.19 -4.30
O6 MAN D . 30.06 18.27 -5.95
C1 MAN D . 33.36 15.42 -0.95
C2 MAN D . 34.18 16.59 -0.41
C3 MAN D . 35.23 16.98 -1.44
C4 MAN D . 36.19 15.80 -1.67
C5 MAN D . 35.41 14.53 -2.09
C6 MAN D . 36.31 13.30 -2.01
O2 MAN D . 34.79 16.28 0.86
O3 MAN D . 35.86 18.17 -0.96
O4 MAN D . 37.19 16.16 -2.66
O5 MAN D . 34.20 14.30 -1.33
O6 MAN D . 35.57 12.22 -1.46
C1 MAN D . 33.78 16.30 1.91
C2 MAN D . 33.63 17.73 2.43
C3 MAN D . 34.85 18.10 3.29
C4 MAN D . 35.29 17.00 4.26
C5 MAN D . 35.34 15.63 3.57
C6 MAN D . 35.73 14.50 4.52
O2 MAN D . 32.36 17.83 3.10
O3 MAN D . 34.57 19.33 3.99
O4 MAN D . 36.60 17.27 4.78
O5 MAN D . 34.04 15.39 3.00
O6 MAN D . 34.63 13.63 4.69
C1 MAN D . 32.00 8.43 -8.56
C2 MAN D . 31.99 8.10 -10.07
C3 MAN D . 30.56 7.96 -10.60
C4 MAN D . 29.73 7.00 -9.74
C5 MAN D . 29.78 7.60 -8.32
C6 MAN D . 28.99 6.83 -7.26
O2 MAN D . 32.65 6.85 -10.26
O3 MAN D . 30.59 7.41 -11.91
O4 MAN D . 28.40 6.93 -10.19
O5 MAN D . 31.14 7.51 -7.92
O6 MAN D . 29.58 5.55 -7.22
C1 MAN D . 28.74 4.57 -6.56
C2 MAN D . 29.62 3.36 -6.18
C3 MAN D . 30.17 2.65 -7.43
C4 MAN D . 29.05 2.32 -8.41
C5 MAN D . 28.13 3.53 -8.70
C6 MAN D . 26.97 3.20 -9.64
O2 MAN D . 28.83 2.38 -5.50
O3 MAN D . 30.80 1.42 -7.05
O4 MAN D . 29.64 1.81 -9.64
O5 MAN D . 27.66 4.09 -7.41
O6 MAN D . 26.17 2.30 -8.87
C1 MAN D . 28.78 2.49 -4.05
C2 MAN D . 28.15 1.15 -3.63
C3 MAN D . 26.63 1.16 -3.95
C4 MAN D . 25.89 2.45 -3.51
C5 MAN D . 26.64 3.69 -4.00
C6 MAN D . 25.90 4.96 -3.54
O2 MAN D . 28.51 0.82 -2.28
O3 MAN D . 25.98 -0.02 -3.43
O4 MAN D . 24.56 2.54 -4.06
O5 MAN D . 28.03 3.64 -3.57
O6 MAN D . 26.52 6.10 -4.14
C1 MAN D . 30.21 8.39 -12.84
C2 MAN D . 29.92 7.71 -14.19
C3 MAN D . 31.18 7.12 -14.78
C4 MAN D . 32.26 8.19 -14.95
C5 MAN D . 32.50 8.87 -13.57
C6 MAN D . 33.49 10.03 -13.71
O2 MAN D . 29.37 8.69 -15.12
O3 MAN D . 30.88 6.57 -16.10
O4 MAN D . 33.49 7.63 -15.45
O5 MAN D . 31.27 9.36 -13.07
O6 MAN D . 33.64 10.55 -12.36
C1 NAG E . -24.26 14.50 -8.84
C2 NAG E . -24.68 13.78 -10.12
C3 NAG E . -25.78 12.79 -9.82
C4 NAG E . -25.47 11.94 -8.59
C5 NAG E . -25.09 12.84 -7.40
C6 NAG E . -24.80 12.20 -6.05
C7 NAG E . -24.43 15.13 -12.20
C8 NAG E . -25.12 16.16 -13.03
N2 NAG E . -25.15 14.74 -11.11
O3 NAG E . -25.95 11.99 -11.00
O4 NAG E . -26.66 11.24 -8.23
O5 NAG E . -23.93 13.52 -7.86
O6 NAG E . -23.66 11.36 -6.19
O7 NAG E . -23.30 14.71 -12.47
C1 NAG E . -26.56 9.84 -8.56
C2 NAG E . -27.59 9.05 -7.76
C3 NAG E . -27.35 7.58 -8.14
C4 NAG E . -27.57 7.44 -9.67
C5 NAG E . -26.51 8.28 -10.39
C6 NAG E . -26.61 8.23 -11.92
C7 NAG E . -28.14 10.43 -5.74
C8 NAG E . -29.18 11.26 -6.45
N2 NAG E . -27.50 9.38 -6.33
O3 NAG E . -28.22 6.70 -7.44
O4 NAG E . -27.54 6.08 -10.13
O5 NAG E . -26.69 9.63 -9.98
O6 NAG E . -27.93 8.66 -12.28
O7 NAG E . -27.83 10.79 -4.60
C1 NAG F . 16.76 -33.10 -4.04
C2 NAG F . 17.89 -33.10 -5.06
C3 NAG F . 19.15 -33.75 -4.53
C4 NAG F . 19.54 -33.01 -3.25
C5 NAG F . 18.39 -32.96 -2.24
C6 NAG F . 18.76 -32.11 -1.03
C7 NAG F . 17.45 -33.20 -7.47
C8 NAG F . 17.09 -34.11 -8.64
N2 NAG F . 17.45 -33.80 -6.26
O3 NAG F . 20.21 -33.56 -5.46
O4 NAG F . 20.75 -33.56 -2.70
O5 NAG F . 17.25 -32.39 -2.93
O6 NAG F . 17.89 -32.42 0.05
O7 NAG F . 17.74 -32.02 -7.63
C1 NAG F . 20.63 -34.77 -2.04
C2 NAG F . 22.00 -35.48 -2.17
C3 NAG F . 21.95 -36.80 -1.46
C4 NAG F . 21.46 -36.54 -0.05
C5 NAG F . 20.15 -35.72 0.00
C6 NAG F . 19.75 -35.36 1.43
C7 NAG F . 23.23 -34.86 -4.25
C8 NAG F . 23.39 -35.16 -5.70
N2 NAG F . 22.40 -35.67 -3.59
O3 NAG F . 23.29 -37.31 -1.43
O4 NAG F . 21.16 -37.75 0.63
O5 NAG F . 20.28 -34.53 -0.74
O6 NAG F . 18.41 -34.76 1.28
O7 NAG F . 23.79 -33.90 -3.72
C1 BMA F . 22.17 -38.17 1.56
C2 BMA F . 21.51 -39.07 2.59
C3 BMA F . 22.57 -39.61 3.57
C4 BMA F . 23.71 -40.25 2.81
C5 BMA F . 24.28 -39.34 1.74
C6 BMA F . 25.38 -40.17 1.04
O2 BMA F . 20.83 -40.14 1.90
O3 BMA F . 22.03 -40.56 4.48
O4 BMA F . 24.74 -40.55 3.73
O5 BMA F . 23.24 -38.83 0.86
O6 BMA F . 25.01 -40.55 -0.28
C1 MAN F . 26.02 -40.61 -1.34
C2 MAN F . 26.63 -39.24 -1.83
C3 MAN F . 25.99 -38.51 -3.08
C4 MAN F . 25.36 -39.48 -4.07
C5 MAN F . 24.58 -40.56 -3.30
C6 MAN F . 23.71 -41.47 -4.18
O2 MAN F . 28.03 -39.43 -2.13
O3 MAN F . 26.90 -37.67 -3.84
O4 MAN F . 24.57 -38.69 -4.98
O5 MAN F . 25.50 -41.33 -2.48
O6 MAN F . 24.51 -42.21 -5.11
C1 MAN F . 26.77 -36.21 -3.68
C2 MAN F . 27.03 -35.45 -4.99
C3 MAN F . 28.53 -35.46 -5.39
C4 MAN F . 29.45 -35.06 -4.22
C5 MAN F . 29.05 -35.80 -2.94
C6 MAN F . 29.81 -35.30 -1.71
O2 MAN F . 26.55 -34.10 -4.89
O3 MAN F . 28.78 -34.57 -6.50
O4 MAN F . 30.83 -35.32 -4.55
O5 MAN F . 27.63 -35.67 -2.66
O6 MAN F . 29.78 -36.36 -0.77
C1 MAN F . 21.38 -40.01 5.66
C2 MAN F . 21.49 -41.00 6.80
C3 MAN F . 20.68 -42.26 6.41
C4 MAN F . 19.30 -41.99 5.80
C5 MAN F . 19.30 -40.83 4.80
C6 MAN F . 17.90 -40.45 4.29
O2 MAN F . 21.04 -40.43 8.06
O3 MAN F . 20.52 -43.09 7.57
O4 MAN F . 18.87 -43.15 5.09
O5 MAN F . 19.99 -39.73 5.43
O6 MAN F . 17.01 -40.01 5.33
C1 NAG G . 25.03 -19.16 4.73
C2 NAG G . 25.87 -20.14 3.85
C3 NAG G . 26.89 -19.43 2.95
C4 NAG G . 26.12 -18.36 2.16
C5 NAG G . 25.39 -17.44 3.17
C6 NAG G . 24.69 -16.26 2.56
C7 NAG G . 26.04 -22.35 4.90
C8 NAG G . 26.75 -23.07 6.00
N2 NAG G . 26.51 -21.12 4.69
O3 NAG G . 27.54 -20.33 2.02
O4 NAG G . 27.15 -17.61 1.43
O5 NAG G . 24.41 -18.22 3.92
O6 NAG G . 23.67 -16.66 1.65
O7 NAG G . 25.08 -22.82 4.29
C1 NAG G . 26.74 -17.39 0.10
C2 NAG G . 27.75 -16.40 -0.52
C3 NAG G . 27.51 -16.25 -2.02
C4 NAG G . 27.38 -17.62 -2.73
C5 NAG G . 26.33 -18.45 -2.01
C6 NAG G . 26.10 -19.82 -2.71
C7 NAG G . 28.38 -14.69 1.18
C8 NAG G . 28.08 -13.28 1.68
N2 NAG G . 27.63 -15.10 0.15
O3 NAG G . 28.54 -15.36 -2.59
O4 NAG G . 26.79 -17.37 -4.01
O5 NAG G . 26.72 -18.63 -0.64
O6 NAG G . 27.39 -20.45 -2.66
O7 NAG G . 29.18 -15.39 1.76
C1 BMA G . 27.73 -17.43 -5.09
C2 BMA G . 27.00 -17.94 -6.31
C3 BMA G . 27.96 -17.93 -7.51
C4 BMA G . 28.62 -16.58 -7.70
C5 BMA G . 29.25 -16.18 -6.37
C6 BMA G . 29.84 -14.86 -6.56
O2 BMA G . 25.93 -17.05 -6.55
O3 BMA G . 27.19 -18.23 -8.70
O4 BMA G . 29.64 -16.73 -8.70
O5 BMA G . 28.24 -16.14 -5.35
O6 BMA G . 30.37 -14.39 -5.28
C1 MAN G . 27.74 -19.38 -9.40
C2 MAN G . 27.05 -19.42 -10.75
C3 MAN G . 25.58 -19.74 -10.61
C4 MAN G . 25.44 -21.05 -9.85
C5 MAN G . 26.14 -20.95 -8.47
C6 MAN G . 25.97 -22.27 -7.69
O2 MAN G . 27.66 -20.50 -11.45
O3 MAN G . 25.04 -19.82 -11.92
O4 MAN G . 24.07 -21.37 -9.69
O5 MAN G . 27.51 -20.61 -8.74
O6 MAN G . 26.94 -22.48 -6.63
C1 MAN G . 27.98 -20.04 -12.81
C2 MAN G . 28.40 -21.26 -13.64
C3 MAN G . 29.69 -21.85 -13.08
C4 MAN G . 30.80 -20.80 -13.15
C5 MAN G . 30.30 -19.52 -12.44
C6 MAN G . 31.26 -18.36 -12.58
O2 MAN G . 28.55 -20.87 -15.02
O3 MAN G . 30.04 -23.05 -13.80
O4 MAN G . 32.02 -21.35 -12.60
O5 MAN G . 29.01 -19.05 -12.92
O6 MAN G . 30.82 -17.50 -13.63
C1 MAN G . 27.75 -21.74 -15.85
C2 MAN G . 28.14 -21.53 -17.31
C3 MAN G . 27.67 -20.17 -17.85
C4 MAN G . 26.28 -19.70 -17.35
C5 MAN G . 25.61 -20.47 -16.18
C6 MAN G . 24.20 -20.94 -16.56
O2 MAN G . 27.61 -22.62 -18.09
O3 MAN G . 27.66 -20.20 -19.28
O4 MAN G . 26.42 -18.33 -16.97
O5 MAN G . 26.31 -21.63 -15.70
O6 MAN G . 23.21 -20.22 -15.82
C1 MAN G . 31.09 -13.20 -5.45
C2 MAN G . 31.74 -12.89 -4.10
C3 MAN G . 30.69 -12.63 -3.00
C4 MAN G . 29.75 -11.53 -3.49
C5 MAN G . 29.08 -12.04 -4.81
C6 MAN G . 28.04 -11.07 -5.33
O2 MAN G . 32.58 -11.74 -4.28
O3 MAN G . 31.32 -12.11 -1.80
O4 MAN G . 28.79 -11.23 -2.48
O5 MAN G . 30.17 -12.14 -5.76
O6 MAN G . 28.76 -9.88 -5.66
C1 MAN G . 27.85 -8.79 -5.97
C2 MAN G . 28.64 -7.72 -6.73
C3 MAN G . 29.77 -7.17 -5.86
C4 MAN G . 29.21 -6.69 -4.51
C5 MAN G . 28.32 -7.80 -3.84
C6 MAN G . 27.71 -7.45 -2.48
O2 MAN G . 27.83 -6.58 -7.05
O3 MAN G . 30.41 -6.09 -6.55
O4 MAN G . 30.37 -6.41 -3.72
O5 MAN G . 27.28 -8.24 -4.77
O6 MAN G . 26.96 -6.23 -2.64
C1 MAN G . 27.09 -6.69 -8.30
C2 MAN G . 26.65 -5.24 -8.61
C3 MAN G . 25.46 -4.80 -7.71
C4 MAN G . 24.42 -5.90 -7.38
C5 MAN G . 25.00 -7.32 -7.21
C6 MAN G . 23.86 -8.36 -7.14
O2 MAN G . 26.51 -5.08 -10.04
O3 MAN G . 24.79 -3.65 -8.26
O4 MAN G . 23.73 -5.61 -6.15
O5 MAN G . 25.97 -7.62 -8.25
O6 MAN G . 24.46 -9.65 -7.37
C1 MAN G . 31.31 -13.07 -0.77
C2 MAN G . 31.73 -12.38 0.51
C3 MAN G . 33.18 -11.92 0.47
C4 MAN G . 34.06 -13.16 0.18
C5 MAN G . 33.57 -13.79 -1.16
C6 MAN G . 34.32 -15.07 -1.48
O2 MAN G . 31.50 -13.28 1.61
O3 MAN G . 33.53 -11.34 1.75
O4 MAN G . 35.45 -12.84 0.16
O5 MAN G . 32.19 -14.18 -1.04
O6 MAN G . 33.82 -15.67 -2.65
C1 NAG H . -20.07 -11.12 18.78
C2 NAG H . -19.80 -10.34 20.05
C3 NAG H . -20.77 -9.17 20.16
C4 NAG H . -20.85 -8.39 18.83
C5 NAG H . -21.19 -9.35 17.69
C6 NAG H . -21.33 -8.73 16.31
C7 NAG H . -18.85 -11.74 21.85
C8 NAG H . -19.28 -12.83 22.78
N2 NAG H . -19.89 -11.23 21.18
O3 NAG H . -20.27 -8.33 21.20
O4 NAG H . -21.91 -7.44 18.90
O5 NAG H . -20.10 -10.25 17.65
O6 NAG H . -20.09 -8.07 16.00
O7 NAG H . -17.66 -11.44 21.74
C1 NAG H . -21.46 -6.09 19.15
C2 NAG H . -22.69 -5.18 18.87
C3 NAG H . -22.34 -3.73 19.28
C4 NAG H . -21.80 -3.69 20.73
C5 NAG H . -20.58 -4.60 20.88
C6 NAG H . -20.04 -4.62 22.33
C7 NAG H . -24.08 -6.23 17.05
C8 NAG H . -24.34 -6.34 15.57
N2 NAG H . -23.13 -5.36 17.46
O3 NAG H . -23.47 -2.86 19.19
O4 NAG H . -21.49 -2.34 21.12
O5 NAG H . -20.93 -5.93 20.47
O6 NAG H . -20.91 -5.41 23.15
O7 NAG H . -24.71 -6.93 17.81
C TRS I . 9.10 17.24 -23.00
C1 TRS I . 9.94 16.19 -23.70
C2 TRS I . 7.63 16.95 -23.44
C3 TRS I . 9.44 17.13 -21.49
N TRS I . 9.51 18.62 -23.45
O1 TRS I . 9.33 14.93 -23.58
O2 TRS I . 7.27 17.17 -24.83
O3 TRS I . 10.69 17.71 -20.99
O5 PLQ J . 13.07 24.68 -21.99
C5 PLQ J . 12.02 24.19 -21.41
C6 PLQ J . 11.51 22.89 -21.79
C4 PLQ J . 11.33 24.91 -20.38
C3 PLQ J . 10.21 24.42 -19.82
C2 PLQ J . 9.67 23.15 -20.22
O2 PLQ J . 8.60 22.67 -19.69
C1 PLQ J . 10.36 22.43 -21.27
C1 EDO K . 11.17 21.68 -26.04
O1 EDO K . 10.53 20.74 -25.19
C2 EDO K . 12.51 21.97 -25.51
O2 EDO K . 12.54 21.83 -24.10
C1 EDO L . 6.10 19.57 -22.27
O1 EDO L . 6.57 20.88 -22.03
C2 EDO L . 6.39 18.63 -21.14
O2 EDO L . 6.32 19.19 -19.83
O5 PLQ M . 5.89 29.95 -21.68
C5 PLQ M . 6.47 30.12 -20.55
C6 PLQ M . 7.16 29.04 -19.89
C4 PLQ M . 6.46 31.40 -19.89
C3 PLQ M . 7.13 31.60 -18.74
C2 PLQ M . 7.90 30.54 -18.13
O2 PLQ M . 8.62 30.75 -17.08
C1 PLQ M . 7.84 29.24 -18.74
O5 PLQ N . 21.45 28.26 -22.36
C5 PLQ N . 21.69 29.48 -22.00
C6 PLQ N . 21.65 30.56 -22.96
C4 PLQ N . 22.00 29.82 -20.63
C3 PLQ N . 22.22 31.10 -20.27
C2 PLQ N . 22.23 32.17 -21.23
O2 PLQ N . 22.49 33.37 -20.89
C1 PLQ N . 21.93 31.82 -22.61
O5 PLQ O . -24.66 11.35 -15.38
C5 PLQ O . -23.49 10.90 -15.06
C6 PLQ O . -23.02 9.63 -15.57
C4 PLQ O . -22.61 11.63 -14.18
C3 PLQ O . -21.42 11.12 -13.81
C2 PLQ O . -20.96 9.85 -14.31
O2 PLQ O . -19.83 9.36 -13.92
C1 PLQ O . -21.81 9.15 -15.24
O5 PLQ P . 15.22 13.74 3.11
C5 PLQ P . 14.52 12.88 2.45
C6 PLQ P . 13.90 11.74 3.12
C4 PLQ P . 14.31 13.00 1.03
C3 PLQ P . 13.64 12.06 0.33
C2 PLQ P . 13.06 10.91 1.00
O2 PLQ P . 12.40 10.01 0.34
C1 PLQ P . 13.23 10.81 2.42
O5 PLQ Q . 4.71 -4.63 -14.84
C5 PLQ Q . 4.21 -5.82 -14.84
C6 PLQ Q . 2.93 -6.10 -14.24
C4 PLQ Q . 4.90 -6.93 -15.46
C3 PLQ Q . 4.40 -8.18 -15.42
C2 PLQ Q . 3.16 -8.46 -14.73
O2 PLQ Q . 2.74 -9.67 -14.59
C1 PLQ Q . 2.42 -7.34 -14.20
O5 PLQ R . -9.00 45.13 -9.05
C5 PLQ R . -9.15 44.71 -7.84
C6 PLQ R . -8.83 45.55 -6.71
C4 PLQ R . -9.67 43.39 -7.57
C3 PLQ R . -9.90 42.97 -6.31
C2 PLQ R . -9.67 43.85 -5.19
O2 PLQ R . -9.98 43.49 -3.98
C1 PLQ R . -9.06 45.13 -5.45
O5 PLQ S . 10.85 24.04 -42.30
C5 PLQ S . 10.93 25.14 -41.62
C6 PLQ S . 10.07 26.25 -41.93
C4 PLQ S . 11.87 25.29 -40.55
C3 PLQ S . 11.93 26.42 -39.83
C2 PLQ S . 11.04 27.52 -40.10
O2 PLQ S . 11.08 28.60 -39.39
C1 PLQ S . 10.09 27.36 -41.18
O5 PLQ T . -32.78 25.61 -6.06
C5 PLQ T . -33.61 25.00 -6.84
C6 PLQ T . -34.13 23.70 -6.50
C4 PLQ T . -34.04 25.60 -8.08
C3 PLQ T . -34.98 25.01 -8.84
C2 PLQ T . -35.56 23.74 -8.47
O2 PLQ T . -36.49 23.20 -9.18
C1 PLQ T . -35.04 23.09 -7.29
C1 NAG U . 13.33 44.18 -4.14
C2 NAG U . 13.29 45.57 -4.75
C3 NAG U . 14.00 45.58 -6.09
C4 NAG U . 15.44 45.16 -5.86
C5 NAG U . 15.35 43.77 -5.25
C6 NAG U . 16.60 42.93 -5.10
C7 NAG U . 11.49 47.13 -4.13
C8 NAG U . 12.41 47.85 -3.16
N2 NAG U . 11.92 46.06 -4.83
O3 NAG U . 13.89 46.89 -6.62
O4 NAG U . 16.15 45.14 -7.08
O5 NAG U . 14.72 43.91 -3.96
O6 NAG U . 16.14 41.54 -5.08
O7 NAG U . 10.37 47.56 -4.30
C1 NAG V . 12.88 21.17 -45.12
C2 NAG V . 14.18 21.85 -44.66
C3 NAG V . 15.09 21.99 -45.87
C4 NAG V . 15.61 20.59 -46.12
C5 NAG V . 14.48 19.55 -46.29
C6 NAG V . 15.07 18.20 -45.89
C7 NAG V . 13.48 24.17 -44.38
C8 NAG V . 13.75 25.44 -43.61
N2 NAG V . 14.13 23.12 -43.95
O3 NAG V . 16.17 22.90 -45.63
O4 NAG V . 16.44 20.61 -47.28
O5 NAG V . 13.24 19.83 -45.56
O6 NAG V . 14.28 17.15 -46.48
O7 NAG V . 12.76 24.10 -45.35
C1 NAG W . -10.39 -8.76 -43.02
C2 NAG W . -11.61 -7.85 -42.79
C3 NAG W . -12.77 -8.67 -42.25
C4 NAG W . -13.01 -9.90 -43.19
C5 NAG W . -11.74 -10.68 -43.54
C6 NAG W . -11.98 -11.78 -44.64
C7 NAG W . -11.03 -5.49 -42.23
C8 NAG W . -10.71 -4.47 -41.10
N2 NAG W . -11.34 -6.71 -41.85
O3 NAG W . -13.94 -7.81 -42.34
O4 NAG W . -13.96 -10.75 -42.59
O5 NAG W . -10.79 -9.74 -44.06
O6 NAG W . -12.30 -11.16 -45.91
O7 NAG W . -10.95 -5.15 -43.39
C1 NAG X . 7.72 -7.28 -47.06
C2 NAG X . 8.32 -6.15 -47.89
C3 NAG X . 8.37 -6.61 -49.35
C4 NAG X . 9.27 -7.83 -49.46
C5 NAG X . 8.80 -8.94 -48.54
C6 NAG X . 9.91 -9.96 -48.43
C7 NAG X . 8.13 -3.73 -47.37
C8 NAG X . 7.33 -2.48 -47.61
N2 NAG X . 7.59 -4.88 -47.80
O3 NAG X . 8.84 -5.56 -50.21
O4 NAG X . 9.26 -8.38 -50.78
O5 NAG X . 8.48 -8.50 -47.21
O6 NAG X . 9.31 -10.98 -47.63
O7 NAG X . 9.25 -3.66 -46.86
C1 NAG Y . -13.10 -10.02 -32.17
C2 NAG Y . -12.95 -11.00 -33.35
C3 NAG Y . -14.12 -11.98 -33.41
C4 NAG Y . -14.44 -12.52 -32.02
C5 NAG Y . -14.81 -11.31 -31.13
C6 NAG Y . -15.50 -11.63 -29.81
C7 NAG Y . -11.70 -10.08 -35.31
C8 NAG Y . -11.77 -9.17 -36.52
N2 NAG Y . -12.84 -10.28 -34.63
O3 NAG Y . -13.79 -13.04 -34.31
O4 NAG Y . -15.49 -13.51 -32.09
O5 NAG Y . -13.56 -10.61 -30.94
O6 NAG Y . -14.55 -11.73 -28.74
O7 NAG Y . -10.63 -10.59 -34.98
C1 NAG Z . 0.66 5.80 -45.88
C2 NAG Z . 2.03 6.48 -45.79
C3 NAG Z . 1.95 7.82 -45.05
C4 NAG Z . 0.86 8.68 -45.68
C5 NAG Z . -0.42 7.88 -45.69
C6 NAG Z . -1.61 8.59 -46.27
C7 NAG Z . 4.13 5.20 -45.54
C8 NAG Z . 4.69 5.80 -46.76
N2 NAG Z . 2.92 5.56 -45.16
O3 NAG Z . 3.26 8.38 -45.12
O4 NAG Z . 0.66 9.91 -44.97
O5 NAG Z . -0.23 6.71 -46.48
O6 NAG Z . -1.16 8.98 -47.54
O7 NAG Z . 4.77 4.41 -44.85
C1 NAG AA . -32.75 13.68 -32.66
C2 NAG AA . -33.04 13.86 -34.16
C3 NAG AA . -33.36 15.33 -34.47
C4 NAG AA . -34.39 15.88 -33.44
C5 NAG AA . -34.05 15.58 -31.97
C6 NAG AA . -35.25 15.96 -31.08
C7 NAG AA . -32.14 12.19 -35.71
C8 NAG AA . -30.94 11.77 -36.55
N2 NAG AA . -31.98 13.27 -34.98
O3 NAG AA . -33.76 15.48 -35.87
O4 NAG AA . -34.55 17.27 -33.60
O5 NAG AA . -33.78 14.18 -31.82
O6 NAG AA . -36.28 14.95 -31.20
O7 NAG AA . -33.20 11.56 -35.75
C1 NAG BA . -4.82 7.30 5.45
C2 NAG BA . -5.78 6.13 5.26
C3 NAG BA . -5.02 4.84 4.89
C4 NAG BA . -4.13 5.07 3.66
C5 NAG BA . -3.16 6.19 4.02
C6 NAG BA . -2.16 6.61 2.92
C7 NAG BA . -7.84 5.82 6.63
C8 NAG BA . -8.65 5.93 5.39
N2 NAG BA . -6.53 5.94 6.51
O3 NAG BA . -5.97 3.82 4.56
O4 NAG BA . -3.48 3.82 3.32
O5 NAG BA . -3.93 7.34 4.31
O6 NAG BA . -2.82 6.69 1.67
O7 NAG BA . -8.35 5.59 7.73
C1 NAG CA . -33.72 31.65 2.23
C2 NAG CA . -34.78 30.76 2.87
C3 NAG CA . -34.67 30.72 4.38
C4 NAG CA . -33.24 30.41 4.78
C5 NAG CA . -32.30 31.48 4.16
C6 NAG CA . -30.84 31.27 4.55
C7 NAG CA . -36.99 30.33 2.09
C8 NAG CA . -38.31 30.89 1.59
N2 NAG CA . -36.10 31.21 2.51
O3 NAG CA . -35.61 29.71 4.78
O4 NAG CA . -33.09 30.45 6.20
O5 NAG CA . -32.44 31.32 2.76
O6 NAG CA . -30.43 29.95 4.07
O7 NAG CA . -36.73 29.14 2.07
C1 NAG DA . -35.57 28.55 -20.38
C2 NAG DA . -35.15 29.05 -21.75
C3 NAG DA . -35.79 28.11 -22.74
C4 NAG DA . -34.95 26.83 -22.65
C5 NAG DA . -34.91 26.26 -21.20
C6 NAG DA . -33.57 25.56 -20.92
C7 NAG DA . -34.65 31.34 -22.56
C8 NAG DA . -33.26 30.95 -23.00
N2 NAG DA . -35.48 30.47 -21.98
O3 NAG DA . -35.74 28.67 -24.05
O4 NAG DA . -35.45 25.84 -23.57
O5 NAG DA . -35.09 27.21 -20.12
O6 NAG DA . -33.88 24.19 -20.85
O7 NAG DA . -35.02 32.48 -22.75
C1 NAG EA . -18.08 32.58 -21.13
C2 NAG EA . -18.13 34.12 -21.35
C3 NAG EA . -17.84 34.50 -22.81
C4 NAG EA . -16.54 33.89 -23.34
C5 NAG EA . -16.58 32.37 -23.14
C6 NAG EA . -15.28 31.68 -23.57
C7 NAG EA . -19.62 35.46 -19.86
C8 NAG EA . -20.97 36.12 -19.75
N2 NAG EA . -19.40 34.75 -20.99
O3 NAG EA . -17.75 35.93 -22.92
O4 NAG EA . -16.42 34.26 -24.72
O5 NAG EA . -16.89 32.00 -21.78
O6 NAG EA . -15.65 30.41 -24.09
O7 NAG EA . -18.79 35.58 -18.97
C1 NAG FA . -2.84 41.56 -11.36
C2 NAG FA . -3.01 42.82 -10.48
C3 NAG FA . -2.70 44.07 -11.30
C4 NAG FA . -1.29 44.00 -11.92
C5 NAG FA . -0.87 42.61 -12.40
C6 NAG FA . 0.64 42.52 -12.17
C7 NAG FA . -4.76 43.05 -8.68
C8 NAG FA . -3.79 42.88 -7.55
N2 NAG FA . -4.36 43.00 -9.95
O3 NAG FA . -2.77 45.21 -10.43
O4 NAG FA . -1.21 44.88 -13.07
O5 NAG FA . -1.46 41.48 -11.70
O6 NAG FA . 0.95 41.59 -13.16
O7 NAG FA . -5.98 43.21 -8.46
C1 NAG GA . -5.98 37.46 9.62
C2 NAG GA . -7.00 38.18 10.51
C3 NAG GA . -7.04 39.69 10.17
C4 NAG GA . -5.62 40.23 10.18
C5 NAG GA . -4.76 39.50 9.15
C6 NAG GA . -3.33 40.05 9.23
C7 NAG GA . -9.09 37.38 9.30
C8 NAG GA . -8.89 38.18 8.06
N2 NAG GA . -8.28 37.46 10.38
O3 NAG GA . -7.91 40.31 11.10
O4 NAG GA . -5.60 41.62 9.86
O5 NAG GA . -4.70 38.12 9.47
O6 NAG GA . -2.72 39.51 10.41
O7 NAG GA . -10.00 36.58 9.27
C1 NAG HA . 15.40 24.47 3.73
C2 NAG HA . 15.61 25.85 4.42
C3 NAG HA . 16.67 26.61 3.63
C4 NAG HA . 17.94 25.80 3.50
C5 NAG HA . 17.59 24.47 2.79
C6 NAG HA . 18.81 23.62 2.56
C7 NAG HA . 13.44 26.55 5.29
C8 NAG HA . 12.07 27.14 5.04
N2 NAG HA . 14.35 26.52 4.29
O3 NAG HA . 16.95 27.90 4.20
O4 NAG HA . 18.86 26.56 2.69
O5 NAG HA . 16.63 23.78 3.60
O6 NAG HA . 19.46 23.27 3.79
O7 NAG HA . 13.73 26.08 6.38
C TRS IA . 15.46 -19.22 17.39
C1 TRS IA . 16.59 -18.25 17.65
C2 TRS IA . 15.09 -19.16 15.89
C3 TRS IA . 14.32 -18.83 18.36
N TRS IA . 15.91 -20.61 17.72
O1 TRS IA . 16.06 -16.94 17.85
O2 TRS IA . 15.98 -19.83 14.94
O3 TRS IA . 14.67 -18.73 19.77
O5 PLQ JA . 17.94 -26.84 15.61
C5 PLQ JA . 16.81 -26.22 15.44
C6 PLQ JA . 15.73 -26.84 14.71
C4 PLQ JA . 16.59 -24.90 15.97
C3 PLQ JA . 15.39 -24.31 15.89
C2 PLQ JA . 14.29 -24.94 15.19
O2 PLQ JA . 13.14 -24.37 15.09
C1 PLQ JA . 14.53 -26.24 14.60
C1 EDO KA . 17.66 -23.34 18.62
O1 EDO KA . 18.69 -23.97 17.90
C2 EDO KA . 17.81 -23.47 20.09
O2 EDO KA . 17.31 -24.69 20.60
C1 EDO LA . 12.20 -21.33 18.04
O1 EDO LA . 12.15 -19.98 18.46
C2 EDO LA . 11.79 -21.56 16.64
O2 EDO LA . 11.39 -20.39 15.96
O5 PLQ MA . 10.62 -32.18 12.82
C5 PLQ MA . 10.47 -31.80 14.04
C6 PLQ MA . 9.86 -32.66 15.03
C4 PLQ MA . 10.89 -30.48 14.47
C3 PLQ MA . 10.85 -30.13 15.76
C2 PLQ MA . 10.36 -31.04 16.77
O2 PLQ MA . 10.42 -30.74 18.03
C1 PLQ MA . 9.81 -32.30 16.32
O5 PLQ NA . 24.69 -31.72 11.96
C5 PLQ NA . 24.64 -32.99 11.70
C6 PLQ NA . 24.31 -33.48 10.39
C4 PLQ NA . 24.92 -33.97 12.73
C3 PLQ NA . 24.79 -35.29 12.48
C2 PLQ NA . 24.40 -35.77 11.19
O2 PLQ NA . 24.28 -37.03 10.94
C1 PLQ NA . 24.14 -34.79 10.15
O5 PLQ OA . 10.47 -15.76 -8.65
C5 PLQ OA . 10.25 -14.81 -7.81
C6 PLQ OA . 10.67 -14.88 -6.44
C4 PLQ OA . 9.55 -13.61 -8.23
C3 PLQ OA . 9.40 -12.57 -7.38
C2 PLQ OA . 9.83 -12.65 -6.02
O2 PLQ OA . 9.62 -11.68 -5.18
C1 PLQ OA . 10.50 -13.85 -5.59
O5 PLQ PA . 9.96 8.76 12.15
C5 PLQ PA . 10.25 7.52 12.02
C6 PLQ PA . 11.63 7.08 11.98
C4 PLQ PA . 9.23 6.50 11.89
C3 PLQ PA . 9.54 5.23 11.63
C2 PLQ PA . 10.92 4.80 11.50
O2 PLQ PA . 11.22 3.58 11.19
C1 PLQ PA . 11.95 5.80 11.72
O5 PLQ QA . -12.94 -6.86 20.90
C5 PLQ QA . -13.79 -7.13 21.84
C6 PLQ QA . -13.96 -6.26 22.98
C4 PLQ QA . -14.63 -8.31 21.78
C3 PLQ QA . -15.58 -8.53 22.70
C2 PLQ QA . -15.80 -7.60 23.79
O2 PLQ QA . -16.78 -7.77 24.62
C1 PLQ QA . -14.91 -6.47 23.90
O5 PLQ RA . 24.22 -26.60 34.41
C5 PLQ RA . 23.80 -27.68 33.86
C6 PLQ RA . 24.05 -27.95 32.46
C4 PLQ RA . 23.06 -28.67 34.60
C3 PLQ RA . 22.66 -29.83 34.04
C2 PLQ RA . 22.99 -30.14 32.66
O2 PLQ RA . 22.65 -31.26 32.13
C1 PLQ RA . 23.71 -29.14 31.91
C1 NAG SA . 7.01 -45.75 -0.40
C2 NAG SA . 6.95 -47.05 0.37
C3 NAG SA . 8.26 -47.32 1.11
C4 NAG SA . 9.47 -47.04 0.26
C5 NAG SA . 9.35 -45.64 -0.33
C6 NAG SA . 10.55 -45.11 -1.10
C7 NAG SA . 4.72 -47.75 1.13
C8 NAG SA . 3.63 -47.58 2.17
N2 NAG SA . 5.82 -47.00 1.28
O3 NAG SA . 8.31 -48.70 1.46
O4 NAG SA . 10.61 -47.11 1.12
O5 NAG SA . 8.21 -45.64 -1.18
O6 NAG SA . 10.46 -43.67 -1.05
O7 NAG SA . 4.59 -48.55 0.22
C1 NAG TA . 27.48 -24.23 36.26
C2 NAG TA . 28.09 -25.49 35.62
C3 NAG TA . 29.54 -25.66 36.07
C4 NAG TA . 30.33 -24.40 35.76
C5 NAG TA . 29.70 -23.13 36.33
C6 NAG TA . 30.35 -21.94 35.63
C7 NAG TA . 27.09 -27.76 35.32
C8 NAG TA . 26.24 -28.80 36.01
N2 NAG TA . 27.33 -26.65 36.05
O3 NAG TA . 30.18 -26.81 35.45
O4 NAG TA . 31.61 -24.55 36.37
O5 NAG TA . 28.27 -23.02 36.16
O6 NAG TA . 29.93 -20.80 36.38
O7 NAG TA . 27.52 -27.92 34.18
C1 NAG UA . 27.56 5.53 39.27
C2 NAG UA . 28.51 4.48 39.76
C3 NAG UA . 29.10 4.91 41.09
C4 NAG UA . 30.04 6.07 40.76
C5 NAG UA . 29.36 7.18 39.95
C6 NAG UA . 30.48 7.90 39.19
C7 NAG UA . 28.34 2.08 39.44
C8 NAG UA . 29.73 2.02 38.84
N2 NAG UA . 27.83 3.22 39.85
O3 NAG UA . 29.78 3.79 41.66
O4 NAG UA . 30.57 6.65 41.96
O5 NAG UA . 28.30 6.75 39.03
O6 NAG UA . 29.98 9.02 38.46
O7 NAG UA . 27.68 1.08 39.57
C1 NAG VA . 3.48 10.71 34.41
C2 NAG VA . 4.53 11.69 34.93
C3 NAG VA . 3.89 13.03 35.23
C4 NAG VA . 3.12 13.52 33.99
C5 NAG VA . 2.06 12.53 33.50
C6 NAG VA . 1.63 12.89 32.08
C7 NAG VA . 6.52 10.76 36.13
C8 NAG VA . 7.01 10.03 37.37
N2 NAG VA . 5.21 11.10 36.10
O3 NAG VA . 4.96 13.92 35.56
O4 NAG VA . 2.44 14.75 34.26
O5 NAG VA . 2.53 11.18 33.43
O6 NAG VA . 0.31 12.41 31.92
O7 NAG VA . 7.27 11.00 35.20
C1 NAG WA . 19.16 -7.25 41.53
C2 NAG WA . 20.23 -8.09 40.86
C3 NAG WA . 19.63 -9.36 40.29
C4 NAG WA . 18.85 -10.11 41.36
C5 NAG WA . 17.77 -9.18 41.86
C6 NAG WA . 16.79 -9.73 42.91
C7 NAG WA . 22.17 -7.30 39.72
C8 NAG WA . 22.81 -6.37 38.72
N2 NAG WA . 20.86 -7.25 39.86
O3 NAG WA . 20.62 -10.25 39.77
O4 NAG WA . 18.34 -11.35 40.77
O5 NAG WA . 18.42 -8.04 42.42
O6 NAG WA . 17.45 -10.75 43.69
O7 NAG WA . 22.81 -8.10 40.37
C1 NAG XA . -17.11 -11.08 43.81
C2 NAG XA . -16.92 -11.46 45.26
C3 NAG XA . -17.04 -12.98 45.44
C4 NAG XA . -18.30 -13.52 44.79
C5 NAG XA . -18.53 -13.00 43.34
C6 NAG XA . -20.02 -13.21 42.98
C7 NAG XA . -15.64 -9.77 46.48
C8 NAG XA . -14.29 -9.28 46.87
N2 NAG XA . -15.67 -10.94 45.81
O3 NAG XA . -17.12 -13.24 46.85
O4 NAG XA . -18.26 -14.94 44.84
O5 NAG XA . -18.26 -11.61 43.22
O6 NAG XA . -20.86 -12.08 43.49
O7 NAG XA . -16.65 -9.13 46.76
C1 NAG YA . -7.61 -6.32 -2.60
C2 NAG YA . -8.28 -5.01 -2.14
C3 NAG YA . -7.27 -3.84 -2.14
C4 NAG YA . -5.95 -4.23 -1.43
C5 NAG YA . -5.39 -5.53 -2.07
C6 NAG YA . -4.10 -6.19 -1.51
C7 NAG YA . -10.63 -4.32 -2.35
C8 NAG YA . -11.77 -4.05 -3.31
N2 NAG YA . -9.50 -4.76 -2.92
O3 NAG YA . -7.91 -2.75 -1.43
O4 NAG YA . -5.00 -3.13 -1.43
O5 NAG YA . -6.37 -6.53 -1.92
O6 NAG YA . -4.13 -6.19 -0.09
O7 NAG YA . -10.74 -4.11 -1.14
C1 NAG ZA . -35.74 -26.12 13.09
C2 NAG ZA . -36.84 -25.07 12.99
C3 NAG ZA . -37.36 -25.04 11.57
C4 NAG ZA . -36.26 -24.87 10.52
C5 NAG ZA . -35.00 -25.70 10.81
C6 NAG ZA . -33.79 -25.10 10.05
C7 NAG ZA . -38.35 -24.36 14.82
C8 NAG ZA . -39.48 -24.74 15.75
N2 NAG ZA . -37.92 -25.30 13.96
O3 NAG ZA . -38.20 -23.91 11.43
O4 NAG ZA . -36.78 -25.27 9.26
O5 NAG ZA . -34.73 -25.68 12.21
O6 NAG ZA . -33.39 -23.81 10.60
O7 NAG ZA . -37.87 -23.23 14.84
C1 NAG AB . -11.98 -30.45 27.59
C2 NAG AB . -12.24 -31.96 27.89
C3 NAG AB . -11.49 -32.43 29.14
C4 NAG AB . -10.03 -31.96 29.21
C5 NAG AB . -9.83 -30.46 28.91
C6 NAG AB . -8.35 -30.13 28.66
C7 NAG AB . -14.42 -33.05 27.25
C8 NAG AB . -15.85 -33.33 27.68
N2 NAG AB . -13.66 -32.32 28.11
O3 NAG AB . -11.57 -33.86 29.10
O4 NAG AB . -9.49 -32.21 30.53
O5 NAG AB . -10.57 -30.05 27.75
O6 NAG AB . -8.02 -28.90 29.30
O7 NAG AB . -14.00 -33.50 26.21
C1 NAG BB . -3.84 -40.93 13.28
C2 NAG BB . -4.71 -42.19 13.00
C3 NAG BB . -4.08 -43.44 13.66
C4 NAG BB . -2.61 -43.60 13.26
C5 NAG BB . -1.86 -42.27 13.57
C6 NAG BB . -0.38 -42.32 13.23
C7 NAG BB . -7.13 -42.18 12.77
C8 NAG BB . -8.42 -42.12 13.51
N2 NAG BB . -6.04 -42.06 13.54
O3 NAG BB . -4.82 -44.55 13.20
O4 NAG BB . -2.00 -44.67 13.99
O5 NAG BB . -2.52 -41.23 12.76
O6 NAG BB . -0.33 -42.47 11.80
O7 NAG BB . -7.10 -42.36 11.55
C1 NAG CB . 8.84 -26.21 -9.12
C2 NAG CB . 8.57 -27.61 -9.74
C3 NAG CB . 9.73 -28.55 -9.51
C4 NAG CB . 11.00 -27.93 -10.00
C5 NAG CB . 11.18 -26.57 -9.23
C6 NAG CB . 12.51 -25.95 -9.54
C7 NAG CB . 6.20 -28.07 -9.73
C8 NAG CB . 4.94 -28.52 -9.02
N2 NAG CB . 7.38 -28.16 -9.11
O3 NAG CB . 9.41 -29.75 -10.23
O4 NAG CB . 12.05 -28.82 -9.62
O5 NAG CB . 10.10 -25.72 -9.58
O6 NAG CB . 12.57 -25.59 -10.90
O7 NAG CB . 6.14 -27.62 -10.85
#